data_7KFS
# 
_entry.id   7KFS 
# 
_audit_conform.dict_name       mmcif_pdbx.dic 
_audit_conform.dict_version    5.380 
_audit_conform.dict_location   http://mmcif.pdb.org/dictionaries/ascii/mmcif_pdbx.dic 
# 
loop_
_database_2.database_id 
_database_2.database_code 
_database_2.pdbx_database_accession 
_database_2.pdbx_DOI 
PDB   7KFS         pdb_00007kfs 10.2210/pdb7kfs/pdb 
WWPDB D_1000252410 ?            ?                   
# 
_pdbx_database_status.status_code                     REL 
_pdbx_database_status.status_code_sf                  REL 
_pdbx_database_status.status_code_mr                  ? 
_pdbx_database_status.entry_id                        7KFS 
_pdbx_database_status.recvd_initial_deposition_date   2020-10-14 
_pdbx_database_status.SG_entry                        N 
_pdbx_database_status.deposit_site                    RCSB 
_pdbx_database_status.process_site                    RCSB 
_pdbx_database_status.status_code_cs                  ? 
_pdbx_database_status.status_code_nmr_data            ? 
_pdbx_database_status.methods_development_category    ? 
_pdbx_database_status.pdb_format_compatible           Y 
# 
loop_
_audit_author.name 
_audit_author.pdbx_ordinal 
_audit_author.identifier_ORCID 
'Walton, W.G.'  1 0000-0001-6745-534X 
'Redinbo, M.R.' 2 0000-0003-0814-5346 
'Dangl, J.L.'   3 0000-0003-3199-8654 
# 
_citation.abstract                  ? 
_citation.abstract_id_CAS           ? 
_citation.book_id_ISBN              ? 
_citation.book_publisher            ? 
_citation.book_publisher_city       ? 
_citation.book_title                ? 
_citation.coordinate_linkage        ? 
_citation.country                   UK 
_citation.database_id_Medline       ? 
_citation.details                   ? 
_citation.id                        primary 
_citation.journal_abbrev            'Nat Microbiol' 
_citation.journal_id_ASTM           ? 
_citation.journal_id_CSD            ? 
_citation.journal_id_ISSN           2058-5276 
_citation.journal_full              ? 
_citation.journal_issue             ? 
_citation.journal_volume            7 
_citation.language                  ? 
_citation.page_first                1817 
_citation.page_last                 1833 
_citation.title                     'Diverse MarR bacterial regulators of auxin catabolism in the plant microbiome.' 
_citation.year                      2022 
_citation.database_id_CSD           ? 
_citation.pdbx_database_id_DOI      10.1038/s41564-022-01244-3 
_citation.pdbx_database_id_PubMed   36266335 
_citation.unpublished_flag          ? 
# 
loop_
_citation_author.citation_id 
_citation_author.name 
_citation_author.ordinal 
_citation_author.identifier_ORCID 
primary 'Conway, J.M.'       1  0000-0002-2715-2149 
primary 'Walton, W.G.'       2  ?                   
primary 'Salas-Gonzalez, I.' 3  0000-0002-0347-5058 
primary 'Law, T.F.'          4  ?                   
primary 'Lindberg, C.A.'     5  ?                   
primary 'Crook, L.E.'        6  ?                   
primary 'Kosina, S.M.'       7  0000-0003-2885-1248 
primary 'Fitzpatrick, C.R.'  8  ?                   
primary 'Lietzan, A.D.'      9  0000-0001-6388-2491 
primary 'Northen, T.R.'      10 0000-0001-8404-3259 
primary 'Jones, C.D.'        11 ?                   
primary 'Finkel, O.M.'       12 0000-0003-4770-0402 
primary 'Redinbo, M.R.'      13 0000-0003-0814-5346 
primary 'Dangl, J.L.'        14 0000-0003-3199-8654 
# 
_cell.angle_alpha                  90.000 
_cell.angle_alpha_esd              ? 
_cell.angle_beta                   90.000 
_cell.angle_beta_esd               ? 
_cell.angle_gamma                  90.000 
_cell.angle_gamma_esd              ? 
_cell.entry_id                     7KFS 
_cell.details                      ? 
_cell.formula_units_Z              ? 
_cell.length_a                     54.943 
_cell.length_a_esd                 ? 
_cell.length_b                     112.941 
_cell.length_b_esd                 ? 
_cell.length_c                     115.786 
_cell.length_c_esd                 ? 
_cell.volume                       718488.876 
_cell.volume_esd                   ? 
_cell.Z_PDB                        16 
_cell.reciprocal_angle_alpha       ? 
_cell.reciprocal_angle_beta        ? 
_cell.reciprocal_angle_gamma       ? 
_cell.reciprocal_angle_alpha_esd   ? 
_cell.reciprocal_angle_beta_esd    ? 
_cell.reciprocal_angle_gamma_esd   ? 
_cell.reciprocal_length_a          ? 
_cell.reciprocal_length_b          ? 
_cell.reciprocal_length_c          ? 
_cell.reciprocal_length_a_esd      ? 
_cell.reciprocal_length_b_esd      ? 
_cell.reciprocal_length_c_esd      ? 
_cell.pdbx_unique_axis             ? 
# 
_symmetry.entry_id                         7KFS 
_symmetry.cell_setting                     ? 
_symmetry.Int_Tables_number                22 
_symmetry.space_group_name_Hall            'F 2 2' 
_symmetry.space_group_name_H-M             'F 2 2 2' 
_symmetry.pdbx_full_space_group_name_H-M   ? 
# 
loop_
_entity.id 
_entity.type 
_entity.src_method 
_entity.pdbx_description 
_entity.formula_weight 
_entity.pdbx_number_of_molecules 
_entity.pdbx_ec 
_entity.pdbx_mutation 
_entity.pdbx_fragment 
_entity.details 
1 polymer     man 'Transcriptional regulator, MarR family' 20969.717 1   ? ? ? ? 
2 non-polymer syn 'BENZOIC ACID'                           122.121   1   ? ? ? ? 
3 non-polymer syn 'SULFATE ION'                            96.063    2   ? ? ? ? 
4 water       nat water                                    18.015    123 ? ? ? ? 
# 
_entity_poly.entity_id                      1 
_entity_poly.type                           'polypeptide(L)' 
_entity_poly.nstd_linkage                   no 
_entity_poly.nstd_monomer                   no 
_entity_poly.pdbx_seq_one_letter_code       
;MHHHHHHSSGVDLGTENLYFQSNAMAEQPPETHRFVDDYLPALLAQASQLISSEFHEVARQHGFSVSEWRVMASLAGSEP
ISIGQLAQVTVTKQPTVTRLLDRMEARGQVERLPHESDRRITLVRITRKGLKAVEHLMELAREHERRVLEPFGLRRAEEL
KQTLRQMIDLHVHVPVEEPEED
;
_entity_poly.pdbx_seq_one_letter_code_can   
;MHHHHHHSSGVDLGTENLYFQSNAMAEQPPETHRFVDDYLPALLAQASQLISSEFHEVARQHGFSVSEWRVMASLAGSEP
ISIGQLAQVTVTKQPTVTRLLDRMEARGQVERLPHESDRRITLVRITRKGLKAVEHLMELAREHERRVLEPFGLRRAEEL
KQTLRQMIDLHVHVPVEEPEED
;
_entity_poly.pdbx_strand_id                 A 
_entity_poly.pdbx_target_identifier         ? 
# 
loop_
_entity_poly_seq.entity_id 
_entity_poly_seq.num 
_entity_poly_seq.mon_id 
_entity_poly_seq.hetero 
1 1   MET n 
1 2   HIS n 
1 3   HIS n 
1 4   HIS n 
1 5   HIS n 
1 6   HIS n 
1 7   HIS n 
1 8   SER n 
1 9   SER n 
1 10  GLY n 
1 11  VAL n 
1 12  ASP n 
1 13  LEU n 
1 14  GLY n 
1 15  THR n 
1 16  GLU n 
1 17  ASN n 
1 18  LEU n 
1 19  TYR n 
1 20  PHE n 
1 21  GLN n 
1 22  SER n 
1 23  ASN n 
1 24  ALA n 
1 25  MET n 
1 26  ALA n 
1 27  GLU n 
1 28  GLN n 
1 29  PRO n 
1 30  PRO n 
1 31  GLU n 
1 32  THR n 
1 33  HIS n 
1 34  ARG n 
1 35  PHE n 
1 36  VAL n 
1 37  ASP n 
1 38  ASP n 
1 39  TYR n 
1 40  LEU n 
1 41  PRO n 
1 42  ALA n 
1 43  LEU n 
1 44  LEU n 
1 45  ALA n 
1 46  GLN n 
1 47  ALA n 
1 48  SER n 
1 49  GLN n 
1 50  LEU n 
1 51  ILE n 
1 52  SER n 
1 53  SER n 
1 54  GLU n 
1 55  PHE n 
1 56  HIS n 
1 57  GLU n 
1 58  VAL n 
1 59  ALA n 
1 60  ARG n 
1 61  GLN n 
1 62  HIS n 
1 63  GLY n 
1 64  PHE n 
1 65  SER n 
1 66  VAL n 
1 67  SER n 
1 68  GLU n 
1 69  TRP n 
1 70  ARG n 
1 71  VAL n 
1 72  MET n 
1 73  ALA n 
1 74  SER n 
1 75  LEU n 
1 76  ALA n 
1 77  GLY n 
1 78  SER n 
1 79  GLU n 
1 80  PRO n 
1 81  ILE n 
1 82  SER n 
1 83  ILE n 
1 84  GLY n 
1 85  GLN n 
1 86  LEU n 
1 87  ALA n 
1 88  GLN n 
1 89  VAL n 
1 90  THR n 
1 91  VAL n 
1 92  THR n 
1 93  LYS n 
1 94  GLN n 
1 95  PRO n 
1 96  THR n 
1 97  VAL n 
1 98  THR n 
1 99  ARG n 
1 100 LEU n 
1 101 LEU n 
1 102 ASP n 
1 103 ARG n 
1 104 MET n 
1 105 GLU n 
1 106 ALA n 
1 107 ARG n 
1 108 GLY n 
1 109 GLN n 
1 110 VAL n 
1 111 GLU n 
1 112 ARG n 
1 113 LEU n 
1 114 PRO n 
1 115 HIS n 
1 116 GLU n 
1 117 SER n 
1 118 ASP n 
1 119 ARG n 
1 120 ARG n 
1 121 ILE n 
1 122 THR n 
1 123 LEU n 
1 124 VAL n 
1 125 ARG n 
1 126 ILE n 
1 127 THR n 
1 128 ARG n 
1 129 LYS n 
1 130 GLY n 
1 131 LEU n 
1 132 LYS n 
1 133 ALA n 
1 134 VAL n 
1 135 GLU n 
1 136 HIS n 
1 137 LEU n 
1 138 MET n 
1 139 GLU n 
1 140 LEU n 
1 141 ALA n 
1 142 ARG n 
1 143 GLU n 
1 144 HIS n 
1 145 GLU n 
1 146 ARG n 
1 147 ARG n 
1 148 VAL n 
1 149 LEU n 
1 150 GLU n 
1 151 PRO n 
1 152 PHE n 
1 153 GLY n 
1 154 LEU n 
1 155 ARG n 
1 156 ARG n 
1 157 ALA n 
1 158 GLU n 
1 159 GLU n 
1 160 LEU n 
1 161 LYS n 
1 162 GLN n 
1 163 THR n 
1 164 LEU n 
1 165 ARG n 
1 166 GLN n 
1 167 MET n 
1 168 ILE n 
1 169 ASP n 
1 170 LEU n 
1 171 HIS n 
1 172 VAL n 
1 173 HIS n 
1 174 VAL n 
1 175 PRO n 
1 176 VAL n 
1 177 GLU n 
1 178 GLU n 
1 179 PRO n 
1 180 GLU n 
1 181 GLU n 
1 182 ASP n 
# 
_entity_src_gen.entity_id                          1 
_entity_src_gen.pdbx_src_id                        1 
_entity_src_gen.pdbx_alt_source_flag               sample 
_entity_src_gen.pdbx_seq_type                      'Biological sequence' 
_entity_src_gen.pdbx_beg_seq_num                   1 
_entity_src_gen.pdbx_end_seq_num                   182 
_entity_src_gen.gene_src_common_name               ? 
_entity_src_gen.gene_src_genus                     ? 
_entity_src_gen.pdbx_gene_src_gene                 Vapar_1489 
_entity_src_gen.gene_src_species                   ? 
_entity_src_gen.gene_src_strain                    ? 
_entity_src_gen.gene_src_tissue                    ? 
_entity_src_gen.gene_src_tissue_fraction           ? 
_entity_src_gen.gene_src_details                   ? 
_entity_src_gen.pdbx_gene_src_fragment             ? 
_entity_src_gen.pdbx_gene_src_scientific_name      'Variovorax paradoxus' 
_entity_src_gen.pdbx_gene_src_ncbi_taxonomy_id     34073 
_entity_src_gen.pdbx_gene_src_variant              ? 
_entity_src_gen.pdbx_gene_src_cell_line            ? 
_entity_src_gen.pdbx_gene_src_atcc                 ? 
_entity_src_gen.pdbx_gene_src_organ                ? 
_entity_src_gen.pdbx_gene_src_organelle            ? 
_entity_src_gen.pdbx_gene_src_cell                 ? 
_entity_src_gen.pdbx_gene_src_cellular_location    ? 
_entity_src_gen.host_org_common_name               ? 
_entity_src_gen.pdbx_host_org_scientific_name      'Escherichia coli' 
_entity_src_gen.pdbx_host_org_ncbi_taxonomy_id     562 
_entity_src_gen.host_org_genus                     ? 
_entity_src_gen.pdbx_host_org_gene                 ? 
_entity_src_gen.pdbx_host_org_organ                ? 
_entity_src_gen.host_org_species                   ? 
_entity_src_gen.pdbx_host_org_tissue               ? 
_entity_src_gen.pdbx_host_org_tissue_fraction      ? 
_entity_src_gen.pdbx_host_org_strain               ? 
_entity_src_gen.pdbx_host_org_variant              ? 
_entity_src_gen.pdbx_host_org_cell_line            ? 
_entity_src_gen.pdbx_host_org_atcc                 ? 
_entity_src_gen.pdbx_host_org_culture_collection   ? 
_entity_src_gen.pdbx_host_org_cell                 ? 
_entity_src_gen.pdbx_host_org_organelle            ? 
_entity_src_gen.pdbx_host_org_cellular_location    ? 
_entity_src_gen.pdbx_host_org_vector_type          ? 
_entity_src_gen.pdbx_host_org_vector               ? 
_entity_src_gen.host_org_details                   ? 
_entity_src_gen.expression_system_id               ? 
_entity_src_gen.plasmid_name                       ? 
_entity_src_gen.plasmid_details                    ? 
_entity_src_gen.pdbx_description                   ? 
# 
_struct_ref.id                         1 
_struct_ref.db_name                    UNP 
_struct_ref.db_code                    C5CSP2_VARPS 
_struct_ref.pdbx_db_accession          C5CSP2 
_struct_ref.pdbx_db_isoform            ? 
_struct_ref.entity_id                  1 
_struct_ref.pdbx_seq_one_letter_code   
;MAEQPPETHRFVDDYLPALLAQASQLISSEFHEVARQHGFSVSEWRVMASLAGSEPISIGQLAQVTVTKQPTVTRLLDRM
EARGQVERLPHESDRRITLVRITRKGLKAVEHLMELAREHERRVLEPFGLRRAEELKQTLRQMIDLHVHVPVEEPEED
;
_struct_ref.pdbx_align_begin           1 
# 
_struct_ref_seq.align_id                      1 
_struct_ref_seq.ref_id                        1 
_struct_ref_seq.pdbx_PDB_id_code              7KFS 
_struct_ref_seq.pdbx_strand_id                A 
_struct_ref_seq.seq_align_beg                 25 
_struct_ref_seq.pdbx_seq_align_beg_ins_code   ? 
_struct_ref_seq.seq_align_end                 182 
_struct_ref_seq.pdbx_seq_align_end_ins_code   ? 
_struct_ref_seq.pdbx_db_accession             C5CSP2 
_struct_ref_seq.db_align_beg                  1 
_struct_ref_seq.pdbx_db_align_beg_ins_code    ? 
_struct_ref_seq.db_align_end                  158 
_struct_ref_seq.pdbx_db_align_end_ins_code    ? 
_struct_ref_seq.pdbx_auth_seq_align_beg       1 
_struct_ref_seq.pdbx_auth_seq_align_end       158 
# 
loop_
_struct_ref_seq_dif.align_id 
_struct_ref_seq_dif.pdbx_pdb_id_code 
_struct_ref_seq_dif.mon_id 
_struct_ref_seq_dif.pdbx_pdb_strand_id 
_struct_ref_seq_dif.seq_num 
_struct_ref_seq_dif.pdbx_pdb_ins_code 
_struct_ref_seq_dif.pdbx_seq_db_name 
_struct_ref_seq_dif.pdbx_seq_db_accession_code 
_struct_ref_seq_dif.db_mon_id 
_struct_ref_seq_dif.pdbx_seq_db_seq_num 
_struct_ref_seq_dif.details 
_struct_ref_seq_dif.pdbx_auth_seq_num 
_struct_ref_seq_dif.pdbx_ordinal 
1 7KFS MET A 1  ? UNP C5CSP2 ? ? 'initiating methionine' -23 1  
1 7KFS HIS A 2  ? UNP C5CSP2 ? ? 'expression tag'        -22 2  
1 7KFS HIS A 3  ? UNP C5CSP2 ? ? 'expression tag'        -21 3  
1 7KFS HIS A 4  ? UNP C5CSP2 ? ? 'expression tag'        -20 4  
1 7KFS HIS A 5  ? UNP C5CSP2 ? ? 'expression tag'        -19 5  
1 7KFS HIS A 6  ? UNP C5CSP2 ? ? 'expression tag'        -18 6  
1 7KFS HIS A 7  ? UNP C5CSP2 ? ? 'expression tag'        -17 7  
1 7KFS SER A 8  ? UNP C5CSP2 ? ? 'expression tag'        -16 8  
1 7KFS SER A 9  ? UNP C5CSP2 ? ? 'expression tag'        -15 9  
1 7KFS GLY A 10 ? UNP C5CSP2 ? ? 'expression tag'        -14 10 
1 7KFS VAL A 11 ? UNP C5CSP2 ? ? 'expression tag'        -13 11 
1 7KFS ASP A 12 ? UNP C5CSP2 ? ? 'expression tag'        -12 12 
1 7KFS LEU A 13 ? UNP C5CSP2 ? ? 'expression tag'        -11 13 
1 7KFS GLY A 14 ? UNP C5CSP2 ? ? 'expression tag'        -10 14 
1 7KFS THR A 15 ? UNP C5CSP2 ? ? 'expression tag'        -9  15 
1 7KFS GLU A 16 ? UNP C5CSP2 ? ? 'expression tag'        -8  16 
1 7KFS ASN A 17 ? UNP C5CSP2 ? ? 'expression tag'        -7  17 
1 7KFS LEU A 18 ? UNP C5CSP2 ? ? 'expression tag'        -6  18 
1 7KFS TYR A 19 ? UNP C5CSP2 ? ? 'expression tag'        -5  19 
1 7KFS PHE A 20 ? UNP C5CSP2 ? ? 'expression tag'        -4  20 
1 7KFS GLN A 21 ? UNP C5CSP2 ? ? 'expression tag'        -3  21 
1 7KFS SER A 22 ? UNP C5CSP2 ? ? 'expression tag'        -2  22 
1 7KFS ASN A 23 ? UNP C5CSP2 ? ? 'expression tag'        -1  23 
1 7KFS ALA A 24 ? UNP C5CSP2 ? ? 'expression tag'        0   24 
# 
loop_
_chem_comp.id 
_chem_comp.type 
_chem_comp.mon_nstd_flag 
_chem_comp.name 
_chem_comp.pdbx_synonyms 
_chem_comp.formula 
_chem_comp.formula_weight 
ALA 'L-peptide linking' y ALANINE         ? 'C3 H7 N O2'     89.093  
ARG 'L-peptide linking' y ARGININE        ? 'C6 H15 N4 O2 1' 175.209 
ASN 'L-peptide linking' y ASPARAGINE      ? 'C4 H8 N2 O3'    132.118 
ASP 'L-peptide linking' y 'ASPARTIC ACID' ? 'C4 H7 N O4'     133.103 
BEZ non-polymer         . 'BENZOIC ACID'  ? 'C7 H6 O2'       122.121 
GLN 'L-peptide linking' y GLUTAMINE       ? 'C5 H10 N2 O3'   146.144 
GLU 'L-peptide linking' y 'GLUTAMIC ACID' ? 'C5 H9 N O4'     147.129 
GLY 'peptide linking'   y GLYCINE         ? 'C2 H5 N O2'     75.067  
HIS 'L-peptide linking' y HISTIDINE       ? 'C6 H10 N3 O2 1' 156.162 
HOH non-polymer         . WATER           ? 'H2 O'           18.015  
ILE 'L-peptide linking' y ISOLEUCINE      ? 'C6 H13 N O2'    131.173 
LEU 'L-peptide linking' y LEUCINE         ? 'C6 H13 N O2'    131.173 
LYS 'L-peptide linking' y LYSINE          ? 'C6 H15 N2 O2 1' 147.195 
MET 'L-peptide linking' y METHIONINE      ? 'C5 H11 N O2 S'  149.211 
PHE 'L-peptide linking' y PHENYLALANINE   ? 'C9 H11 N O2'    165.189 
PRO 'L-peptide linking' y PROLINE         ? 'C5 H9 N O2'     115.130 
SER 'L-peptide linking' y SERINE          ? 'C3 H7 N O3'     105.093 
SO4 non-polymer         . 'SULFATE ION'   ? 'O4 S -2'        96.063  
THR 'L-peptide linking' y THREONINE       ? 'C4 H9 N O3'     119.119 
TRP 'L-peptide linking' y TRYPTOPHAN      ? 'C11 H12 N2 O2'  204.225 
TYR 'L-peptide linking' y TYROSINE        ? 'C9 H11 N O3'    181.189 
VAL 'L-peptide linking' y VALINE          ? 'C5 H11 N O2'    117.146 
# 
_exptl.absorpt_coefficient_mu     ? 
_exptl.absorpt_correction_T_max   ? 
_exptl.absorpt_correction_T_min   ? 
_exptl.absorpt_correction_type    ? 
_exptl.absorpt_process_details    ? 
_exptl.entry_id                   7KFS 
_exptl.crystals_number            1 
_exptl.details                    ? 
_exptl.method                     'X-RAY DIFFRACTION' 
_exptl.method_details             ? 
# 
_exptl_crystal.colour                      ? 
_exptl_crystal.density_diffrn              ? 
_exptl_crystal.density_Matthews            2.47 
_exptl_crystal.density_method              ? 
_exptl_crystal.density_percent_sol         50.26 
_exptl_crystal.description                 ? 
_exptl_crystal.F_000                       ? 
_exptl_crystal.id                          1 
_exptl_crystal.preparation                 ? 
_exptl_crystal.size_max                    ? 
_exptl_crystal.size_mid                    ? 
_exptl_crystal.size_min                    ? 
_exptl_crystal.size_rad                    ? 
_exptl_crystal.colour_lustre               ? 
_exptl_crystal.colour_modifier             ? 
_exptl_crystal.colour_primary              ? 
_exptl_crystal.density_meas                ? 
_exptl_crystal.density_meas_esd            ? 
_exptl_crystal.density_meas_gt             ? 
_exptl_crystal.density_meas_lt             ? 
_exptl_crystal.density_meas_temp           ? 
_exptl_crystal.density_meas_temp_esd       ? 
_exptl_crystal.density_meas_temp_gt        ? 
_exptl_crystal.density_meas_temp_lt        ? 
_exptl_crystal.pdbx_crystal_image_url      ? 
_exptl_crystal.pdbx_crystal_image_format   ? 
_exptl_crystal.pdbx_mosaicity              ? 
_exptl_crystal.pdbx_mosaicity_esd          ? 
# 
_exptl_crystal_grow.apparatus       ? 
_exptl_crystal_grow.atmosphere      ? 
_exptl_crystal_grow.crystal_id      1 
_exptl_crystal_grow.details         ? 
_exptl_crystal_grow.method          'VAPOR DIFFUSION, SITTING DROP' 
_exptl_crystal_grow.method_ref      ? 
_exptl_crystal_grow.pH              ? 
_exptl_crystal_grow.pressure        ? 
_exptl_crystal_grow.pressure_esd    ? 
_exptl_crystal_grow.seeding         ? 
_exptl_crystal_grow.seeding_ref     ? 
_exptl_crystal_grow.temp            293 
_exptl_crystal_grow.temp_details    ? 
_exptl_crystal_grow.temp_esd        ? 
_exptl_crystal_grow.time            ? 
_exptl_crystal_grow.pdbx_details    '0.2 M Lithium Sulfate, 0.1 M HEPES: NaOH, pH 7.5, 25 % (w/v) PEG 3350' 
_exptl_crystal_grow.pdbx_pH_range   ? 
# 
_diffrn.ambient_environment              ? 
_diffrn.ambient_temp                     100 
_diffrn.ambient_temp_details             ? 
_diffrn.ambient_temp_esd                 ? 
_diffrn.crystal_id                       1 
_diffrn.crystal_support                  ? 
_diffrn.crystal_treatment                ? 
_diffrn.details                          ? 
_diffrn.id                               1 
_diffrn.ambient_pressure                 ? 
_diffrn.ambient_pressure_esd             ? 
_diffrn.ambient_pressure_gt              ? 
_diffrn.ambient_pressure_lt              ? 
_diffrn.ambient_temp_gt                  ? 
_diffrn.ambient_temp_lt                  ? 
_diffrn.pdbx_serial_crystal_experiment   N 
# 
_diffrn_detector.details                      ? 
_diffrn_detector.detector                     PIXEL 
_diffrn_detector.diffrn_id                    1 
_diffrn_detector.type                         'DECTRIS PILATUS3 6M' 
_diffrn_detector.area_resol_mean              ? 
_diffrn_detector.dtime                        ? 
_diffrn_detector.pdbx_frames_total            ? 
_diffrn_detector.pdbx_collection_time_total   ? 
_diffrn_detector.pdbx_collection_date         2019-12-15 
_diffrn_detector.pdbx_frequency               ? 
# 
_diffrn_radiation.collimation                      ? 
_diffrn_radiation.diffrn_id                        1 
_diffrn_radiation.filter_edge                      ? 
_diffrn_radiation.inhomogeneity                    ? 
_diffrn_radiation.monochromator                    ? 
_diffrn_radiation.polarisn_norm                    ? 
_diffrn_radiation.polarisn_ratio                   ? 
_diffrn_radiation.probe                            ? 
_diffrn_radiation.type                             ? 
_diffrn_radiation.xray_symbol                      ? 
_diffrn_radiation.wavelength_id                    1 
_diffrn_radiation.pdbx_monochromatic_or_laue_m_l   M 
_diffrn_radiation.pdbx_wavelength_list             ? 
_diffrn_radiation.pdbx_wavelength                  ? 
_diffrn_radiation.pdbx_diffrn_protocol             'SINGLE WAVELENGTH' 
_diffrn_radiation.pdbx_analyzer                    ? 
_diffrn_radiation.pdbx_scattering_type             x-ray 
# 
_diffrn_radiation_wavelength.id           1 
_diffrn_radiation_wavelength.wavelength   1.0332 
_diffrn_radiation_wavelength.wt           1.0 
# 
_diffrn_source.current                     ? 
_diffrn_source.details                     ? 
_diffrn_source.diffrn_id                   1 
_diffrn_source.power                       ? 
_diffrn_source.size                        ? 
_diffrn_source.source                      SYNCHROTRON 
_diffrn_source.target                      ? 
_diffrn_source.type                        'APS BEAMLINE 23-ID-D' 
_diffrn_source.voltage                     ? 
_diffrn_source.take-off_angle              ? 
_diffrn_source.pdbx_wavelength_list        1.0332 
_diffrn_source.pdbx_wavelength             ? 
_diffrn_source.pdbx_synchrotron_beamline   23-ID-D 
_diffrn_source.pdbx_synchrotron_site       APS 
# 
_reflns.B_iso_Wilson_estimate            22.78 
_reflns.entry_id                         7KFS 
_reflns.data_reduction_details           ? 
_reflns.data_reduction_method            ? 
_reflns.d_resolution_high                1.5 
_reflns.d_resolution_low                 45.44 
_reflns.details                          ? 
_reflns.limit_h_max                      ? 
_reflns.limit_h_min                      ? 
_reflns.limit_k_max                      ? 
_reflns.limit_k_min                      ? 
_reflns.limit_l_max                      ? 
_reflns.limit_l_min                      ? 
_reflns.number_all                       ? 
_reflns.number_obs                       28967 
_reflns.observed_criterion               ? 
_reflns.observed_criterion_F_max         ? 
_reflns.observed_criterion_F_min         ? 
_reflns.observed_criterion_I_max         ? 
_reflns.observed_criterion_I_min         ? 
_reflns.observed_criterion_sigma_F       ? 
_reflns.observed_criterion_sigma_I       ? 
_reflns.percent_possible_obs             99.87 
_reflns.R_free_details                   ? 
_reflns.Rmerge_F_all                     ? 
_reflns.Rmerge_F_obs                     ? 
_reflns.Friedel_coverage                 ? 
_reflns.number_gt                        ? 
_reflns.threshold_expression             ? 
_reflns.pdbx_redundancy                  2.0 
_reflns.pdbx_Rmerge_I_obs                ? 
_reflns.pdbx_Rmerge_I_all                ? 
_reflns.pdbx_Rsym_value                  ? 
_reflns.pdbx_netI_over_av_sigmaI         ? 
_reflns.pdbx_netI_over_sigmaI            17.88 
_reflns.pdbx_res_netI_over_av_sigmaI_2   ? 
_reflns.pdbx_res_netI_over_sigmaI_2      ? 
_reflns.pdbx_chi_squared                 ? 
_reflns.pdbx_scaling_rejects             ? 
_reflns.pdbx_d_res_high_opt              ? 
_reflns.pdbx_d_res_low_opt               ? 
_reflns.pdbx_d_res_opt_method            ? 
_reflns.phase_calculation_details        ? 
_reflns.pdbx_Rrim_I_all                  ? 
_reflns.pdbx_Rpim_I_all                  ? 
_reflns.pdbx_d_opt                       ? 
_reflns.pdbx_number_measured_all         ? 
_reflns.pdbx_diffrn_id                   1 
_reflns.pdbx_ordinal                     1 
_reflns.pdbx_CC_half                     1 
_reflns.pdbx_CC_star                     ? 
_reflns.pdbx_R_split                     ? 
# 
_reflns_shell.d_res_high                  1.5 
_reflns_shell.d_res_low                   1.554 
_reflns_shell.meanI_over_sigI_all         ? 
_reflns_shell.meanI_over_sigI_obs         ? 
_reflns_shell.number_measured_all         ? 
_reflns_shell.number_measured_obs         ? 
_reflns_shell.number_possible             ? 
_reflns_shell.number_unique_all           ? 
_reflns_shell.number_unique_obs           2850 
_reflns_shell.percent_possible_all        ? 
_reflns_shell.percent_possible_obs        ? 
_reflns_shell.Rmerge_F_all                ? 
_reflns_shell.Rmerge_F_obs                ? 
_reflns_shell.Rmerge_I_all                ? 
_reflns_shell.Rmerge_I_obs                ? 
_reflns_shell.meanI_over_sigI_gt          ? 
_reflns_shell.meanI_over_uI_all           ? 
_reflns_shell.meanI_over_uI_gt            ? 
_reflns_shell.number_measured_gt          ? 
_reflns_shell.number_unique_gt            ? 
_reflns_shell.percent_possible_gt         ? 
_reflns_shell.Rmerge_F_gt                 ? 
_reflns_shell.Rmerge_I_gt                 ? 
_reflns_shell.pdbx_redundancy             ? 
_reflns_shell.pdbx_Rsym_value             ? 
_reflns_shell.pdbx_chi_squared            ? 
_reflns_shell.pdbx_netI_over_sigmaI_all   ? 
_reflns_shell.pdbx_netI_over_sigmaI_obs   ? 
_reflns_shell.pdbx_Rrim_I_all             ? 
_reflns_shell.pdbx_Rpim_I_all             ? 
_reflns_shell.pdbx_rejects                ? 
_reflns_shell.pdbx_ordinal                1 
_reflns_shell.pdbx_diffrn_id              1 
_reflns_shell.pdbx_CC_half                0.773 
_reflns_shell.pdbx_CC_star                ? 
_reflns_shell.pdbx_R_split                ? 
# 
_refine.aniso_B[1][1]                            ? 
_refine.aniso_B[1][2]                            ? 
_refine.aniso_B[1][3]                            ? 
_refine.aniso_B[2][2]                            ? 
_refine.aniso_B[2][3]                            ? 
_refine.aniso_B[3][3]                            ? 
_refine.B_iso_max                                ? 
_refine.B_iso_mean                               30.72 
_refine.B_iso_min                                ? 
_refine.correlation_coeff_Fo_to_Fc               ? 
_refine.correlation_coeff_Fo_to_Fc_free          ? 
_refine.details                                  ? 
_refine.diff_density_max                         ? 
_refine.diff_density_max_esd                     ? 
_refine.diff_density_min                         ? 
_refine.diff_density_min_esd                     ? 
_refine.diff_density_rms                         ? 
_refine.diff_density_rms_esd                     ? 
_refine.entry_id                                 7KFS 
_refine.pdbx_refine_id                           'X-RAY DIFFRACTION' 
_refine.ls_abs_structure_details                 ? 
_refine.ls_abs_structure_Flack                   ? 
_refine.ls_abs_structure_Flack_esd               ? 
_refine.ls_abs_structure_Rogers                  ? 
_refine.ls_abs_structure_Rogers_esd              ? 
_refine.ls_d_res_high                            1.50 
_refine.ls_d_res_low                             40.42 
_refine.ls_extinction_coef                       ? 
_refine.ls_extinction_coef_esd                   ? 
_refine.ls_extinction_expression                 ? 
_refine.ls_extinction_method                     ? 
_refine.ls_goodness_of_fit_all                   ? 
_refine.ls_goodness_of_fit_all_esd               ? 
_refine.ls_goodness_of_fit_obs                   ? 
_refine.ls_goodness_of_fit_obs_esd               ? 
_refine.ls_hydrogen_treatment                    ? 
_refine.ls_matrix_type                           ? 
_refine.ls_number_constraints                    ? 
_refine.ls_number_parameters                     ? 
_refine.ls_number_reflns_all                     ? 
_refine.ls_number_reflns_obs                     28965 
_refine.ls_number_reflns_R_free                  2005 
_refine.ls_number_reflns_R_work                  26960 
_refine.ls_number_restraints                     ? 
_refine.ls_percent_reflns_obs                    99.88 
_refine.ls_percent_reflns_R_free                 6.92 
_refine.ls_R_factor_all                          ? 
_refine.ls_R_factor_obs                          0.1809 
_refine.ls_R_factor_R_free                       0.1985 
_refine.ls_R_factor_R_free_error                 ? 
_refine.ls_R_factor_R_free_error_details         ? 
_refine.ls_R_factor_R_work                       0.1796 
_refine.ls_R_Fsqd_factor_obs                     ? 
_refine.ls_R_I_factor_obs                        ? 
_refine.ls_redundancy_reflns_all                 ? 
_refine.ls_redundancy_reflns_obs                 ? 
_refine.ls_restrained_S_all                      ? 
_refine.ls_restrained_S_obs                      ? 
_refine.ls_shift_over_esd_max                    ? 
_refine.ls_shift_over_esd_mean                   ? 
_refine.ls_structure_factor_coef                 ? 
_refine.ls_weighting_details                     ? 
_refine.ls_weighting_scheme                      ? 
_refine.ls_wR_factor_all                         ? 
_refine.ls_wR_factor_obs                         ? 
_refine.ls_wR_factor_R_free                      ? 
_refine.ls_wR_factor_R_work                      ? 
_refine.occupancy_max                            ? 
_refine.occupancy_min                            ? 
_refine.solvent_model_details                    'FLAT BULK SOLVENT MODEL' 
_refine.solvent_model_param_bsol                 ? 
_refine.solvent_model_param_ksol                 ? 
_refine.pdbx_R_complete                          ? 
_refine.ls_R_factor_gt                           ? 
_refine.ls_goodness_of_fit_gt                    ? 
_refine.ls_goodness_of_fit_ref                   ? 
_refine.ls_shift_over_su_max                     ? 
_refine.ls_shift_over_su_max_lt                  ? 
_refine.ls_shift_over_su_mean                    ? 
_refine.ls_shift_over_su_mean_lt                 ? 
_refine.pdbx_ls_sigma_I                          ? 
_refine.pdbx_ls_sigma_F                          1.34 
_refine.pdbx_ls_sigma_Fsqd                       ? 
_refine.pdbx_data_cutoff_high_absF               ? 
_refine.pdbx_data_cutoff_high_rms_absF           ? 
_refine.pdbx_data_cutoff_low_absF                ? 
_refine.pdbx_isotropic_thermal_model             ? 
_refine.pdbx_ls_cross_valid_method               'FREE R-VALUE' 
_refine.pdbx_method_to_determine_struct          'MOLECULAR REPLACEMENT' 
_refine.pdbx_starting_model                      7KFO 
_refine.pdbx_stereochemistry_target_values       'GeoStd + Monomer Library + CDL v1.2' 
_refine.pdbx_R_Free_selection_details            ? 
_refine.pdbx_stereochem_target_val_spec_case     ? 
_refine.pdbx_overall_ESU_R                       ? 
_refine.pdbx_overall_ESU_R_Free                  ? 
_refine.pdbx_solvent_vdw_probe_radii             1.1100 
_refine.pdbx_solvent_ion_probe_radii             ? 
_refine.pdbx_solvent_shrinkage_radii             0.9000 
_refine.pdbx_real_space_R                        ? 
_refine.pdbx_density_correlation                 ? 
_refine.pdbx_pd_number_of_powder_patterns        ? 
_refine.pdbx_pd_number_of_points                 ? 
_refine.pdbx_pd_meas_number_of_points            ? 
_refine.pdbx_pd_proc_ls_prof_R_factor            ? 
_refine.pdbx_pd_proc_ls_prof_wR_factor           ? 
_refine.pdbx_pd_Marquardt_correlation_coeff      ? 
_refine.pdbx_pd_Fsqrd_R_factor                   ? 
_refine.pdbx_pd_ls_matrix_band_width             ? 
_refine.pdbx_overall_phase_error                 20.6618 
_refine.pdbx_overall_SU_R_free_Cruickshank_DPI   ? 
_refine.pdbx_overall_SU_R_free_Blow_DPI          ? 
_refine.pdbx_overall_SU_R_Blow_DPI               ? 
_refine.pdbx_TLS_residual_ADP_flag               ? 
_refine.pdbx_diffrn_id                           1 
_refine.overall_SU_B                             ? 
_refine.overall_SU_ML                            0.1763 
_refine.overall_SU_R_Cruickshank_DPI             ? 
_refine.overall_SU_R_free                        ? 
_refine.overall_FOM_free_R_set                   ? 
_refine.overall_FOM_work_R_set                   ? 
_refine.pdbx_average_fsc_overall                 ? 
_refine.pdbx_average_fsc_work                    ? 
_refine.pdbx_average_fsc_free                    ? 
# 
_refine_hist.pdbx_refine_id                   'X-RAY DIFFRACTION' 
_refine_hist.cycle_id                         LAST 
_refine_hist.details                          ? 
_refine_hist.d_res_high                       1.50 
_refine_hist.d_res_low                        40.42 
_refine_hist.number_atoms_solvent             123 
_refine_hist.number_atoms_total               1272 
_refine_hist.number_reflns_all                ? 
_refine_hist.number_reflns_obs                ? 
_refine_hist.number_reflns_R_free             ? 
_refine_hist.number_reflns_R_work             ? 
_refine_hist.R_factor_all                     ? 
_refine_hist.R_factor_obs                     ? 
_refine_hist.R_factor_R_free                  ? 
_refine_hist.R_factor_R_work                  ? 
_refine_hist.pdbx_number_residues_total       ? 
_refine_hist.pdbx_B_iso_mean_ligand           ? 
_refine_hist.pdbx_B_iso_mean_solvent          ? 
_refine_hist.pdbx_number_atoms_protein        1130 
_refine_hist.pdbx_number_atoms_nucleic_acid   0 
_refine_hist.pdbx_number_atoms_ligand         19 
_refine_hist.pdbx_number_atoms_lipid          ? 
_refine_hist.pdbx_number_atoms_carb           ? 
_refine_hist.pdbx_pseudo_atom_details         ? 
# 
loop_
_refine_ls_restr.pdbx_refine_id 
_refine_ls_restr.criterion 
_refine_ls_restr.dev_ideal 
_refine_ls_restr.dev_ideal_target 
_refine_ls_restr.number 
_refine_ls_restr.rejects 
_refine_ls_restr.type 
_refine_ls_restr.weight 
_refine_ls_restr.pdbx_restraint_function 
'X-RAY DIFFRACTION' ? 0.0088  ? 1357 ? f_bond_d           ? ? 
'X-RAY DIFFRACTION' ? 0.8118  ? 1852 ? f_angle_d          ? ? 
'X-RAY DIFFRACTION' ? 0.0527  ? 204  ? f_chiral_restr     ? ? 
'X-RAY DIFFRACTION' ? 0.0045  ? 251  ? f_plane_restr      ? ? 
'X-RAY DIFFRACTION' ? 26.3465 ? 540  ? f_dihedral_angle_d ? ? 
# 
loop_
_refine_ls_shell.pdbx_refine_id 
_refine_ls_shell.d_res_high 
_refine_ls_shell.d_res_low 
_refine_ls_shell.number_reflns_all 
_refine_ls_shell.number_reflns_obs 
_refine_ls_shell.number_reflns_R_free 
_refine_ls_shell.number_reflns_R_work 
_refine_ls_shell.percent_reflns_obs 
_refine_ls_shell.percent_reflns_R_free 
_refine_ls_shell.R_factor_all 
_refine_ls_shell.R_factor_obs 
_refine_ls_shell.R_factor_R_free 
_refine_ls_shell.R_factor_R_free_error 
_refine_ls_shell.R_factor_R_work 
_refine_ls_shell.redundancy_reflns_all 
_refine_ls_shell.redundancy_reflns_obs 
_refine_ls_shell.wR_factor_all 
_refine_ls_shell.wR_factor_obs 
_refine_ls_shell.wR_factor_R_free 
_refine_ls_shell.wR_factor_R_work 
_refine_ls_shell.pdbx_R_complete 
_refine_ls_shell.pdbx_total_number_of_bins_used 
_refine_ls_shell.pdbx_phase_error 
_refine_ls_shell.pdbx_fsc_work 
_refine_ls_shell.pdbx_fsc_free 
'X-RAY DIFFRACTION' 1.50 1.54  . . 137 1890 100.00 . . . 0.2902 . 0.2740 . . . . . . . . . . . 
'X-RAY DIFFRACTION' 1.54 1.58  . . 153 1897 100.00 . . . 0.2553 . 0.2525 . . . . . . . . . . . 
'X-RAY DIFFRACTION' 1.58 1.63  . . 137 1927 100.00 . . . 0.2826 . 0.2498 . . . . . . . . . . . 
'X-RAY DIFFRACTION' 1.63 1.68  . . 138 1896 99.95  . . . 0.2831 . 0.2270 . . . . . . . . . . . 
'X-RAY DIFFRACTION' 1.68 1.74  . . 143 1917 99.90  . . . 0.2416 . 0.2138 . . . . . . . . . . . 
'X-RAY DIFFRACTION' 1.74 1.81  . . 140 1897 99.90  . . . 0.1923 . 0.1970 . . . . . . . . . . . 
'X-RAY DIFFRACTION' 1.81 1.89  . . 149 1922 100.00 . . . 0.2205 . 0.1998 . . . . . . . . . . . 
'X-RAY DIFFRACTION' 1.89 1.99  . . 135 1922 100.00 . . . 0.2119 . 0.1905 . . . . . . . . . . . 
'X-RAY DIFFRACTION' 1.99 2.11  . . 141 1917 99.90  . . . 0.1938 . 0.1763 . . . . . . . . . . . 
'X-RAY DIFFRACTION' 2.11 2.28  . . 148 1928 99.86  . . . 0.2092 . 0.1743 . . . . . . . . . . . 
'X-RAY DIFFRACTION' 2.28 2.51  . . 145 1928 99.86  . . . 0.1819 . 0.1685 . . . . . . . . . . . 
'X-RAY DIFFRACTION' 2.51 2.87  . . 145 1935 99.86  . . . 0.1880 . 0.1809 . . . . . . . . . . . 
'X-RAY DIFFRACTION' 2.87 3.61  . . 147 1950 99.76  . . . 0.1936 . 0.1677 . . . . . . . . . . . 
'X-RAY DIFFRACTION' 3.62 45.44 . . 147 2034 99.45  . . . 0.1818 . 0.1670 . . . . . . . . . . . 
# 
_struct.entry_id                     7KFS 
_struct.title                        
'Crystal structure of the MarR family transcriptional regulator from Variovorax paradoxus bound to Benzoic Acid' 
_struct.pdbx_model_details           ? 
_struct.pdbx_formula_weight          ? 
_struct.pdbx_formula_weight_method   ? 
_struct.pdbx_model_type_details      ? 
_struct.pdbx_CASP_flag               N 
# 
_struct_keywords.entry_id        7KFS 
_struct_keywords.text            'Transcriptional Regulator, Ligand Binding, DNA BINDING PROTEIN' 
_struct_keywords.pdbx_keywords   'DNA BINDING PROTEIN' 
# 
loop_
_struct_asym.id 
_struct_asym.pdbx_blank_PDB_chainid_flag 
_struct_asym.pdbx_modified 
_struct_asym.entity_id 
_struct_asym.details 
A N N 1 ? 
B N N 2 ? 
C N N 3 ? 
D N N 3 ? 
E N N 4 ? 
# 
loop_
_struct_conf.conf_type_id 
_struct_conf.id 
_struct_conf.pdbx_PDB_helix_id 
_struct_conf.beg_label_comp_id 
_struct_conf.beg_label_asym_id 
_struct_conf.beg_label_seq_id 
_struct_conf.pdbx_beg_PDB_ins_code 
_struct_conf.end_label_comp_id 
_struct_conf.end_label_asym_id 
_struct_conf.end_label_seq_id 
_struct_conf.pdbx_end_PDB_ins_code 
_struct_conf.beg_auth_comp_id 
_struct_conf.beg_auth_asym_id 
_struct_conf.beg_auth_seq_id 
_struct_conf.end_auth_comp_id 
_struct_conf.end_auth_asym_id 
_struct_conf.end_auth_seq_id 
_struct_conf.pdbx_PDB_helix_class 
_struct_conf.details 
_struct_conf.pdbx_PDB_helix_length 
HELX_P HELX_P1 AA1 ARG A 34  ? ASP A 38  ? ARG A 10  ASP A 14  5 ? 5  
HELX_P HELX_P2 AA2 TYR A 39  ? HIS A 62  ? TYR A 15  HIS A 38  1 ? 24 
HELX_P HELX_P3 AA3 SER A 65  ? ALA A 76  ? SER A 41  ALA A 52  1 ? 12 
HELX_P HELX_P4 AA4 ILE A 83  ? THR A 90  ? ILE A 59  THR A 66  1 ? 8  
HELX_P HELX_P5 AA5 LYS A 93  ? ARG A 107 ? LYS A 69  ARG A 83  1 ? 15 
HELX_P HELX_P6 AA6 THR A 127 ? GLU A 150 ? THR A 103 GLU A 126 1 ? 24 
HELX_P HELX_P7 AA7 PHE A 152 ? VAL A 172 ? PHE A 128 VAL A 148 1 ? 21 
# 
_struct_conf_type.id          HELX_P 
_struct_conf_type.criteria    ? 
_struct_conf_type.reference   ? 
# 
_struct_sheet.id               AA1 
_struct_sheet.type             ? 
_struct_sheet.number_strands   3 
_struct_sheet.details          ? 
# 
loop_
_struct_sheet_order.sheet_id 
_struct_sheet_order.range_id_1 
_struct_sheet_order.range_id_2 
_struct_sheet_order.offset 
_struct_sheet_order.sense 
AA1 1 2 ? anti-parallel 
AA1 2 3 ? anti-parallel 
# 
loop_
_struct_sheet_range.sheet_id 
_struct_sheet_range.id 
_struct_sheet_range.beg_label_comp_id 
_struct_sheet_range.beg_label_asym_id 
_struct_sheet_range.beg_label_seq_id 
_struct_sheet_range.pdbx_beg_PDB_ins_code 
_struct_sheet_range.end_label_comp_id 
_struct_sheet_range.end_label_asym_id 
_struct_sheet_range.end_label_seq_id 
_struct_sheet_range.pdbx_end_PDB_ins_code 
_struct_sheet_range.beg_auth_comp_id 
_struct_sheet_range.beg_auth_asym_id 
_struct_sheet_range.beg_auth_seq_id 
_struct_sheet_range.end_auth_comp_id 
_struct_sheet_range.end_auth_asym_id 
_struct_sheet_range.end_auth_seq_id 
AA1 1 ILE A 81  ? SER A 82  ? ILE A 57 SER A 58  
AA1 2 THR A 122 ? ILE A 126 ? THR A 98 ILE A 102 
AA1 3 VAL A 110 ? PRO A 114 ? VAL A 86 PRO A 90  
# 
loop_
_pdbx_struct_sheet_hbond.sheet_id 
_pdbx_struct_sheet_hbond.range_id_1 
_pdbx_struct_sheet_hbond.range_id_2 
_pdbx_struct_sheet_hbond.range_1_label_atom_id 
_pdbx_struct_sheet_hbond.range_1_label_comp_id 
_pdbx_struct_sheet_hbond.range_1_label_asym_id 
_pdbx_struct_sheet_hbond.range_1_label_seq_id 
_pdbx_struct_sheet_hbond.range_1_PDB_ins_code 
_pdbx_struct_sheet_hbond.range_1_auth_atom_id 
_pdbx_struct_sheet_hbond.range_1_auth_comp_id 
_pdbx_struct_sheet_hbond.range_1_auth_asym_id 
_pdbx_struct_sheet_hbond.range_1_auth_seq_id 
_pdbx_struct_sheet_hbond.range_2_label_atom_id 
_pdbx_struct_sheet_hbond.range_2_label_comp_id 
_pdbx_struct_sheet_hbond.range_2_label_asym_id 
_pdbx_struct_sheet_hbond.range_2_label_seq_id 
_pdbx_struct_sheet_hbond.range_2_PDB_ins_code 
_pdbx_struct_sheet_hbond.range_2_auth_atom_id 
_pdbx_struct_sheet_hbond.range_2_auth_comp_id 
_pdbx_struct_sheet_hbond.range_2_auth_asym_id 
_pdbx_struct_sheet_hbond.range_2_auth_seq_id 
AA1 1 2 N ILE A 81  ? N ILE A 57 O VAL A 124 ? O VAL A 100 
AA1 2 3 O LEU A 123 ? O LEU A 99 N LEU A 113 ? N LEU A 89  
# 
loop_
_struct_site.id 
_struct_site.pdbx_evidence_code 
_struct_site.pdbx_auth_asym_id 
_struct_site.pdbx_auth_comp_id 
_struct_site.pdbx_auth_seq_id 
_struct_site.pdbx_auth_ins_code 
_struct_site.pdbx_num_residues 
_struct_site.details 
AC1 Software A BEZ 201 ? 8  'binding site for residue BEZ A 201' 
AC2 Software A SO4 202 ? 12 'binding site for residue SO4 A 202' 
AC3 Software A SO4 203 ? 7  'binding site for residue SO4 A 203' 
# 
loop_
_struct_site_gen.id 
_struct_site_gen.site_id 
_struct_site_gen.pdbx_num_res 
_struct_site_gen.label_comp_id 
_struct_site_gen.label_asym_id 
_struct_site_gen.label_seq_id 
_struct_site_gen.pdbx_auth_ins_code 
_struct_site_gen.auth_comp_id 
_struct_site_gen.auth_asym_id 
_struct_site_gen.auth_seq_id 
_struct_site_gen.label_atom_id 
_struct_site_gen.label_alt_id 
_struct_site_gen.symmetry 
_struct_site_gen.details 
1  AC1 8  ALA A 42  ? ALA A 18  . ? 2_565  ? 
2  AC1 8  SER A 52  ? SER A 28  . ? 1_555  ? 
3  AC1 8  HIS A 56  ? HIS A 32  . ? 1_555  ? 
4  AC1 8  TRP A 69  ? TRP A 45  . ? 1_555  ? 
5  AC1 8  ARG A 70  ? ARG A 46  . ? 1_555  ? 
6  AC1 8  SER A 74  ? SER A 50  . ? 1_555  ? 
7  AC1 8  VAL A 89  ? VAL A 65  . ? 1_555  ? 
8  AC1 8  HOH E .   ? HOH A 310 . ? 1_555  ? 
9  AC2 12 ARG A 125 ? ARG A 101 . ? 14_555 ? 
10 AC2 12 ARG A 125 ? ARG A 101 . ? 1_555  ? 
11 AC2 12 THR A 127 ? THR A 103 . ? 14_555 ? 
12 AC2 12 THR A 127 ? THR A 103 . ? 1_555  ? 
13 AC2 12 ARG A 128 ? ARG A 104 . ? 1_555  ? 
14 AC2 12 ARG A 128 ? ARG A 104 . ? 14_555 ? 
15 AC2 12 HOH E .   ? HOH A 306 . ? 1_555  ? 
16 AC2 12 HOH E .   ? HOH A 306 . ? 14_555 ? 
17 AC2 12 HOH E .   ? HOH A 348 . ? 14_555 ? 
18 AC2 12 HOH E .   ? HOH A 348 . ? 1_555  ? 
19 AC2 12 HOH E .   ? HOH A 385 . ? 14_555 ? 
20 AC2 12 HOH E .   ? HOH A 385 . ? 1_555  ? 
21 AC3 7  ARG A 60  ? ARG A 36  . ? 1_555  ? 
22 AC3 7  SER A 65  ? SER A 41  . ? 1_555  ? 
23 AC3 7  VAL A 66  ? VAL A 42  . ? 1_555  ? 
24 AC3 7  ARG A 103 ? ARG A 79  . ? 3_556  ? 
25 AC3 7  HOH E .   ? HOH A 302 . ? 1_555  ? 
26 AC3 7  HOH E .   ? HOH A 308 . ? 1_555  ? 
27 AC3 7  HOH E .   ? HOH A 312 . ? 1_555  ? 
# 
_atom_sites.entry_id                    7KFS 
_atom_sites.Cartn_transf_matrix[1][1]   ? 
_atom_sites.Cartn_transf_matrix[1][2]   ? 
_atom_sites.Cartn_transf_matrix[1][3]   ? 
_atom_sites.Cartn_transf_matrix[2][1]   ? 
_atom_sites.Cartn_transf_matrix[2][2]   ? 
_atom_sites.Cartn_transf_matrix[2][3]   ? 
_atom_sites.Cartn_transf_matrix[3][1]   ? 
_atom_sites.Cartn_transf_matrix[3][2]   ? 
_atom_sites.Cartn_transf_matrix[3][3]   ? 
_atom_sites.Cartn_transf_vector[1]      ? 
_atom_sites.Cartn_transf_vector[2]      ? 
_atom_sites.Cartn_transf_vector[3]      ? 
_atom_sites.fract_transf_matrix[1][1]   0.01313979 
_atom_sites.fract_transf_matrix[1][2]   -0.00261710 
_atom_sites.fract_transf_matrix[1][3]   -0.01231962 
_atom_sites.fract_transf_matrix[2][1]   -0.00431460 
_atom_sites.fract_transf_matrix[2][2]   -0.00708426 
_atom_sites.fract_transf_matrix[2][3]   -0.00309691 
_atom_sites.fract_transf_matrix[3][1]   -0.00424318 
_atom_sites.fract_transf_matrix[3][2]   0.00502978 
_atom_sites.fract_transf_matrix[3][3]   -0.00559416 
_atom_sites.fract_transf_vector[1]      0.076611 
_atom_sites.fract_transf_vector[2]      0.409014 
_atom_sites.fract_transf_vector[3]      0.373212 
_atom_sites.solution_primary            ? 
_atom_sites.solution_secondary          ? 
_atom_sites.solution_hydrogens          ? 
_atom_sites.special_details             ? 
# 
loop_
_atom_type.symbol 
_atom_type.scat_dispersion_real 
_atom_type.scat_dispersion_imag 
_atom_type.scat_Cromer_Mann_a1 
_atom_type.scat_Cromer_Mann_a2 
_atom_type.scat_Cromer_Mann_a3 
_atom_type.scat_Cromer_Mann_a4 
_atom_type.scat_Cromer_Mann_b1 
_atom_type.scat_Cromer_Mann_b2 
_atom_type.scat_Cromer_Mann_b3 
_atom_type.scat_Cromer_Mann_b4 
_atom_type.scat_Cromer_Mann_c 
_atom_type.scat_source 
_atom_type.scat_dispersion_source 
C   ? ? 3.54356 2.42580 ? ? 25.62398 1.50364  ? ? 0.0 
;2-Gaussian fit: Grosse-Kunstleve RW, Sauter NK, Adams PD: Newsletter of the IUCr Commission on Crystallographic Computing 2004, 3, 22-31.
;
? 
H   ? ? 0.51345 0.48472 ? ? 24.73122 6.32584  ? ? 0.0 
;2-Gaussian fit: Grosse-Kunstleve RW, Sauter NK, Adams PD: Newsletter of the IUCr Commission on Crystallographic Computing 2004, 3, 22-31.
;
? 
N   ? ? 4.01032 2.96436 ? ? 19.97189 1.75589  ? ? 0.0 
;2-Gaussian fit: Grosse-Kunstleve RW, Sauter NK, Adams PD: Newsletter of the IUCr Commission on Crystallographic Computing 2004, 3, 22-31.
;
? 
O   ? ? 4.49882 3.47563 ? ? 15.80542 1.70748  ? ? 0.0 
;2-Gaussian fit: Grosse-Kunstleve RW, Sauter NK, Adams PD: Newsletter of the IUCr Commission on Crystallographic Computing 2004, 3, 22-31.
;
? 
O1- ? ? 5.12366 3.84317 ? ? 3.49406  27.47979 ? ? 0.0 
;2-Gaussian fit: Grosse-Kunstleve RW, Sauter NK, Adams PD: Newsletter of the IUCr Commission on Crystallographic Computing 2004, 3, 22-31.
;
? 
S   ? ? 9.55732 6.39887 ? ? 1.23737  29.19336 ? ? 0.0 
;2-Gaussian fit: Grosse-Kunstleve RW, Sauter NK, Adams PD: Newsletter of the IUCr Commission on Crystallographic Computing 2004, 3, 22-31.
;
? 
# 
loop_
_atom_site.group_PDB 
_atom_site.id 
_atom_site.type_symbol 
_atom_site.label_atom_id 
_atom_site.label_alt_id 
_atom_site.label_comp_id 
_atom_site.label_asym_id 
_atom_site.label_entity_id 
_atom_site.label_seq_id 
_atom_site.pdbx_PDB_ins_code 
_atom_site.Cartn_x 
_atom_site.Cartn_y 
_atom_site.Cartn_z 
_atom_site.occupancy 
_atom_site.B_iso_or_equiv 
_atom_site.pdbx_formal_charge 
_atom_site.auth_seq_id 
_atom_site.auth_comp_id 
_atom_site.auth_asym_id 
_atom_site.auth_atom_id 
_atom_site.pdbx_PDB_model_num 
ATOM   1    N N   . ARG A 1 34  ? -20.19811 -25.23139 4.74634   1.000 40.35171  ?  10  ARG A N   1 
ATOM   2    C CA  . ARG A 1 34  ? -20.14736 -23.87326 4.21056   1.000 31.87426  ?  10  ARG A CA  1 
ATOM   3    C C   . ARG A 1 34  ? -18.81610 -23.64491 3.50029   1.000 29.56080  ?  10  ARG A C   1 
ATOM   4    O O   . ARG A 1 34  ? -17.78867 -23.44826 4.14066   1.000 28.21821  ?  10  ARG A O   1 
ATOM   5    C CB  . ARG A 1 34  ? -20.33591 -22.85604 5.32838   1.000 37.28315  ?  10  ARG A CB  1 
ATOM   6    C CG  . ARG A 1 34  ? -20.33361 -21.41651 4.86548   1.000 40.72933  ?  10  ARG A CG  1 
ATOM   7    C CD  . ARG A 1 34  ? -21.68487 -21.03687 4.31574   1.000 42.21653  ?  10  ARG A CD  1 
ATOM   8    N NE  . ARG A 1 34  ? -21.71102 -19.66648 3.80762   1.000 38.87823  ?  10  ARG A NE  1 
ATOM   9    C CZ  . ARG A 1 34  ? -21.79982 -18.58698 4.57538   1.000 45.03650  ?  10  ARG A CZ  1 
ATOM   10   N NH1 . ARG A 1 34  ? -21.84074 -17.37723 4.02359   1.000 37.26088  ?  10  ARG A NH1 1 
ATOM   11   N NH2 . ARG A 1 34  ? -21.83993 -18.71257 5.89632   1.000 54.40169  ?  10  ARG A NH2 1 
ATOM   12   N N   . PHE A 1 35  ? -18.85427 -23.67032 2.16781   1.000 28.53522  ?  11  PHE A N   1 
ATOM   13   C CA  . PHE A 1 35  ? -17.62710 -23.61951 1.37685   1.000 27.82053  ?  11  PHE A CA  1 
ATOM   14   C C   . PHE A 1 35  ? -16.75986 -22.42547 1.75712   1.000 22.50528  ?  11  PHE A C   1 
ATOM   15   O O   . PHE A 1 35  ? -15.54036 -22.54383 1.90990   1.000 24.62766  ?  11  PHE A O   1 
ATOM   16   C CB  . PHE A 1 35  ? -17.98340 -23.55767 -0.10368  1.000 26.78876  ?  11  PHE A CB  1 
ATOM   17   C CG  . PHE A 1 35  ? -16.81041 -23.32340 -0.99583  1.000 28.40517  ?  11  PHE A CG  1 
ATOM   18   C CD1 . PHE A 1 35  ? -15.94241 -24.34864 -1.32080  1.000 34.52917  ?  11  PHE A CD1 1 
ATOM   19   C CD2 . PHE A 1 35  ? -16.57818 -22.06782 -1.50981  1.000 25.35053  ?  11  PHE A CD2 1 
ATOM   20   C CE1 . PHE A 1 35  ? -14.86180 -24.12095 -2.15496  1.000 34.37532  ?  11  PHE A CE1 1 
ATOM   21   C CE2 . PHE A 1 35  ? -15.50585 -21.82908 -2.34628  1.000 22.55592  ?  11  PHE A CE2 1 
ATOM   22   C CZ  . PHE A 1 35  ? -14.63901 -22.85513 -2.66492  1.000 26.98390  ?  11  PHE A CZ  1 
ATOM   23   N N   . VAL A 1 36  ? -17.37631 -21.26064 1.90409   1.000 21.44619  ?  12  VAL A N   1 
ATOM   24   C CA  . VAL A 1 36  ? -16.58887 -20.03456 2.00777   1.000 20.05696  ?  12  VAL A CA  1 
ATOM   25   C C   . VAL A 1 36  ? -15.96083 -19.85450 3.38545   1.000 22.84074  ?  12  VAL A C   1 
ATOM   26   O O   . VAL A 1 36  ? -15.02826 -19.04877 3.53377   1.000 23.71177  ?  12  VAL A O   1 
ATOM   27   C CB  . VAL A 1 36  ? -17.50304 -18.86598 1.60888   1.000 21.97656  ?  12  VAL A CB  1 
ATOM   28   C CG1 . VAL A 1 36  ? -18.42302 -18.47123 2.74807   1.000 23.71329  ?  12  VAL A CG1 1 
ATOM   29   C CG2 . VAL A 1 36  ? -16.70410 -17.67059 1.10345   1.000 25.57831  ?  12  VAL A CG2 1 
ATOM   30   N N   A ASP A 1 37  ? -16.41366 -20.60743 4.39209   0.668 22.69974  ?  13  ASP A N   1 
ATOM   31   N N   B ASP A 1 37  ? -16.42530 -20.59936 4.39273   0.332 22.74676  ?  13  ASP A N   1 
ATOM   32   C CA  A ASP A 1 37  ? -15.95605 -20.36459 5.75785   0.668 24.98751  ?  13  ASP A CA  1 
ATOM   33   C CA  B ASP A 1 37  ? -15.93618 -20.39315 5.75261   0.332 25.16350  ?  13  ASP A CA  1 
ATOM   34   C C   A ASP A 1 37  ? -14.45305 -20.54594 5.89989   0.668 23.75594  ?  13  ASP A C   1 
ATOM   35   C C   B ASP A 1 37  ? -14.44282 -20.66095 5.86283   0.332 23.84415  ?  13  ASP A C   1 
ATOM   36   O O   A ASP A 1 37  ? -13.82839 -19.86165 6.72067   0.668 26.27708  ?  13  ASP A O   1 
ATOM   37   O O   B ASP A 1 37  ? -13.75360 -20.00959 6.65753   0.332 26.66348  ?  13  ASP A O   1 
ATOM   38   C CB  A ASP A 1 37  ? -16.68013 -21.29952 6.73249   0.668 27.12130  ?  13  ASP A CB  1 
ATOM   39   C CB  B ASP A 1 37  ? -16.70735 -21.28834 6.72768   0.332 27.26588  ?  13  ASP A CB  1 
ATOM   40   C CG  A ASP A 1 37  ? -18.04620 -20.77696 7.15157   0.668 34.60394  ?  13  ASP A CG  1 
ATOM   41   C CG  B ASP A 1 37  ? -16.45600 -20.92676 8.18065   0.332 28.34141  ?  13  ASP A CG  1 
ATOM   42   O OD1 A ASP A 1 37  ? -18.37053 -19.60097 6.86313   0.668 33.47449  ?  13  ASP A OD1 1 
ATOM   43   O OD1 B ASP A 1 37  ? -15.60571 -20.05102 8.44352   0.332 38.72594  ?  13  ASP A OD1 1 
ATOM   44   O OD2 A ASP A 1 37  ? -18.79651 -21.55437 7.77668   0.668 34.93611  -1 13  ASP A OD2 1 
ATOM   45   O OD2 B ASP A 1 37  ? -17.11574 -21.51366 9.06429   0.332 42.46140  -1 13  ASP A OD2 1 
ATOM   46   N N   A ASP A 1 38  ? -13.85170 -21.45756 5.12899   0.668 22.99268  ?  14  ASP A N   1 
ATOM   47   N N   B ASP A 1 38  ? -13.92080 -21.60435 5.08647   0.332 23.55478  ?  14  ASP A N   1 
ATOM   48   C CA  A ASP A 1 38  ? -12.42802 -21.74473 5.25765   0.668 24.20528  ?  14  ASP A CA  1 
ATOM   49   C CA  B ASP A 1 38  ? -12.51207 -21.95977 5.16049   0.332 24.63188  ?  14  ASP A CA  1 
ATOM   50   C C   A ASP A 1 38  ? -11.69263 -21.63305 3.92332   0.668 23.56780  ?  14  ASP A C   1 
ATOM   51   C C   B ASP A 1 38  ? -11.87306 -21.91911 3.77982   0.332 25.73872  ?  14  ASP A C   1 
ATOM   52   O O   A ASP A 1 38  ? -10.58024 -22.14194 3.78923   0.668 23.70372  ?  14  ASP A O   1 
ATOM   53   O O   B ASP A 1 38  ? -10.99559 -22.72743 3.45435   0.332 28.31678  ?  14  ASP A O   1 
ATOM   54   C CB  A ASP A 1 38  ? -12.22903 -23.13465 5.86414   0.668 30.37960  ?  14  ASP A CB  1 
ATOM   55   C CB  B ASP A 1 38  ? -12.33546 -23.32854 5.81840   0.332 30.19542  ?  14  ASP A CB  1 
ATOM   56   C CG  A ASP A 1 38  ? -12.53330 -24.23969 4.87905   0.668 30.57159  ?  14  ASP A CG  1 
ATOM   57   C CG  B ASP A 1 38  ? -10.89118 -23.61889 6.19723   0.332 33.41999  ?  14  ASP A CG  1 
ATOM   58   O OD1 A ASP A 1 38  ? -11.74009 -25.20303 4.80542   0.668 48.08324  ?  14  ASP A OD1 1 
ATOM   59   O OD1 B ASP A 1 38  ? -10.31499 -22.85665 7.00443   0.332 29.96785  ?  14  ASP A OD1 1 
ATOM   60   O OD2 A ASP A 1 38  ? -13.54932 -24.13741 4.16222   0.668 35.60519  -1 14  ASP A OD2 1 
ATOM   61   O OD2 B ASP A 1 38  ? -10.33449 -24.61858 5.69289   0.332 35.78167  -1 14  ASP A OD2 1 
ATOM   62   N N   . TYR A 1 39  ? -12.29338 -20.96944 2.93920   1.000 20.73137  ?  15  TYR A N   1 
ATOM   63   C CA  . TYR A 1 39  ? -11.72543 -20.82329 1.59921   1.000 17.51572  ?  15  TYR A CA  1 
ATOM   64   C C   . TYR A 1 39  ? -10.71443 -19.67246 1.62933   1.000 18.82217  ?  15  TYR A C   1 
ATOM   65   O O   . TYR A 1 39  ? -11.10052 -18.51723 1.82607   1.000 18.18371  ?  15  TYR A O   1 
ATOM   66   C CB  . TYR A 1 39  ? -12.86257 -20.58180 0.60690   1.000 19.18641  ?  15  TYR A CB  1 
ATOM   67   C CG  . TYR A 1 39  ? -12.43870 -20.37168 -0.81024  1.000 17.34399  ?  15  TYR A CG  1 
ATOM   68   C CD1 . TYR A 1 39  ? -11.63396 -21.29426 -1.45346  1.000 18.90491  ?  15  TYR A CD1 1 
ATOM   69   C CD2 . TYR A 1 39  ? -12.83946 -19.23319 -1.52680  1.000 18.41108  ?  15  TYR A CD2 1 
ATOM   70   C CE1 . TYR A 1 39  ? -11.21727 -21.10512 -2.74970  1.000 18.41908  ?  15  TYR A CE1 1 
ATOM   71   C CE2 . TYR A 1 39  ? -12.43580 -19.04571 -2.84397  1.000 18.36167  ?  15  TYR A CE2 1 
ATOM   72   C CZ  . TYR A 1 39  ? -11.62684 -19.97379 -3.44903  1.000 17.89099  ?  15  TYR A CZ  1 
ATOM   73   O OH  . TYR A 1 39  ? -11.22808 -19.75013 -4.73922  1.000 20.53329  ?  15  TYR A OH  1 
ATOM   74   N N   . LEU A 1 40  ? -9.42318  -19.99482 1.44545   1.000 18.90424  ?  16  LEU A N   1 
ATOM   75   C CA  . LEU A 1 40  ? -8.36080  -18.99675 1.62193   1.000 18.34153  ?  16  LEU A CA  1 
ATOM   76   C C   . LEU A 1 40  ? -8.60422  -17.67602 0.88967   1.000 17.69467  ?  16  LEU A C   1 
ATOM   77   O O   . LEU A 1 40  ? -8.41492  -16.61871 1.50373   1.000 17.75202  ?  16  LEU A O   1 
ATOM   78   C CB  . LEU A 1 40  ? -7.00713  -19.57954 1.19207   1.000 20.25492  ?  16  LEU A CB  1 
ATOM   79   C CG  . LEU A 1 40  ? -5.83414  -18.58750 1.28540   1.000 21.47353  ?  16  LEU A CG  1 
ATOM   80   C CD1 . LEU A 1 40  ? -5.55336  -18.20751 2.74959   1.000 23.75941  ?  16  LEU A CD1 1 
ATOM   81   C CD2 . LEU A 1 40  ? -4.55912  -19.13443 0.60006   1.000 24.14884  ?  16  LEU A CD2 1 
ATOM   82   N N   . PRO A 1 41  ? -8.93628  -17.65705 -0.40077  1.000 17.43488  ?  17  PRO A N   1 
ATOM   83   C CA  . PRO A 1 41  ? -9.13031  -16.35171 -1.06082  1.000 17.58782  ?  17  PRO A CA  1 
ATOM   84   C C   . PRO A 1 41  ? -10.23212 -15.52450 -0.42314  1.000 18.52411  ?  17  PRO A C   1 
ATOM   85   O O   . PRO A 1 41  ? -10.13662 -14.29016 -0.36926  1.000 17.34138  ?  17  PRO A O   1 
ATOM   86   C CB  . PRO A 1 41  ? -9.46722  -16.73658 -2.50998  1.000 19.47003  ?  17  PRO A CB  1 
ATOM   87   C CG  . PRO A 1 41  ? -8.83750  -18.10655 -2.68934  1.000 19.65820  ?  17  PRO A CG  1 
ATOM   88   C CD  . PRO A 1 41  ? -9.05255  -18.78246 -1.35533  1.000 19.54163  ?  17  PRO A CD  1 
ATOM   89   N N   . ALA A 1 42  ? -11.29442 -16.16506 0.06915   1.000 15.94721  ?  18  ALA A N   1 
ATOM   90   C CA  . ALA A 1 42  ? -12.33178 -15.40119 0.74766   1.000 14.54623  ?  18  ALA A CA  1 
ATOM   91   C C   . ALA A 1 42  ? -11.84171 -14.86071 2.08778   1.000 15.13876  ?  18  ALA A C   1 
ATOM   92   O O   . ALA A 1 42  ? -12.16784 -13.72101 2.45666   1.000 16.87228  ?  18  ALA A O   1 
ATOM   93   C CB  . ALA A 1 42  ? -13.57517 -16.27588 0.94140   1.000 19.11967  ?  18  ALA A CB  1 
ATOM   94   N N   . LEU A 1 43  ? -11.03691 -15.64814 2.81352   1.000 16.84039  ?  19  LEU A N   1 
ATOM   95   C CA  . LEU A 1 43  ? -10.49543 -15.18847 4.08676   1.000 16.45028  ?  19  LEU A CA  1 
ATOM   96   C C   . LEU A 1 43  ? -9.53715  -14.02550 3.88523   1.000 16.03837  ?  19  LEU A C   1 
ATOM   97   O O   . LEU A 1 43  ? -9.61314  -13.02616 4.60981   1.000 17.06169  ?  19  LEU A O   1 
ATOM   98   C CB  . LEU A 1 43  ? -9.78930  -16.34280 4.80294   1.000 19.11753  ?  19  LEU A CB  1 
ATOM   99   C CG  . LEU A 1 43  ? -10.64289 -17.54313 5.21568   1.000 18.37345  ?  19  LEU A CG  1 
ATOM   100  C CD1 . LEU A 1 43  ? -9.72754  -18.67019 5.72667   1.000 21.38033  ?  19  LEU A CD1 1 
ATOM   101  C CD2 . LEU A 1 43  ? -11.60205 -17.09803 6.31716   1.000 22.14468  ?  19  LEU A CD2 1 
ATOM   102  N N   . LEU A 1 44  ? -8.65114  -14.12205 2.89171   1.000 16.99043  ?  20  LEU A N   1 
ATOM   103  C CA  . LEU A 1 44  ? -7.74121  -13.00529 2.61738   1.000 16.47222  ?  20  LEU A CA  1 
ATOM   104  C C   . LEU A 1 44  ? -8.50762  -11.76009 2.20617   1.000 16.77109  ?  20  LEU A C   1 
ATOM   105  O O   . LEU A 1 44  ? -8.18097  -10.63816 2.63830   1.000 16.97116  ?  20  LEU A O   1 
ATOM   106  C CB  . LEU A 1 44  ? -6.76080  -13.39268 1.51153   1.000 16.89244  ?  20  LEU A CB  1 
ATOM   107  C CG  . LEU A 1 44  ? -5.64339  -14.37174 1.87418   1.000 17.60771  ?  20  LEU A CG  1 
ATOM   108  C CD1 . LEU A 1 44  ? -4.97612  -14.88517 0.58374   1.000 19.58850  ?  20  LEU A CD1 1 
ATOM   109  C CD2 . LEU A 1 44  ? -4.63865  -13.71516 2.80633   1.000 19.37967  ?  20  LEU A CD2 1 
ATOM   110  N N   . ALA A 1 45  ? -9.53222  -11.92597 1.36282   1.000 14.72197  ?  21  ALA A N   1 
ATOM   111  C CA  . ALA A 1 45  ? -10.25272 -10.76448 0.86470   1.000 14.27115  ?  21  ALA A CA  1 
ATOM   112  C C   . ALA A 1 45  ? -11.00789 -10.05309 1.97058   1.000 16.04143  ?  21  ALA A C   1 
ATOM   113  O O   . ALA A 1 45  ? -11.00445 -8.82018  2.03589   1.000 15.52968  ?  21  ALA A O   1 
ATOM   114  C CB  . ALA A 1 45  ? -11.21108 -11.19539 -0.25946  1.000 16.53475  ?  21  ALA A CB  1 
ATOM   115  N N   . GLN A 1 46  ? -11.66524 -10.81515 2.85705   1.000 15.48209  ?  22  GLN A N   1 
ATOM   116  C CA  . GLN A 1 46  ? -12.40964 -10.17704 3.93828   1.000 15.10694  ?  22  GLN A CA  1 
ATOM   117  C C   . GLN A 1 46  ? -11.47676 -9.52239  4.94636   1.000 15.99611  ?  22  GLN A C   1 
ATOM   118  O O   . GLN A 1 46  ? -11.72281 -8.38626  5.37482   1.000 16.32285  ?  22  GLN A O   1 
ATOM   119  C CB  . GLN A 1 46  ? -13.27357 -11.21155 4.66081   1.000 16.00364  ?  22  GLN A CB  1 
ATOM   120  C CG  . GLN A 1 46  ? -14.41795 -11.76843 3.80379   1.000 16.38325  ?  22  GLN A CG  1 
ATOM   121  C CD  . GLN A 1 46  ? -14.99951 -13.00847 4.45157   1.000 19.04836  ?  22  GLN A CD  1 
ATOM   122  O OE1 . GLN A 1 46  ? -14.65504 -14.14603 4.07225   1.000 23.91280  ?  22  GLN A OE1 1 
ATOM   123  N NE2 . GLN A 1 46  ? -15.84138 -12.80562 5.45778   1.000 17.84559  ?  22  GLN A NE2 1 
ATOM   124  N N   . ALA A 1 47  ? -10.41640 -10.23397 5.36272   1.000 16.12023  ?  23  ALA A N   1 
ATOM   125  C CA  . ALA A 1 47  ? -9.47472  -9.63815  6.31587   1.000 14.86427  ?  23  ALA A CA  1 
ATOM   126  C C   . ALA A 1 47  ? -8.87708  -8.37120  5.73566   1.000 17.57301  ?  23  ALA A C   1 
ATOM   127  O O   . ALA A 1 47  ? -8.77609  -7.34887  6.42695   1.000 16.79343  ?  23  ALA A O   1 
ATOM   128  C CB  . ALA A 1 47  ? -8.35648  -10.61246 6.66362   1.000 18.38667  ?  23  ALA A CB  1 
ATOM   129  N N   . SER A 1 48  ? -8.50246  -8.41002  4.45628   1.000 15.04337  ?  24  SER A N   1 
ATOM   130  C CA  . SER A 1 48  ? -7.91917  -7.22595  3.83406   1.000 16.69737  ?  24  SER A CA  1 
ATOM   131  C C   . SER A 1 48  ? -8.92095  -6.07623  3.79191   1.000 17.46278  ?  24  SER A C   1 
ATOM   132  O O   . SER A 1 48  ? -8.59531  -4.93875  4.13841   1.000 16.80941  ?  24  SER A O   1 
ATOM   133  C CB  . SER A 1 48  ? -7.41576  -7.57769  2.43348   1.000 17.36920  ?  24  SER A CB  1 
ATOM   134  O OG  . SER A 1 48  ? -6.87065  -6.42236  1.79584   1.000 18.20588  ?  24  SER A OG  1 
ATOM   135  N N   . GLN A 1 49  ? -10.15194 -6.34728  3.35946   1.000 16.03491  ?  25  GLN A N   1 
ATOM   136  C CA  . GLN A 1 49  ? -11.13998 -5.27873  3.26942   1.000 15.75947  ?  25  GLN A CA  1 
ATOM   137  C C   . GLN A 1 49  ? -11.40805 -4.65596  4.62556   1.000 17.76711  ?  25  GLN A C   1 
ATOM   138  O O   . GLN A 1 49  ? -11.45492 -3.42734  4.76223   1.000 16.98760  ?  25  GLN A O   1 
ATOM   139  C CB  . GLN A 1 49  ? -12.42867 -5.84171  2.66459   1.000 17.16729  ?  25  GLN A CB  1 
ATOM   140  C CG  . GLN A 1 49  ? -13.50323 -4.80735  2.46739   1.000 20.25495  ?  25  GLN A CG  1 
ATOM   141  C CD  . GLN A 1 49  ? -14.39178 -4.62478  3.68222   1.000 26.53020  ?  25  GLN A CD  1 
ATOM   142  O OE1 . GLN A 1 49  ? -14.85609 -5.58882  4.29006   1.000 25.44705  ?  25  GLN A OE1 1 
ATOM   143  N NE2 . GLN A 1 49  ? -14.63736 -3.37616  4.03853   1.000 28.33602  ?  25  GLN A NE2 1 
ATOM   144  N N   . LEU A 1 50  ? -11.59556 -5.49229  5.64776   1.000 17.29001  ?  26  LEU A N   1 
ATOM   145  C CA  . LEU A 1 50  ? -11.97913 -4.98348  6.95663   1.000 17.66788  ?  26  LEU A CA  1 
ATOM   146  C C   . LEU A 1 50  ? -10.86154 -4.13181  7.55402   1.000 17.78477  ?  26  LEU A C   1 
ATOM   147  O O   . LEU A 1 50  ? -11.11279 -3.02779  8.05172   1.000 18.77186  ?  26  LEU A O   1 
ATOM   148  C CB  . LEU A 1 50  ? -12.34061 -6.16550  7.87409   1.000 17.19854  ?  26  LEU A CB  1 
ATOM   149  C CG  . LEU A 1 50  ? -13.64377 -6.86884  7.48753   1.000 17.72808  ?  26  LEU A CG  1 
ATOM   150  C CD1 . LEU A 1 50  ? -13.76472 -8.21375  8.23666   1.000 19.77185  ?  26  LEU A CD1 1 
ATOM   151  C CD2 . LEU A 1 50  ? -14.84455 -5.98323  7.76644   1.000 23.11061  ?  26  LEU A CD2 1 
ATOM   152  N N   A ILE A 1 51  ? -9.62912  -4.64171  7.50090   0.515 16.51605  ?  27  ILE A N   1 
ATOM   153  N N   B ILE A 1 51  ? -9.62241  -4.59864  7.49594   0.485 16.64179  ?  27  ILE A N   1 
ATOM   154  C CA  A ILE A 1 51  ? -8.48676  -3.95573  8.11116   0.515 17.56411  ?  27  ILE A CA  1 
ATOM   155  C CA  B ILE A 1 51  ? -8.57061  -3.82932  8.16181   0.485 17.50682  ?  27  ILE A CA  1 
ATOM   156  C C   A ILE A 1 51  ? -8.16906  -2.66489  7.36026   0.515 17.71317  ?  27  ILE A C   1 
ATOM   157  C C   B ILE A 1 51  ? -8.26392  -2.54538  7.39917   0.485 18.05939  ?  27  ILE A C   1 
ATOM   158  O O   A ILE A 1 51  ? -7.94365  -1.60907  7.97030   0.515 19.71555  ?  27  ILE A O   1 
ATOM   159  O O   B ILE A 1 51  ? -8.06356  -1.48158  8.00296   0.485 19.14126  ?  27  ILE A O   1 
ATOM   160  C CB  A ILE A 1 51  ? -7.27119  -4.90144  8.16069   0.515 17.85085  ?  27  ILE A CB  1 
ATOM   161  C CB  B ILE A 1 51  ? -7.32577  -4.70282  8.35134   0.485 17.53406  ?  27  ILE A CB  1 
ATOM   162  C CG1 A ILE A 1 51  ? -7.56007  -6.11412  9.05573   0.515 20.66238  ?  27  ILE A CG1 1 
ATOM   163  C CG1 B ILE A 1 51  ? -7.61197  -5.76458  9.40628   0.485 20.57119  ?  27  ILE A CG1 1 
ATOM   164  C CG2 A ILE A 1 51  ? -6.00234  -4.16868  8.65068   0.515 20.19718  ?  27  ILE A CG2 1 
ATOM   165  C CG2 B ILE A 1 51  ? -6.10339  -3.84069  8.72734   0.485 19.66623  ?  27  ILE A CG2 1 
ATOM   166  C CD1 A ILE A 1 51  ? -7.92769  -5.73243  10.45590  0.515 19.65421  ?  27  ILE A CD1 1 
ATOM   167  C CD1 B ILE A 1 51  ? -6.61475  -6.79649  9.41115   0.485 22.66684  ?  27  ILE A CD1 1 
ATOM   168  N N   A SER A 1 52  ? -8.11722  -2.72992  6.02732   0.744 17.16596  ?  28  SER A N   1 
ATOM   169  N N   B SER A 1 52  ? -8.20527  -2.61150  6.06781   0.256 17.19998  ?  28  SER A N   1 
ATOM   170  C CA  A SER A 1 52  ? -7.82131  -1.53056  5.24159   0.744 18.44383  ?  28  SER A CA  1 
ATOM   171  C CA  B SER A 1 52  ? -7.88278  -1.41112  5.29987   0.256 18.30818  ?  28  SER A CA  1 
ATOM   172  C C   A SER A 1 52  ? -8.90372  -0.47271  5.40185   0.744 17.38102  ?  28  SER A C   1 
ATOM   173  C C   B SER A 1 52  ? -9.03370  -0.41719  5.29870   0.256 17.56517  ?  28  SER A C   1 
ATOM   174  O O   A SER A 1 52  ? -8.59607  0.72079   5.52520   0.744 19.99316  ?  28  SER A O   1 
ATOM   175  O O   B SER A 1 52  ? -8.80485  0.79392   5.20277   0.256 18.94878  ?  28  SER A O   1 
ATOM   176  C CB  A SER A 1 52  ? -7.64379  -1.89356  3.76619   0.744 20.76046  ?  28  SER A CB  1 
ATOM   177  C CB  B SER A 1 52  ? -7.50355  -1.77908  3.86928   0.256 20.59327  ?  28  SER A CB  1 
ATOM   178  O OG  A SER A 1 52  ? -6.35568  -2.44759  3.52771   0.744 20.13843  ?  28  SER A OG  1 
ATOM   179  O OG  B SER A 1 52  ? -8.58405  -2.39976  3.21214   0.256 19.48215  ?  28  SER A OG  1 
ATOM   180  N N   A SER A 1 53  ? -10.17398 -0.88328  5.40333   0.469 17.56197  ?  29  SER A N   1 
ATOM   181  N N   B SER A 1 53  ? -10.27398 -0.89712  5.39417   0.297 17.63303  ?  29  SER A N   1 
ATOM   182  N N   C SER A 1 53  ? -10.14800 -0.94774  5.48314   0.234 17.52726  ?  29  SER A N   1 
ATOM   183  C CA  A SER A 1 53  ? -11.26284 0.08863   5.48041   0.469 18.39960  ?  29  SER A CA  1 
ATOM   184  C CA  B SER A 1 53  ? -11.39215 0.02915   5.52502   0.297 18.54509  ?  29  SER A CA  1 
ATOM   185  C CA  C SER A 1 53  ? -11.16665 0.09827   5.47015   0.234 18.49983  ?  29  SER A CA  1 
ATOM   186  C C   A SER A 1 53  ? -11.18228 0.91553   6.75874   0.469 18.08087  ?  29  SER A C   1 
ATOM   187  C C   B SER A 1 53  ? -11.23674 0.89298   6.76897   0.297 18.08319  ?  29  SER A C   1 
ATOM   188  C C   C SER A 1 53  ? -11.10120 0.93738   6.74159   0.234 18.14493  ?  29  SER A C   1 
ATOM   189  O O   A SER A 1 53  ? -11.48676 2.11485   6.74949   0.469 19.69292  ?  29  SER A O   1 
ATOM   190  O O   B SER A 1 53  ? -11.52853 2.09635   6.74138   0.297 19.75560  ?  29  SER A O   1 
ATOM   191  O O   C SER A 1 53  ? -11.35809 2.14137   6.70971   0.234 19.62971  ?  29  SER A O   1 
ATOM   192  C CB  A SER A 1 53  ? -12.60772 -0.62948  5.37160   0.469 19.95094  ?  29  SER A CB  1 
ATOM   193  C CB  B SER A 1 53  ? -12.71193 -0.73701  5.56548   0.297 19.91312  ?  29  SER A CB  1 
ATOM   194  C CB  C SER A 1 53  ? -12.55742 -0.51274  5.31180   0.234 20.25738  ?  29  SER A CB  1 
ATOM   195  O OG  A SER A 1 53  ? -12.86225 -0.99521  4.02692   0.469 19.53011  ?  29  SER A OG  1 
ATOM   196  O OG  B SER A 1 53  ? -13.78963 0.16537   5.74605   0.297 23.09271  ?  29  SER A OG  1 
ATOM   197  O OG  C SER A 1 53  ? -12.88020 -1.31589  6.42939   0.234 18.42315  ?  29  SER A OG  1 
ATOM   198  N N   . GLU A 1 54  ? -10.76607 0.29811   7.86569   1.000 18.79236  ?  30  GLU A N   1 
ATOM   199  C CA  . GLU A 1 54  ? -10.57635 1.04166   9.10825   1.000 20.19992  ?  30  GLU A CA  1 
ATOM   200  C C   . GLU A 1 54  ? -9.59955  2.19394   8.91396   1.000 20.84069  ?  30  GLU A C   1 
ATOM   201  O O   . GLU A 1 54  ? -9.86586  3.33124   9.32794   1.000 23.68032  ?  30  GLU A O   1 
ATOM   202  C CB  . GLU A 1 54  ? -10.06472 0.10574   10.21620  1.000 21.38634  ?  30  GLU A CB  1 
ATOM   203  C CG  . GLU A 1 54  ? -11.11392 -0.87740  10.69624  1.000 21.04335  ?  30  GLU A CG  1 
ATOM   204  C CD  . GLU A 1 54  ? -10.63932 -1.78072  11.81835  1.000 25.96195  ?  30  GLU A CD  1 
ATOM   205  O OE1 . GLU A 1 54  ? -9.46823  -1.67624  12.26070  1.000 25.66704  ?  30  GLU A OE1 1 
ATOM   206  O OE2 . GLU A 1 54  ? -11.47726 -2.60356  12.26065  1.000 26.52872  -1 30  GLU A OE2 1 
ATOM   207  N N   . PHE A 1 55  ? -8.43062  1.90491   8.33252   1.000 19.22824  ?  31  PHE A N   1 
ATOM   208  C CA  . PHE A 1 55  ? -7.44874  2.96639   8.21021   1.000 18.17644  ?  31  PHE A CA  1 
ATOM   209  C C   . PHE A 1 55  ? -7.78879  3.93473   7.08927   1.000 18.31051  ?  31  PHE A C   1 
ATOM   210  O O   . PHE A 1 55  ? -7.46946  5.13488   7.18968   1.000 19.07046  ?  31  PHE A O   1 
ATOM   211  C CB  . PHE A 1 55  ? -6.02999  2.43290   7.99147   1.000 19.95559  ?  31  PHE A CB  1 
ATOM   212  C CG  . PHE A 1 55  ? -5.01657  3.51000   8.20974   1.000 18.21720  ?  31  PHE A CG  1 
ATOM   213  C CD1 . PHE A 1 55  ? -4.80054  3.98475   9.49020   1.000 19.97836  ?  31  PHE A CD1 1 
ATOM   214  C CD2 . PHE A 1 55  ? -4.38349  4.13431   7.13755   1.000 21.47077  ?  31  PHE A CD2 1 
ATOM   215  C CE1 . PHE A 1 55  ? -3.93405  5.04206   9.71257   1.000 21.37713  ?  31  PHE A CE1 1 
ATOM   216  C CE2 . PHE A 1 55  ? -3.50217  5.18049   7.36185   1.000 20.26556  ?  31  PHE A CE2 1 
ATOM   217  C CZ  . PHE A 1 55  ? -3.28150  5.62717   8.64287   1.000 22.42372  ?  31  PHE A CZ  1 
ATOM   218  N N   . HIS A 1 56  ? -8.45911  3.46589   6.03366   1.000 18.66573  ?  32  HIS A N   1 
ATOM   219  C CA  . HIS A 1 56  ? -8.81932  4.38489   4.95931   1.000 18.49864  ?  32  HIS A CA  1 
ATOM   220  C C   . HIS A 1 56  ? -9.72639  5.50440   5.46043   1.000 19.11951  ?  32  HIS A C   1 
ATOM   221  O O   . HIS A 1 56  ? -9.68512  6.62097   4.92154   1.000 19.85621  ?  32  HIS A O   1 
ATOM   222  C CB  . HIS A 1 56  ? -9.46125  3.61595   3.81305   1.000 19.43654  ?  32  HIS A CB  1 
ATOM   223  C CG  . HIS A 1 56  ? -8.51411  2.69243   3.11655   1.000 20.52568  ?  32  HIS A CG  1 
ATOM   224  N ND1 . HIS A 1 56  ? -8.93899  1.77938   2.17478   1.000 26.59406  ?  32  HIS A ND1 1 
ATOM   225  C CD2 . HIS A 1 56  ? -7.17907  2.51333   3.24442   1.000 25.24882  ?  32  HIS A CD2 1 
ATOM   226  C CE1 . HIS A 1 56  ? -7.89961  1.09176   1.73929   1.000 24.87265  ?  32  HIS A CE1 1 
ATOM   227  N NE2 . HIS A 1 56  ? -6.82249  1.50938   2.37391   1.000 27.01914  ?  32  HIS A NE2 1 
ATOM   228  N N   A GLU A 1 57  ? -10.54117 5.24077   6.48677   0.578 20.08564  ?  33  GLU A N   1 
ATOM   229  N N   B GLU A 1 57  ? -10.53362 5.24084   6.49038   0.422 20.06641  ?  33  GLU A N   1 
ATOM   230  C CA  A GLU A 1 57  ? -11.34057 6.30328   7.09120   0.578 21.22713  ?  33  GLU A CA  1 
ATOM   231  C CA  B GLU A 1 57  ? -11.33983 6.29899   7.09141   0.422 21.26930  ?  33  GLU A CA  1 
ATOM   232  C C   A GLU A 1 57  ? -10.45010 7.37671   7.70359   0.578 20.53575  ?  33  GLU A C   1 
ATOM   233  C C   B GLU A 1 57  ? -10.45823 7.37363   7.71625   0.422 20.51384  ?  33  GLU A C   1 
ATOM   234  O O   A GLU A 1 57  ? -10.72753 8.57399   7.56701   0.578 22.03325  ?  33  GLU A O   1 
ATOM   235  O O   B GLU A 1 57  ? -10.74860 8.57058   7.59845   0.422 22.06442  ?  33  GLU A O   1 
ATOM   236  C CB  A GLU A 1 57  ? -12.29011 5.73062   8.14879   0.578 25.30858  ?  33  GLU A CB  1 
ATOM   237  C CB  B GLU A 1 57  ? -12.29436 5.70358   8.13079   0.422 25.34692  ?  33  GLU A CB  1 
ATOM   238  C CG  A GLU A 1 57  ? -13.18127 6.79355   8.80004   0.578 22.81482  ?  33  GLU A CG  1 
ATOM   239  C CG  B GLU A 1 57  ? -13.20706 4.63553   7.55708   0.422 26.96265  ?  33  GLU A CG  1 
ATOM   240  C CD  A GLU A 1 57  ? -14.32588 6.20295   9.59576   0.578 44.73534  ?  33  GLU A CD  1 
ATOM   241  C CD  B GLU A 1 57  ? -14.29460 4.18325   8.51725   0.422 39.52423  ?  33  GLU A CD  1 
ATOM   242  O OE1 A GLU A 1 57  ? -14.38805 6.44511   10.82096  0.578 50.10689  ?  33  GLU A OE1 1 
ATOM   243  O OE1 B GLU A 1 57  ? -14.32466 4.66652   9.66934   0.422 39.51725  ?  33  GLU A OE1 1 
ATOM   244  O OE2 A GLU A 1 57  ? -15.16352 5.49559   8.99298   0.578 46.40302  -1 33  GLU A OE2 1 
ATOM   245  O OE2 B GLU A 1 57  ? -15.12310 3.33718   8.11323   0.422 42.00612  -1 33  GLU A OE2 1 
ATOM   246  N N   . VAL A 1 58  ? -9.37060  6.96359   8.37687   1.000 21.07189  ?  34  VAL A N   1 
ATOM   247  C CA  . VAL A 1 58  ? -8.41487  7.92429   8.92178   1.000 19.53418  ?  34  VAL A CA  1 
ATOM   248  C C   . VAL A 1 58  ? -7.75886  8.70326   7.79834   1.000 22.59856  ?  34  VAL A C   1 
ATOM   249  O O   . VAL A 1 58  ? -7.60613  9.93303   7.87728   1.000 20.38698  ?  34  VAL A O   1 
ATOM   250  C CB  . VAL A 1 58  ? -7.37335  7.19872   9.79378   1.000 20.37595  ?  34  VAL A CB  1 
ATOM   251  C CG1 . VAL A 1 58  ? -6.37806  8.19105   10.37417  1.000 21.14462  ?  34  VAL A CG1 1 
ATOM   252  C CG2 . VAL A 1 58  ? -8.08262  6.45383   10.90488  1.000 21.91780  ?  34  VAL A CG2 1 
ATOM   253  N N   . ALA A 1 59  ? -7.35019  8.00762   6.73322   1.000 19.49173  ?  35  ALA A N   1 
ATOM   254  C CA  . ALA A 1 59  ? -6.69729  8.70473   5.63271   1.000 18.59634  ?  35  ALA A CA  1 
ATOM   255  C C   . ALA A 1 59  ? -7.59467  9.80491   5.06386   1.000 19.11999  ?  35  ALA A C   1 
ATOM   256  O O   . ALA A 1 59  ? -7.12704  10.92880  4.83190   1.000 19.23379  ?  35  ALA A O   1 
ATOM   257  C CB  . ALA A 1 59  ? -6.26649  7.71529   4.53985   1.000 19.21000  ?  35  ALA A CB  1 
ATOM   258  N N   A ARG A 1 60  ? -8.87440  9.50385   4.82514   0.424 19.36501  ?  36  ARG A N   1 
ATOM   259  N N   B ARG A 1 60  ? -8.88099  9.50977   4.84936   0.576 19.41131  ?  36  ARG A N   1 
ATOM   260  C CA  A ARG A 1 60  ? -9.76762  10.52602  4.28026   0.424 22.27822  ?  36  ARG A CA  1 
ATOM   261  C CA  B ARG A 1 60  ? -9.77425  10.51264  4.26863   0.576 22.27671  ?  36  ARG A CA  1 
ATOM   262  C C   A ARG A 1 60  ? -9.91309  11.69881  5.23664   0.424 24.45969  ?  36  ARG A C   1 
ATOM   263  C C   B ARG A 1 60  ? -10.00367 11.68026  5.22228   0.576 24.41692  ?  36  ARG A C   1 
ATOM   264  O O   A ARG A 1 60  ? -9.91481  12.86027  4.80931   0.424 21.77869  ?  36  ARG A O   1 
ATOM   265  O O   B ARG A 1 60  ? -10.14694 12.82495  4.77607   0.576 21.79333  ?  36  ARG A O   1 
ATOM   266  C CB  A ARG A 1 60  ? -11.14036 9.93351   3.96583   0.424 23.82740  ?  36  ARG A CB  1 
ATOM   267  C CB  B ARG A 1 60  ? -11.10773 9.87790   3.86175   0.576 23.71527  ?  36  ARG A CB  1 
ATOM   268  C CG  A ARG A 1 60  ? -11.09864 8.83527   2.94057   0.424 21.22849  ?  36  ARG A CG  1 
ATOM   269  C CG  B ARG A 1 60  ? -11.02805 9.02888   2.59947   0.576 22.29169  ?  36  ARG A CG  1 
ATOM   270  C CD  A ARG A 1 60  ? -12.48684 8.46723   2.46298   0.424 25.65816  ?  36  ARG A CD  1 
ATOM   271  C CD  B ARG A 1 60  ? -12.40624 8.53102   2.17048   0.576 25.29479  ?  36  ARG A CD  1 
ATOM   272  N NE  A ARG A 1 60  ? -12.44308 7.23575   1.68537   0.424 23.65971  ?  36  ARG A NE  1 
ATOM   273  N NE  B ARG A 1 60  ? -13.04477 7.72272   3.20798   0.576 27.17468  ?  36  ARG A NE  1 
ATOM   274  C CZ  A ARG A 1 60  ? -12.63000 6.02422   2.19842   0.424 28.31611  ?  36  ARG A CZ  1 
ATOM   275  C CZ  B ARG A 1 60  ? -13.05412 6.39089   3.23422   0.576 21.64452  ?  36  ARG A CZ  1 
ATOM   276  N NH1 A ARG A 1 60  ? -12.55974 4.95687   1.42013   0.424 26.61372  ?  36  ARG A NH1 1 
ATOM   277  N NH1 B ARG A 1 60  ? -13.65071 5.75748   4.23350   0.576 22.43079  ?  36  ARG A NH1 1 
ATOM   278  N NH2 A ARG A 1 60  ? -12.89713 5.87721   3.49010   0.424 23.52489  ?  36  ARG A NH2 1 
ATOM   279  N NH2 B ARG A 1 60  ? -12.46971 5.68881   2.26778   0.576 27.06896  ?  36  ARG A NH2 1 
ATOM   280  N N   . GLN A 1 61  ? -10.03810 11.41699  6.53863   1.000 20.69282  ?  37  GLN A N   1 
ATOM   281  C CA  . GLN A 1 61  ? -10.14779 12.50885  7.50163   1.000 23.63194  ?  37  GLN A CA  1 
ATOM   282  C C   . GLN A 1 61  ? -8.92512  13.41274  7.46722   1.000 23.64528  ?  37  GLN A C   1 
ATOM   283  O O   . GLN A 1 61  ? -9.00949  14.57283  7.88722   1.000 28.23582  ?  37  GLN A O   1 
ATOM   284  C CB  . GLN A 1 61  ? -10.34696 11.96900  8.91969   1.000 27.90797  ?  37  GLN A CB  1 
ATOM   285  C CG  . GLN A 1 61  ? -11.57084 11.08352  9.09664   1.000 34.84366  ?  37  GLN A CG  1 
ATOM   286  C CD  . GLN A 1 61  ? -12.79180 11.58303  8.34277   1.000 54.73031  ?  37  GLN A CD  1 
ATOM   287  O OE1 . GLN A 1 61  ? -13.13355 12.76710  8.39748   1.000 51.39848  ?  37  GLN A OE1 1 
ATOM   288  N NE2 . GLN A 1 61  ? -13.45825 10.67458  7.62696   1.000 54.37432  ?  37  GLN A NE2 1 
ATOM   289  N N   . HIS A 1 62  ? -7.78764  12.91856  6.98149   1.000 21.69736  ?  38  HIS A N   1 
ATOM   290  C CA  . HIS A 1 62  ? -6.57590  13.70741  6.81951   1.000 21.67632  ?  38  HIS A CA  1 
ATOM   291  C C   . HIS A 1 62  ? -6.38988  14.21328  5.39169   1.000 23.46000  ?  38  HIS A C   1 
ATOM   292  O O   . HIS A 1 62  ? -5.29006  14.64529  5.03545   1.000 27.22520  ?  38  HIS A O   1 
ATOM   293  C CB  . HIS A 1 62  ? -5.35775  12.90144  7.26909   1.000 24.68760  ?  38  HIS A CB  1 
ATOM   294  C CG  . HIS A 1 62  ? -5.27927  12.72788  8.75184   1.000 26.52377  ?  38  HIS A CG  1 
ATOM   295  N ND1 . HIS A 1 62  ? -6.09244  11.85648  9.44511   1.000 26.20263  ?  38  HIS A ND1 1 
ATOM   296  C CD2 . HIS A 1 62  ? -4.50106  13.33943  9.67946   1.000 28.75041  ?  38  HIS A CD2 1 
ATOM   297  C CE1 . HIS A 1 62  ? -5.81212  11.93005  10.73604  1.000 32.26532  ?  38  HIS A CE1 1 
ATOM   298  N NE2 . HIS A 1 62  ? -4.85595  12.82400  10.90409  1.000 36.11013  ?  38  HIS A NE2 1 
ATOM   299  N N   . GLY A 1 63  ? -7.43748  14.15152  4.56522   1.000 21.34491  ?  39  GLY A N   1 
ATOM   300  C CA  . GLY A 1 63  ? -7.42779  14.72270  3.22797   1.000 21.43471  ?  39  GLY A CA  1 
ATOM   301  C C   . GLY A 1 63  ? -6.89103  13.84083  2.11594   1.000 24.28575  ?  39  GLY A C   1 
ATOM   302  O O   . GLY A 1 63  ? -6.67338  14.33857  1.00576   1.000 27.08967  ?  39  GLY A O   1 
ATOM   303  N N   . PHE A 1 64  ? -6.68558  12.54927  2.35976   1.000 20.37765  ?  40  PHE A N   1 
ATOM   304  C CA  . PHE A 1 64  ? -6.16364  11.63290  1.35301   1.000 21.73050  ?  40  PHE A CA  1 
ATOM   305  C C   . PHE A 1 64  ? -7.25736  10.73460  0.81757   1.000 22.27604  ?  40  PHE A C   1 
ATOM   306  O O   . PHE A 1 64  ? -8.03668  10.17270  1.59052   1.000 22.22697  ?  40  PHE A O   1 
ATOM   307  C CB  . PHE A 1 64  ? -5.07842  10.70864  1.92676   1.000 22.10775  ?  40  PHE A CB  1 
ATOM   308  C CG  . PHE A 1 64  ? -3.76752  11.36998  2.13844   1.000 24.41803  ?  40  PHE A CG  1 
ATOM   309  C CD1 . PHE A 1 64  ? -3.58290  12.23766  3.19851   1.000 23.75764  ?  40  PHE A CD1 1 
ATOM   310  C CD2 . PHE A 1 64  ? -2.69927  11.08688  1.30061   1.000 29.85152  ?  40  PHE A CD2 1 
ATOM   311  C CE1 . PHE A 1 64  ? -2.34274  12.85775  3.41442   1.000 29.82467  ?  40  PHE A CE1 1 
ATOM   312  C CE2 . PHE A 1 64  ? -1.45993  11.69506  1.50488   1.000 36.62215  ?  40  PHE A CE2 1 
ATOM   313  C CZ  . PHE A 1 64  ? -1.28916  12.58644  2.56434   1.000 33.87493  ?  40  PHE A CZ  1 
ATOM   314  N N   . SER A 1 65  ? -7.26151  10.52583  -0.50023  1.000 21.71923  ?  41  SER A N   1 
ATOM   315  C CA  . SER A 1 65  ? -8.03846  9.42258   -1.03101  1.000 20.20577  ?  41  SER A CA  1 
ATOM   316  C C   . SER A 1 65  ? -7.30251  8.11380   -0.78356  1.000 19.63447  ?  41  SER A C   1 
ATOM   317  O O   . SER A 1 65  ? -6.10256  8.09941   -0.46689  1.000 21.41163  ?  41  SER A O   1 
ATOM   318  C CB  . SER A 1 65  ? -8.28589  9.59134   -2.53042  1.000 28.03762  ?  41  SER A CB  1 
ATOM   319  O OG  . SER A 1 65  ? -7.09928  9.29221   -3.25632  1.000 26.77409  ?  41  SER A OG  1 
ATOM   320  N N   . VAL A 1 66  ? -8.03250  7.00757   -0.93268  1.000 20.76923  ?  42  VAL A N   1 
ATOM   321  C CA  . VAL A 1 66  ? -7.41593  5.69461   -0.74666  1.000 19.09740  ?  42  VAL A CA  1 
ATOM   322  C C   . VAL A 1 66  ? -6.25430  5.51072   -1.71281  1.000 21.24770  ?  42  VAL A C   1 
ATOM   323  O O   . VAL A 1 66  ? -5.17557  5.03372   -1.33260  1.000 21.02295  ?  42  VAL A O   1 
ATOM   324  C CB  . VAL A 1 66  ? -8.45540  4.58062   -0.92431  1.000 19.63243  ?  42  VAL A CB  1 
ATOM   325  C CG1 . VAL A 1 66  ? -7.77074  3.20377   -0.97861  1.000 22.38727  ?  42  VAL A CG1 1 
ATOM   326  C CG2 . VAL A 1 66  ? -9.50258  4.64533   0.19217   1.000 27.14490  ?  42  VAL A CG2 1 
ATOM   327  N N   . SER A 1 67  ? -6.45704  5.87313   -2.98555  1.000 21.40933  ?  43  SER A N   1 
ATOM   328  C CA  . SER A 1 67  ? -5.39416  5.64580   -3.96063  1.000 21.02971  ?  43  SER A CA  1 
ATOM   329  C C   . SER A 1 67  ? -4.19755  6.55208   -3.69831  1.000 20.19519  ?  43  SER A C   1 
ATOM   330  O O   . SER A 1 67  ? -3.05046  6.11977   -3.85007  1.000 19.37563  ?  43  SER A O   1 
ATOM   331  C CB  . SER A 1 67  ? -5.93272  5.83867   -5.38119  1.000 25.04110  ?  43  SER A CB  1 
ATOM   332  O OG  . SER A 1 67  ? -6.85997  4.80348   -5.69818  1.000 31.26286  ?  43  SER A OG  1 
ATOM   333  N N   . GLU A 1 68  ? -4.43141  7.79429   -3.27791  1.000 19.64167  ?  44  GLU A N   1 
ATOM   334  C CA  . GLU A 1 68  ? -3.32333  8.68021   -2.93431  1.000 20.32374  ?  44  GLU A CA  1 
ATOM   335  C C   . GLU A 1 68  ? -2.51981  8.11678   -1.76998  1.000 18.95543  ?  44  GLU A C   1 
ATOM   336  O O   . GLU A 1 68  ? -1.28209  8.10358   -1.79739  1.000 20.51061  ?  44  GLU A O   1 
ATOM   337  C CB  . GLU A 1 68  ? -3.87265  10.06669  -2.59884  1.000 22.80340  ?  44  GLU A CB  1 
ATOM   338  C CG  . GLU A 1 68  ? -4.39249  10.81374  -3.83794  1.000 25.92065  ?  44  GLU A CG  1 
ATOM   339  C CD  . GLU A 1 68  ? -5.42535  11.90008  -3.52599  1.000 38.26350  ?  44  GLU A CD  1 
ATOM   340  O OE1 . GLU A 1 68  ? -5.69132  12.15975  -2.33424  1.000 31.06694  ?  44  GLU A OE1 1 
ATOM   341  O OE2 . GLU A 1 68  ? -5.98551  12.49124  -4.48097  1.000 41.22128  -1 44  GLU A OE2 1 
ATOM   342  N N   . TRP A 1 69  ? -3.21152  7.64638   -0.72801  1.000 18.13265  ?  45  TRP A N   1 
ATOM   343  C CA  . TRP A 1 69  ? -2.52001  7.04148   0.40989   1.000 18.78606  ?  45  TRP A CA  1 
ATOM   344  C C   . TRP A 1 69  ? -1.73417  5.80318   -0.01654  1.000 18.09155  ?  45  TRP A C   1 
ATOM   345  O O   . TRP A 1 69  ? -0.56960  5.65355   0.34432   1.000 17.24075  ?  45  TRP A O   1 
ATOM   346  C CB  . TRP A 1 69  ? -3.52665  6.71863   1.51306   1.000 19.05170  ?  45  TRP A CB  1 
ATOM   347  C CG  . TRP A 1 69  ? -3.09499  5.62322   2.44255   1.000 17.92409  ?  45  TRP A CG  1 
ATOM   348  C CD1 . TRP A 1 69  ? -3.64871  4.38659   2.55198   1.000 19.52826  ?  45  TRP A CD1 1 
ATOM   349  C CD2 . TRP A 1 69  ? -2.03415  5.66895   3.39587   1.000 17.98789  ?  45  TRP A CD2 1 
ATOM   350  N NE1 . TRP A 1 69  ? -2.99831  3.65235   3.51985   1.000 21.36728  ?  45  TRP A NE1 1 
ATOM   351  C CE2 . TRP A 1 69  ? -2.00125  4.42777   4.05363   1.000 18.11252  ?  45  TRP A CE2 1 
ATOM   352  C CE3 . TRP A 1 69  ? -1.11535  6.64790   3.76750   1.000 19.40876  ?  45  TRP A CE3 1 
ATOM   353  C CZ2 . TRP A 1 69  ? -1.07073  4.13450   5.04340   1.000 19.86399  ?  45  TRP A CZ2 1 
ATOM   354  C CZ3 . TRP A 1 69  ? -0.20887  6.35731   4.75321   1.000 20.07720  ?  45  TRP A CZ3 1 
ATOM   355  C CH2 . TRP A 1 69  ? -0.18810  5.11899   5.38415   1.000 20.77490  ?  45  TRP A CH2 1 
ATOM   356  N N   . ARG A 1 70  ? -2.33207  4.91930   -0.82400  1.000 17.34313  ?  46  ARG A N   1 
ATOM   357  C CA  . ARG A 1 70  ? -1.59787  3.72385   -1.24221  1.000 16.20679  ?  46  ARG A CA  1 
ATOM   358  C C   . ARG A 1 70  ? -0.32338  4.07804   -1.99544  1.000 18.11901  ?  46  ARG A C   1 
ATOM   359  O O   . ARG A 1 70  ? 0.72093   3.45611   -1.77038  1.000 17.64079  ?  46  ARG A O   1 
ATOM   360  C CB  . ARG A 1 70  ? -2.48052  2.82377   -2.10765  1.000 18.77730  ?  46  ARG A CB  1 
ATOM   361  C CG  . ARG A 1 70  ? -3.54186  2.08505   -1.29211  1.000 18.23881  ?  46  ARG A CG  1 
ATOM   362  C CD  . ARG A 1 70  ? -4.48872  1.33760   -2.21709  1.000 22.45160  ?  46  ARG A CD  1 
ATOM   363  N NE  . ARG A 1 70  ? -5.24949  0.36351   -1.45055  1.000 23.85050  ?  46  ARG A NE  1 
ATOM   364  C CZ  . ARG A 1 70  ? -6.30477  -0.28746  -1.91628  1.000 29.76520  ?  46  ARG A CZ  1 
ATOM   365  N NH1 . ARG A 1 70  ? -6.74828  -0.04706  -3.13771  1.000 30.70843  ?  46  ARG A NH1 1 
ATOM   366  N NH2 . ARG A 1 70  ? -6.91736  -1.16860  -1.13997  1.000 32.56673  ?  46  ARG A NH2 1 
ATOM   367  N N   . VAL A 1 71  ? -0.38859  5.06938   -2.88576  1.000 17.69498  ?  47  VAL A N   1 
ATOM   368  C CA  . VAL A 1 71  ? 0.79350   5.43821   -3.66383  1.000 19.35410  ?  47  VAL A CA  1 
ATOM   369  C C   . VAL A 1 71  ? 1.85582   6.04869   -2.75503  1.000 19.20958  ?  47  VAL A C   1 
ATOM   370  O O   . VAL A 1 71  ? 3.02624   5.64634   -2.78485  1.000 19.24975  ?  47  VAL A O   1 
ATOM   371  C CB  . VAL A 1 71  ? 0.41826   6.38764   -4.81829  1.000 17.86411  ?  47  VAL A CB  1 
ATOM   372  C CG1 . VAL A 1 71  ? 1.68622   7.06820   -5.36268  1.000 19.54535  ?  47  VAL A CG1 1 
ATOM   373  C CG2 . VAL A 1 71  ? -0.27366  5.61843   -5.91144  1.000 19.13448  ?  47  VAL A CG2 1 
ATOM   374  N N   . MET A 1 72  ? 1.45457   6.98515   -1.92521  1.000 18.79285  ?  48  MET A N   1 
ATOM   375  C CA  . MET A 1 72  ? 2.47072   7.64345   -1.07581  1.000 19.24052  ?  48  MET A CA  1 
ATOM   376  C C   . MET A 1 72  ? 3.07241   6.66268   -0.07650  1.000 20.89795  ?  48  MET A C   1 
ATOM   377  O O   . MET A 1 72  ? 4.23262   6.67511   0.07981   1.000 22.11252  ?  48  MET A O   1 
ATOM   378  C CB  . MET A 1 72  ? 1.91444   8.89765   -0.41088  1.000 22.98432  ?  48  MET A CB  1 
ATOM   379  C CG  . MET A 1 72  ? 1.83973   10.00122  -1.40461  1.000 30.45402  ?  48  MET A CG  1 
ATOM   380  S SD  . MET A 1 72  ? 1.70560   11.65342  -0.73445  1.000 34.25068  ?  48  MET A SD  1 
ATOM   381  C CE  . MET A 1 72  ? 0.01642   11.89542  -1.25045  1.000 44.48248  ?  48  MET A CE  1 
ATOM   382  N N   . ALA A 1 73  ? 2.24503   5.84867   0.55101   1.000 18.40775  ?  49  ALA A N   1 
ATOM   383  C CA  . ALA A 1 73  ? 2.75687   4.85278   1.48135   1.000 19.76193  ?  49  ALA A CA  1 
ATOM   384  C C   . ALA A 1 73  ? 3.69920   3.87587   0.78218   1.000 19.93183  ?  49  ALA A C   1 
ATOM   385  O O   . ALA A 1 73  ? 4.69120   3.43273   1.37442   1.000 22.48870  ?  49  ALA A O   1 
ATOM   386  C CB  . ALA A 1 73  ? 1.59137   4.09913   2.14168   1.000 22.27654  ?  49  ALA A CB  1 
ATOM   387  N N   . SER A 1 74  ? 3.39362   3.50899   -0.46305  1.000 19.05896  ?  50  SER A N   1 
ATOM   388  C CA  . SER A 1 74  ? 4.18124   2.51836   -1.18690  1.000 18.95942  ?  50  SER A CA  1 
ATOM   389  C C   . SER A 1 74  ? 5.49128   3.08493   -1.70358  1.000 20.69705  ?  50  SER A C   1 
ATOM   390  O O   . SER A 1 74  ? 6.43585   2.32104   -1.92112  1.000 23.94424  ?  50  SER A O   1 
ATOM   391  C CB  . SER A 1 74  ? 3.37544   1.96808   -2.35347  1.000 20.58604  ?  50  SER A CB  1 
ATOM   392  O OG  . SER A 1 74  ? 2.26077   1.21429   -1.87231  1.000 19.67421  ?  50  SER A OG  1 
ATOM   393  N N   . LEU A 1 75  ? 5.56197   4.40085   -1.90182  1.000 20.06029  ?  51  LEU A N   1 
ATOM   394  C CA  . LEU A 1 75  ? 6.80295   5.03782   -2.34606  1.000 21.63752  ?  51  LEU A CA  1 
ATOM   395  C C   . LEU A 1 75  ? 7.66154   5.53922   -1.19554  1.000 25.68493  ?  51  LEU A C   1 
ATOM   396  O O   . LEU A 1 75  ? 8.85870   5.78743   -1.39562  1.000 24.98250  ?  51  LEU A O   1 
ATOM   397  C CB  . LEU A 1 75  ? 6.46732   6.19271   -3.29952  1.000 18.28640  ?  51  LEU A CB  1 
ATOM   398  C CG  . LEU A 1 75  ? 5.86473   5.78278   -4.64998  1.000 21.36610  ?  51  LEU A CG  1 
ATOM   399  C CD1 . LEU A 1 75  ? 5.44028   6.96936   -5.49215  1.000 21.96272  ?  51  LEU A CD1 1 
ATOM   400  C CD2 . LEU A 1 75  ? 6.82631   4.86548   -5.41514  1.000 22.52821  ?  51  LEU A CD2 1 
ATOM   401  N N   . ALA A 1 76  ? 7.10055   5.68999   0.00163   1.000 22.28390  ?  52  ALA A N   1 
ATOM   402  C CA  . ALA A 1 76  ? 7.86377   6.23840   1.12317   1.000 25.60243  ?  52  ALA A CA  1 
ATOM   403  C C   . ALA A 1 76  ? 9.06783   5.36699   1.45048   1.000 25.99826  ?  52  ALA A C   1 
ATOM   404  O O   . ALA A 1 76  ? 8.94074   4.16535   1.70317   1.000 27.59267  ?  52  ALA A O   1 
ATOM   405  C CB  . ALA A 1 76  ? 6.97224   6.37955   2.35398   1.000 24.44709  ?  52  ALA A CB  1 
ATOM   406  N N   . GLY A 1 77  ? 10.24881  5.98424   1.46943   1.000 28.85315  ?  53  GLY A N   1 
ATOM   407  C CA  . GLY A 1 77  ? 11.44583  5.24072   1.78275   1.000 31.50167  ?  53  GLY A CA  1 
ATOM   408  C C   . GLY A 1 77  ? 11.94849  4.34556   0.68001   1.000 32.60762  ?  53  GLY A C   1 
ATOM   409  O O   . GLY A 1 77  ? 12.83052  3.51874   0.93656   1.000 37.44745  ?  53  GLY A O   1 
ATOM   410  N N   . SER A 1 78  ? 11.42414  4.48091   -0.53442  1.000 29.33763  ?  54  SER A N   1 
ATOM   411  C CA  . SER A 1 78  ? 11.77920  3.61638   -1.64743  1.000 27.92963  ?  54  SER A CA  1 
ATOM   412  C C   . SER A 1 78  ? 12.66189  4.35598   -2.64780  1.000 30.11813  ?  54  SER A C   1 
ATOM   413  O O   . SER A 1 78  ? 12.52724  5.56710   -2.84628  1.000 30.68182  ?  54  SER A O   1 
ATOM   414  C CB  . SER A 1 78  ? 10.51409  3.09684   -2.35306  1.000 30.02325  ?  54  SER A CB  1 
ATOM   415  O OG  . SER A 1 78  ? 10.81285  2.18757   -3.39104  1.000 29.99008  ?  54  SER A OG  1 
ATOM   416  N N   . GLU A 1 79  ? 13.56838  3.60589   -3.28415  1.000 32.23584  ?  55  GLU A N   1 
ATOM   417  C CA  . GLU A 1 79  ? 14.17715  4.05722   -4.52429  1.000 36.34753  ?  55  GLU A CA  1 
ATOM   418  C C   . GLU A 1 79  ? 13.09933  4.15334   -5.60121  1.000 34.63428  ?  55  GLU A C   1 
ATOM   419  O O   . GLU A 1 79  ? 12.01198  3.59456   -5.44407  1.000 33.45021  ?  55  GLU A O   1 
ATOM   420  C CB  . GLU A 1 79  ? 15.26380  3.08125   -4.96926  1.000 40.07198  ?  55  GLU A CB  1 
ATOM   421  C CG  . GLU A 1 79  ? 16.43810  2.94606   -4.01457  1.000 73.36521  ?  55  GLU A CG  1 
ATOM   422  C CD  . GLU A 1 79  ? 17.33597  4.16941   -4.01562  1.000 83.50490  ?  55  GLU A CD  1 
ATOM   423  O OE1 . GLU A 1 79  ? 17.77746  4.58356   -2.92208  1.000 83.26798  ?  55  GLU A OE1 1 
ATOM   424  O OE2 . GLU A 1 79  ? 17.59785  4.71700   -5.10990  1.000 76.63045  -1 55  GLU A OE2 1 
ATOM   425  N N   . PRO A 1 80  ? 13.37230  4.83728   -6.71410  1.000 30.13671  ?  56  PRO A N   1 
ATOM   426  C CA  . PRO A 1 80  ? 12.38084  4.88505   -7.79500  1.000 29.56830  ?  56  PRO A CA  1 
ATOM   427  C C   . PRO A 1 80  ? 12.04841  3.48446   -8.28492  1.000 29.11311  ?  56  PRO A C   1 
ATOM   428  O O   . PRO A 1 80  ? 12.92477  2.63144   -8.43514  1.000 31.53119  ?  56  PRO A O   1 
ATOM   429  C CB  . PRO A 1 80  ? 13.06989  5.71899   -8.87864  1.000 32.77197  ?  56  PRO A CB  1 
ATOM   430  C CG  . PRO A 1 80  ? 14.06360  6.53557   -8.13702  1.000 29.34827  ?  56  PRO A CG  1 
ATOM   431  C CD  . PRO A 1 80  ? 14.55220  5.66820   -7.01944  1.000 30.76751  ?  56  PRO A CD  1 
ATOM   432  N N   . ILE A 1 81  ? 10.75656  3.24680   -8.51457  1.000 25.84496  ?  57  ILE A N   1 
ATOM   433  C CA  . ILE A 1 81  ? 10.26359  1.96154   -8.98746  1.000 25.36221  ?  57  ILE A CA  1 
ATOM   434  C C   . ILE A 1 81  ? 9.45633   2.19386   -10.25830 1.000 22.71192  ?  57  ILE A C   1 
ATOM   435  O O   . ILE A 1 81  ? 9.01832   3.30661   -10.54671 1.000 24.94272  ?  57  ILE A O   1 
ATOM   436  C CB  . ILE A 1 81  ? 9.41427   1.22383   -7.91497  1.000 24.95400  ?  57  ILE A CB  1 
ATOM   437  C CG1 . ILE A 1 81  ? 8.15375   2.01556   -7.54392  1.000 25.77234  ?  57  ILE A CG1 1 
ATOM   438  C CG2 . ILE A 1 81  ? 10.23789  0.91242   -6.66899  1.000 27.66972  ?  57  ILE A CG2 1 
ATOM   439  C CD1 . ILE A 1 81  ? 7.24826   1.24106   -6.52057  1.000 24.61103  ?  57  ILE A CD1 1 
ATOM   440  N N   . SER A 1 82  ? 9.26973   1.12982   -11.03795 1.000 24.65918  ?  58  SER A N   1 
ATOM   441  C CA  . SER A 1 82  ? 8.54083   1.27607   -12.28967 1.000 24.07260  ?  58  SER A CA  1 
ATOM   442  C C   . SER A 1 82  ? 7.04256   1.45859   -12.02356 1.000 26.14533  ?  58  SER A C   1 
ATOM   443  O O   . SER A 1 82  ? 6.52942   1.08886   -10.96321 1.000 25.40616  ?  58  SER A O   1 
ATOM   444  C CB  . SER A 1 82  ? 8.76142   0.06590   -13.20231 1.000 28.50756  ?  58  SER A CB  1 
ATOM   445  O OG  . SER A 1 82  ? 8.03533   -1.07666  -12.76485 1.000 28.55107  ?  58  SER A OG  1 
ATOM   446  N N   . ILE A 1 83  ? 6.34416   2.03750   -13.00667 1.000 24.94337  ?  59  ILE A N   1 
ATOM   447  C CA  . ILE A 1 83  ? 4.88987   2.16109   -12.90719 1.000 24.41392  ?  59  ILE A CA  1 
ATOM   448  C C   . ILE A 1 83  ? 4.26015   0.79562   -12.68303 1.000 29.78782  ?  59  ILE A C   1 
ATOM   449  O O   . ILE A 1 83  ? 3.31973   0.65251   -11.89459 1.000 23.51521  ?  59  ILE A O   1 
ATOM   450  C CB  . ILE A 1 83  ? 4.30765   2.84300   -14.15910 1.000 28.67253  ?  59  ILE A CB  1 
ATOM   451  C CG1 . ILE A 1 83  ? 5.09007   4.10985   -14.49048 1.000 36.55787  ?  59  ILE A CG1 1 
ATOM   452  C CG2 . ILE A 1 83  ? 2.84583   3.19061   -13.94976 1.000 33.35527  ?  59  ILE A CG2 1 
ATOM   453  C CD1 . ILE A 1 83  ? 5.12916   5.08422   -13.36306 1.000 34.61889  ?  59  ILE A CD1 1 
ATOM   454  N N   . GLY A 1 84  ? 4.75672   -0.22647  -13.38116 1.000 25.69685  ?  60  GLY A N   1 
ATOM   455  C CA  . GLY A 1 84  ? 4.19488   -1.55753  -13.21306 1.000 27.80473  ?  60  GLY A CA  1 
ATOM   456  C C   . GLY A 1 84  ? 4.38754   -2.09631  -11.80871 1.000 24.50659  ?  60  GLY A C   1 
ATOM   457  O O   . GLY A 1 84  ? 3.48544   -2.73369  -11.24671 1.000 22.43446  ?  60  GLY A O   1 
ATOM   458  N N   . GLN A 1 85  ? 5.56821   -1.87404  -11.22603 1.000 22.02502  ?  61  GLN A N   1 
ATOM   459  C CA  . GLN A 1 85  ? 5.78846   -2.26823  -9.83922  1.000 22.76444  ?  61  GLN A CA  1 
ATOM   460  C C   . GLN A 1 85  ? 4.84810   -1.51481  -8.91172  1.000 19.78079  ?  61  GLN A C   1 
ATOM   461  O O   . GLN A 1 85  ? 4.29700   -2.10000  -7.97462  1.000 21.02365  ?  61  GLN A O   1 
ATOM   462  C CB  . GLN A 1 85  ? 7.24514   -2.02842  -9.42387  1.000 22.16422  ?  61  GLN A CB  1 
ATOM   463  C CG  . GLN A 1 85  ? 8.25561   -2.94931  -10.08885 1.000 30.80871  ?  61  GLN A CG  1 
ATOM   464  C CD  . GLN A 1 85  ? 9.68197   -2.56876  -9.74165  1.000 37.10095  ?  61  GLN A CD  1 
ATOM   465  O OE1 . GLN A 1 85  ? 10.16033  -1.49295  -10.11299 1.000 33.81401  ?  61  GLN A OE1 1 
ATOM   466  N NE2 . GLN A 1 85  ? 10.36272  -3.43698  -9.00991  1.000 46.59057  ?  61  GLN A NE2 1 
ATOM   467  N N   . LEU A 1 86  ? 4.68138   -0.20760  -9.13380  1.000 20.53339  ?  62  LEU A N   1 
ATOM   468  C CA  . LEU A 1 86  ? 3.77909   0.56867   -8.28874  1.000 18.95884  ?  62  LEU A CA  1 
ATOM   469  C C   . LEU A 1 86  ? 2.34818   0.05778   -8.39148  1.000 17.23276  ?  62  LEU A C   1 
ATOM   470  O O   . LEU A 1 86  ? 1.65200   -0.03901  -7.37456  1.000 18.39618  ?  62  LEU A O   1 
ATOM   471  C CB  . LEU A 1 86  ? 3.84315   2.04626   -8.67317  1.000 19.43794  ?  62  LEU A CB  1 
ATOM   472  C CG  . LEU A 1 86  ? 2.95772   2.97311   -7.82439  1.000 19.32209  ?  62  LEU A CG  1 
ATOM   473  C CD1 . LEU A 1 86  ? 3.39807   2.98552   -6.37636  1.000 19.18010  ?  62  LEU A CD1 1 
ATOM   474  C CD2 . LEU A 1 86  ? 2.96883   4.38617   -8.39343  1.000 21.58706  ?  62  LEU A CD2 1 
ATOM   475  N N   . ALA A 1 87  ? 1.89521   -0.28973  -9.59859  1.000 18.71595  ?  63  ALA A N   1 
ATOM   476  C CA  . ALA A 1 87  ? 0.53630   -0.80869  -9.76319  1.000 18.71484  ?  63  ALA A CA  1 
ATOM   477  C C   . ALA A 1 87  ? 0.35298   -2.10475  -8.98458  1.000 20.96879  ?  63  ALA A C   1 
ATOM   478  O O   . ALA A 1 87  ? -0.70016  -2.33566  -8.36715  1.000 19.49812  ?  63  ALA A O   1 
ATOM   479  C CB  . ALA A 1 87  ? 0.22752   -1.02661  -11.25032 1.000 19.85943  ?  63  ALA A CB  1 
ATOM   480  N N   . GLN A 1 88  ? 1.37281   -2.96249  -8.98077  1.000 18.57623  ?  64  GLN A N   1 
ATOM   481  C CA  . GLN A 1 88  ? 1.26478   -4.21522  -8.24039  1.000 20.43097  ?  64  GLN A CA  1 
ATOM   482  C C   . GLN A 1 88  ? 1.16864   -3.96943  -6.73602  1.000 18.54630  ?  64  GLN A C   1 
ATOM   483  O O   . GLN A 1 88  ? 0.25491   -4.47879  -6.07327  1.000 19.18285  ?  64  GLN A O   1 
ATOM   484  C CB  . GLN A 1 88  ? 2.44069   -5.13660  -8.59436  1.000 21.71292  ?  64  GLN A CB  1 
ATOM   485  C CG  . GLN A 1 88  ? 2.37212   -6.51523  -7.87823  1.000 21.40402  ?  64  GLN A CG  1 
ATOM   486  C CD  . GLN A 1 88  ? 3.07704   -6.51843  -6.52292  1.000 23.58353  ?  64  GLN A CD  1 
ATOM   487  O OE1 . GLN A 1 88  ? 4.21402   -6.05104  -6.42008  1.000 26.20884  ?  64  GLN A OE1 1 
ATOM   488  N NE2 . GLN A 1 88  ? 2.41551   -7.04606  -5.47501  1.000 22.05973  ?  64  GLN A NE2 1 
ATOM   489  N N   A VAL A 1 89  ? 2.08178   -3.17021  -6.17122  0.644 16.61376  ?  65  VAL A N   1 
ATOM   490  N N   B VAL A 1 89  ? 2.09608   -3.19710  -6.17537  0.356 16.48734  ?  65  VAL A N   1 
ATOM   491  C CA  A VAL A 1 89  ? 2.12476   -3.01498  -4.71641  0.644 17.11826  ?  65  VAL A CA  1 
ATOM   492  C CA  B VAL A 1 89  ? 2.11009   -3.01418  -4.72926  0.356 17.09347  ?  65  VAL A CA  1 
ATOM   493  C C   A VAL A 1 89  ? 0.92033   -2.23047  -4.19830  0.644 17.56090  ?  65  VAL A C   1 
ATOM   494  C C   B VAL A 1 89  ? 0.83064   -2.33376  -4.26020  0.356 17.52639  ?  65  VAL A C   1 
ATOM   495  O O   A VAL A 1 89  ? 0.49632   -2.43010  -3.04800  0.644 18.74120  ?  65  VAL A O   1 
ATOM   496  O O   B VAL A 1 89  ? 0.26663   -2.70227  -3.22039  0.356 18.47602  ?  65  VAL A O   1 
ATOM   497  C CB  A VAL A 1 89  ? 3.46535   -2.38087  -4.27226  0.644 18.42588  ?  65  VAL A CB  1 
ATOM   498  C CB  B VAL A 1 89  ? 3.36986   -2.24031  -4.30350  0.356 18.24942  ?  65  VAL A CB  1 
ATOM   499  C CG1 A VAL A 1 89  ? 3.62611   -0.95283  -4.78385  0.644 19.00246  ?  65  VAL A CG1 1 
ATOM   500  C CG1 B VAL A 1 89  ? 3.36707   -1.99951  -2.80341  0.356 20.30651  ?  65  VAL A CG1 1 
ATOM   501  C CG2 A VAL A 1 89  ? 3.62100   -2.44272  -2.77231  0.644 20.01101  ?  65  VAL A CG2 1 
ATOM   502  C CG2 B VAL A 1 89  ? 4.61258   -3.01370  -4.74029  0.356 18.83855  ?  65  VAL A CG2 1 
ATOM   503  N N   . THR A 1 90  ? 0.33748   -1.35467  -5.02374  1.000 16.80218  ?  66  THR A N   1 
ATOM   504  C CA  . THR A 1 90  ? -0.86114  -0.60282  -4.65058  1.000 17.23036  ?  66  THR A CA  1 
ATOM   505  C C   . THR A 1 90  ? -2.15197  -1.28297  -5.06733  1.000 19.05593  ?  66  THR A C   1 
ATOM   506  O O   . THR A 1 90  ? -3.21686  -0.67959  -4.89821  1.000 20.73855  ?  66  THR A O   1 
ATOM   507  C CB  . THR A 1 90  ? -0.87294  0.81355   -5.26101  1.000 16.77771  ?  66  THR A CB  1 
ATOM   508  O OG1 . THR A 1 90  ? -0.94471  0.76498   -6.69383  1.000 17.97037  ?  66  THR A OG1 1 
ATOM   509  C CG2 . THR A 1 90  ? 0.36727   1.59698   -4.82416  1.000 17.86313  ?  66  THR A CG2 1 
ATOM   510  N N   A VAL A 1 91  ? -2.08151  -2.50792  -5.61692  0.825 17.21038  ?  67  VAL A N   1 
ATOM   511  N N   B VAL A 1 91  ? -2.08319  -2.49709  -5.61363  0.175 17.18195  ?  67  VAL A N   1 
ATOM   512  C CA  A VAL A 1 91  ? -3.22292  -3.29129  -6.12865  0.825 17.00087  ?  67  VAL A CA  1 
ATOM   513  C CA  B VAL A 1 91  ? -3.26982  -3.22832  -6.04727  0.175 17.12690  ?  67  VAL A CA  1 
ATOM   514  C C   A VAL A 1 91  ? -4.17911  -2.41488  -6.93283  0.825 21.35202  ?  67  VAL A C   1 
ATOM   515  C C   B VAL A 1 91  ? -4.18226  -2.29602  -6.83438  0.175 21.47282  ?  67  VAL A C   1 
ATOM   516  O O   A VAL A 1 91  ? -5.40860  -2.52263  -6.80889  0.825 21.93458  ?  67  VAL A O   1 
ATOM   517  O O   B VAL A 1 91  ? -5.38642  -2.21308  -6.56438  0.175 21.97258  ?  67  VAL A O   1 
ATOM   518  C CB  A VAL A 1 91  ? -3.96527  -4.05486  -5.00307  0.825 17.54475  ?  67  VAL A CB  1 
ATOM   519  C CB  B VAL A 1 91  ? -4.00973  -3.84484  -4.84690  0.175 17.32720  ?  67  VAL A CB  1 
ATOM   520  C CG1 A VAL A 1 91  ? -3.05089  -5.11703  -4.39904  0.825 19.80538  ?  67  VAL A CG1 1 
ATOM   521  C CG1 B VAL A 1 91  ? -4.98780  -4.89528  -5.32123  0.175 21.04584  ?  67  VAL A CG1 1 
ATOM   522  C CG2 A VAL A 1 91  ? -4.53879  -3.13093  -3.93032  0.825 19.96584  ?  67  VAL A CG2 1 
ATOM   523  C CG2 B VAL A 1 91  ? -3.01925  -4.43998  -3.85907  0.175 14.12120  ?  67  VAL A CG2 1 
ATOM   524  N N   . THR A 1 92  ? -3.61314  -1.57889  -7.80393  1.000 19.18583  ?  68  THR A N   1 
ATOM   525  C CA  . THR A 1 92  ? -4.36276  -0.65080  -8.63958  1.000 20.10553  ?  68  THR A CA  1 
ATOM   526  C C   . THR A 1 92  ? -3.99843  -0.90075  -10.09636 1.000 24.56964  ?  68  THR A C   1 
ATOM   527  O O   . THR A 1 92  ? -2.82731  -1.10716  -10.41526 1.000 27.94242  ?  68  THR A O   1 
ATOM   528  C CB  . THR A 1 92  ? -4.04528  0.79920   -8.21896  1.000 23.72298  ?  68  THR A CB  1 
ATOM   529  O OG1 . THR A 1 92  ? -4.39347  0.98418   -6.83902  1.000 27.33256  ?  68  THR A OG1 1 
ATOM   530  C CG2 . THR A 1 92  ? -4.82882  1.81711   -9.06701  1.000 29.21731  ?  68  THR A CG2 1 
ATOM   531  N N   . LYS A 1 93  ? -4.99380  -0.89188  -10.98849 1.000 24.64541  ?  69  LYS A N   1 
ATOM   532  C CA  . LYS A 1 93  ? -4.71058  -1.12635  -12.39915 1.000 23.73446  ?  69  LYS A CA  1 
ATOM   533  C C   . LYS A 1 93  ? -3.77505  -0.05377  -12.94260 1.000 25.21881  ?  69  LYS A C   1 
ATOM   534  O O   . LYS A 1 93  ? -3.84074  1.11380   -12.54858 1.000 24.60044  ?  69  LYS A O   1 
ATOM   535  C CB  . LYS A 1 93  ? -6.00822  -1.14211  -13.21694 1.000 29.08552  ?  69  LYS A CB  1 
ATOM   536  C CG  . LYS A 1 93  ? -6.83963  -2.40947  -13.02486 1.000 36.87993  ?  69  LYS A CG  1 
ATOM   537  C CD  . LYS A 1 93  ? -6.17525  -3.60965  -13.69234 1.000 75.66365  ?  69  LYS A CD  1 
ATOM   538  C CE  . LYS A 1 93  ? -6.92887  -4.03049  -14.95040 1.000 79.23886  ?  69  LYS A CE  1 
ATOM   539  N NZ  . LYS A 1 93  ? -6.16829  -5.01555  -15.77225 1.000 57.21017  ?  69  LYS A NZ  1 
ATOM   540  N N   . GLN A 1 94  ? -2.91026  -0.45135  -13.87264 1.000 25.84617  ?  70  GLN A N   1 
ATOM   541  C CA  . GLN A 1 94  ? -1.86648  0.47019   -14.31286 1.000 27.68675  ?  70  GLN A CA  1 
ATOM   542  C C   . GLN A 1 94  ? -2.41386  1.71113   -15.00518 1.000 26.15867  ?  70  GLN A C   1 
ATOM   543  O O   . GLN A 1 94  ? -1.90299  2.80968   -14.72765 1.000 25.80644  ?  70  GLN A O   1 
ATOM   544  C CB  . GLN A 1 94  ? -0.86168  -0.24262  -15.21720 1.000 30.00342  ?  70  GLN A CB  1 
ATOM   545  C CG  . GLN A 1 94  ? 0.30154   0.66073   -15.61925 1.000 40.50033  ?  70  GLN A CG  1 
ATOM   546  C CD  . GLN A 1 94  ? 1.53936   -0.11350  -16.03301 1.000 50.25450  ?  70  GLN A CD  1 
ATOM   547  O OE1 . GLN A 1 94  ? 1.60712   -1.32807  -15.85637 1.000 44.45235  ?  70  GLN A OE1 1 
ATOM   548  N NE2 . GLN A 1 94  ? 2.52955   0.59064   -16.58172 1.000 51.53800  ?  70  GLN A NE2 1 
ATOM   549  N N   . PRO A 1 95  ? -3.41867  1.63318   -15.87713 1.000 25.82759  ?  71  PRO A N   1 
ATOM   550  C CA  . PRO A 1 95  ? -3.98210  2.87900   -16.43247 1.000 25.54188  ?  71  PRO A CA  1 
ATOM   551  C C   . PRO A 1 95  ? -4.54115  3.80544   -15.36845 1.000 25.77660  ?  71  PRO A C   1 
ATOM   552  O O   . PRO A 1 95  ? -4.42294  5.03263   -15.49569 1.000 25.09114  ?  71  PRO A O   1 
ATOM   553  C CB  . PRO A 1 95  ? -5.07473  2.37388   -17.38564 1.000 26.50759  ?  71  PRO A CB  1 
ATOM   554  C CG  . PRO A 1 95  ? -4.68683  0.96243   -17.71069 1.000 29.88022  ?  71  PRO A CG  1 
ATOM   555  C CD  . PRO A 1 95  ? -4.01610  0.42480   -16.47185 1.000 28.08022  ?  71  PRO A CD  1 
ATOM   556  N N   . THR A 1 96  ? -5.14703  3.24927   -14.31275 1.000 23.22903  ?  72  THR A N   1 
ATOM   557  C CA  . THR A 1 96  ? -5.60924  4.06553   -13.19738 1.000 22.17304  ?  72  THR A CA  1 
ATOM   558  C C   . THR A 1 96  ? -4.44114  4.72802   -12.47491 1.000 22.73763  ?  72  THR A C   1 
ATOM   559  O O   . THR A 1 96  ? -4.50727  5.91472   -12.12974 1.000 22.42337  ?  72  THR A O   1 
ATOM   560  C CB  . THR A 1 96  ? -6.42227  3.20283   -12.23546 1.000 25.69735  ?  72  THR A CB  1 
ATOM   561  O OG1 . THR A 1 96  ? -7.55402  2.65987   -12.94751 1.000 28.50335  ?  72  THR A OG1 1 
ATOM   562  C CG2 . THR A 1 96  ? -6.89560  4.03383   -11.05826 1.000 26.07408  ?  72  THR A CG2 1 
ATOM   563  N N   . VAL A 1 97  ? -3.36386  3.97343   -12.23819 1.000 22.69990  ?  73  VAL A N   1 
ATOM   564  C CA  . VAL A 1 97  ? -2.16976  4.53563   -11.60555 1.000 22.16206  ?  73  VAL A CA  1 
ATOM   565  C C   . VAL A 1 97  ? -1.61129  5.67845   -12.43903 1.000 21.50961  ?  73  VAL A C   1 
ATOM   566  O O   . VAL A 1 97  ? -1.21669  6.71679   -11.89893 1.000 21.72147  ?  73  VAL A O   1 
ATOM   567  C CB  . VAL A 1 97  ? -1.10705  3.43779   -11.38386 1.000 22.66761  ?  73  VAL A CB  1 
ATOM   568  C CG1 . VAL A 1 97  ? 0.19925   4.05006   -10.89629 1.000 26.76833  ?  73  VAL A CG1 1 
ATOM   569  C CG2 . VAL A 1 97  ? -1.60947  2.40330   -10.36736 1.000 23.32731  ?  73  VAL A CG2 1 
ATOM   570  N N   . THR A 1 98  ? -1.54567  5.50656   -13.76116 1.000 23.56687  ?  74  THR A N   1 
ATOM   571  C CA  . THR A 1 98  ? -0.98620  6.56864   -14.60006 1.000 26.09230  ?  74  THR A CA  1 
ATOM   572  C C   . THR A 1 98  ? -1.78310  7.86489   -14.46516 1.000 22.43549  ?  74  THR A C   1 
ATOM   573  O O   . THR A 1 98  ? -1.20526  8.93962   -14.27218 1.000 23.39562  ?  74  THR A O   1 
ATOM   574  C CB  . THR A 1 98  ? -0.91605  6.10787   -16.05103 1.000 30.31332  ?  74  THR A CB  1 
ATOM   575  O OG1 . THR A 1 98  ? 0.02318   5.03094   -16.13685 1.000 36.23757  ?  74  THR A OG1 1 
ATOM   576  C CG2 . THR A 1 98  ? -0.46273  7.25134   -16.95394 1.000 34.21159  ?  74  THR A CG2 1 
ATOM   577  N N   . ARG A 1 99  ? -3.11668  7.77735   -14.51120 1.000 21.48514  ?  75  ARG A N   1 
ATOM   578  C CA  . ARG A 1 99  ? -3.94374  8.97772   -14.34082 1.000 22.01112  ?  75  ARG A CA  1 
ATOM   579  C C   . ARG A 1 99  ? -3.76836  9.58393   -12.94993 1.000 21.82280  ?  75  ARG A C   1 
ATOM   580  O O   . ARG A 1 99  ? -3.71784  10.81626  -12.79735 1.000 22.61044  ?  75  ARG A O   1 
ATOM   581  C CB  . ARG A 1 99  ? -5.40904  8.63521   -14.61501 1.000 23.65206  ?  75  ARG A CB  1 
ATOM   582  C CG  . ARG A 1 99  ? -5.69162  8.46218   -16.09554 1.000 28.43610  ?  75  ARG A CG  1 
ATOM   583  C CD  . ARG A 1 99  ? -7.17035  8.25953   -16.36502 1.000 40.20885  ?  75  ARG A CD  1 
ATOM   584  N NE  . ARG A 1 99  ? -7.63521  6.96515   -15.88704 1.000 48.98825  ?  75  ARG A NE  1 
ATOM   585  C CZ  . ARG A 1 99  ? -7.56260  5.84387   -16.59671 1.000 60.97101  ?  75  ARG A CZ  1 
ATOM   586  N NH1 . ARG A 1 99  ? -7.03813  5.86716   -17.81811 1.000 48.11566  ?  75  ARG A NH1 1 
ATOM   587  N NH2 . ARG A 1 99  ? -8.01109  4.70366   -16.08824 1.000 51.20969  ?  75  ARG A NH2 1 
ATOM   588  N N   . LEU A 1 100 ? -3.66381  8.73145   -11.92601 1.000 21.02905  ?  76  LEU A N   1 
ATOM   589  C CA  . LEU A 1 100 ? -3.39740  9.19508   -10.57026 1.000 19.49013  ?  76  LEU A CA  1 
ATOM   590  C C   . LEU A 1 100 ? -2.07414  9.94020   -10.49024 1.000 19.52025  ?  76  LEU A C   1 
ATOM   591  O O   . LEU A 1 100 ? -1.99006  11.01947  -9.89705  1.000 22.06116  ?  76  LEU A O   1 
ATOM   592  C CB  . LEU A 1 100 ? -3.39408  7.98662   -9.62596  1.000 21.11783  ?  76  LEU A CB  1 
ATOM   593  C CG  . LEU A 1 100 ? -3.05624  8.25561   -8.16745  1.000 24.66556  ?  76  LEU A CG  1 
ATOM   594  C CD1 . LEU A 1 100 ? -4.02765  9.25596   -7.54712  1.000 27.56761  ?  76  LEU A CD1 1 
ATOM   595  C CD2 . LEU A 1 100 ? -3.09160  6.93937   -7.41732  1.000 29.49181  ?  76  LEU A CD2 1 
ATOM   596  N N   . LEU A 1 101 ? -1.02315  9.37473   -11.08409 1.000 21.79162  ?  77  LEU A N   1 
ATOM   597  C CA  . LEU A 1 101 ? 0.26710   10.04291  -11.04511 1.000 20.38518  ?  77  LEU A CA  1 
ATOM   598  C C   . LEU A 1 101 ? 0.23754   11.36020  -11.81299 1.000 19.71778  ?  77  LEU A C   1 
ATOM   599  O O   . LEU A 1 101 ? 0.93864   12.29600  -11.43390 1.000 22.85136  ?  77  LEU A O   1 
ATOM   600  C CB  . LEU A 1 101 ? 1.35193   9.13337   -11.60807 1.000 21.24879  ?  77  LEU A CB  1 
ATOM   601  C CG  . LEU A 1 101 ? 1.65238   7.86672   -10.81022 1.000 23.10420  ?  77  LEU A CG  1 
ATOM   602  C CD1 . LEU A 1 101 ? 2.72542   7.06998   -11.51757 1.000 23.94578  ?  77  LEU A CD1 1 
ATOM   603  C CD2 . LEU A 1 101 ? 2.06904   8.17880   -9.37430  1.000 21.57911  ?  77  LEU A CD2 1 
ATOM   604  N N   . ASP A 1 102 ? -0.56198  11.45534  -12.87800 1.000 20.11378  ?  78  ASP A N   1 
ATOM   605  C CA  . ASP A 1 102 ? -0.68323  12.74158  -13.56719 1.000 24.25478  ?  78  ASP A CA  1 
ATOM   606  C C   . ASP A 1 102 ? -1.07680  13.85008  -12.58696 1.000 22.78498  ?  78  ASP A C   1 
ATOM   607  O O   . ASP A 1 102 ? -0.45347  14.92159  -12.54718 1.000 23.82688  ?  78  ASP A O   1 
ATOM   608  C CB  . ASP A 1 102 ? -1.69331  12.64249  -14.71506 1.000 21.49364  ?  78  ASP A CB  1 
ATOM   609  C CG  . ASP A 1 102 ? -1.16204  11.85698  -15.91694 1.000 26.98287  ?  78  ASP A CG  1 
ATOM   610  O OD1 . ASP A 1 102 ? 0.06621   11.68094  -16.02181 1.000 29.88451  ?  78  ASP A OD1 1 
ATOM   611  O OD2 . ASP A 1 102 ? -1.98294  11.43127  -16.76706 1.000 33.97821  -1 78  ASP A OD2 1 
ATOM   612  N N   A ARG A 1 103 ? -2.10591  13.61418  -11.77146 0.603 20.82172  ?  79  ARG A N   1 
ATOM   613  N N   B ARG A 1 103 ? -2.09686  13.60283  -11.76383 0.397 20.80249  ?  79  ARG A N   1 
ATOM   614  C CA  A ARG A 1 103 ? -2.50562  14.68080  -10.86128 0.603 23.72789  ?  79  ARG A CA  1 
ATOM   615  C CA  B ARG A 1 103 ? -2.52565  14.65661  -10.85239 0.397 23.68218  ?  79  ARG A CA  1 
ATOM   616  C C   A ARG A 1 103 ? -1.59795  14.78193  -9.63544  0.603 22.00279  ?  79  ARG A C   1 
ATOM   617  C C   B ARG A 1 103 ? -1.61898  14.77404  -9.62812  0.397 22.09622  ?  79  ARG A C   1 
ATOM   618  O O   A ARG A 1 103 ? -1.37096  15.88789  -9.14517  0.603 22.64392  ?  79  ARG A O   1 
ATOM   619  O O   B ARG A 1 103 ? -1.40968  15.88617  -9.13588  0.397 22.59692  ?  79  ARG A O   1 
ATOM   620  C CB  A ARG A 1 103 ? -3.97051  14.52897  -10.44866 0.603 26.56178  ?  79  ARG A CB  1 
ATOM   621  C CB  B ARG A 1 103 ? -3.98833  14.45352  -10.44277 0.397 26.56801  ?  79  ARG A CB  1 
ATOM   622  C CG  A ARG A 1 103 ? -4.41594  13.13150  -10.09354 0.603 31.20358  ?  79  ARG A CG  1 
ATOM   623  C CG  B ARG A 1 103 ? -4.30180  13.18157  -9.67809  0.397 29.62100  ?  79  ARG A CG  1 
ATOM   624  C CD  A ARG A 1 103 ? -5.93090  13.14163  -9.89874  0.603 25.49466  ?  79  ARG A CD  1 
ATOM   625  C CD  B ARG A 1 103 ? -5.81150  13.10150  -9.41863  0.397 28.55325  ?  79  ARG A CD  1 
ATOM   626  N NE  A ARG A 1 103 ? -6.48311  11.81967  -9.62479  0.603 23.50789  ?  79  ARG A NE  1 
ATOM   627  N NE  B ARG A 1 103 ? -6.11914  12.49153  -8.12648  0.397 29.86766  ?  79  ARG A NE  1 
ATOM   628  C CZ  A ARG A 1 103 ? -6.70155  11.32876  -8.40905  0.603 29.35182  ?  79  ARG A CZ  1 
ATOM   629  C CZ  B ARG A 1 103 ? -6.72589  11.31872  -7.97193  0.397 29.73710  ?  79  ARG A CZ  1 
ATOM   630  N NH1 A ARG A 1 103 ? -6.39441  12.04663  -7.33422  0.603 27.27370  ?  79  ARG A NH1 1 
ATOM   631  N NH1 B ARG A 1 103 ? -6.96229  10.85281  -6.75406  0.397 27.26925  ?  79  ARG A NH1 1 
ATOM   632  N NH2 A ARG A 1 103 ? -7.23321  10.11953  -8.27009  0.603 32.59450  ?  79  ARG A NH2 1 
ATOM   633  N NH2 B ARG A 1 103 ? -7.11658  10.62031  -9.02919  0.397 24.98090  ?  79  ARG A NH2 1 
ATOM   634  N N   . MET A 1 104 ? -1.05307  13.66840  -9.13390  1.000 22.45554  ?  80  MET A N   1 
ATOM   635  C CA  . MET A 1 104 ? -0.14515  13.78151  -7.99011  1.000 20.44102  ?  80  MET A CA  1 
ATOM   636  C C   . MET A 1 104 ? 1.16316   14.46560  -8.38437  1.000 23.40255  ?  80  MET A C   1 
ATOM   637  O O   . MET A 1 104 ? 1.73700   15.19619  -7.57296  1.000 22.96441  ?  80  MET A O   1 
ATOM   638  C CB  . MET A 1 104 ? 0.14460   12.40796  -7.37599  1.000 23.00885  ?  80  MET A CB  1 
ATOM   639  C CG  . MET A 1 104 ? -1.10033  11.66732  -6.81200  1.000 22.85749  ?  80  MET A CG  1 
ATOM   640  S SD  . MET A 1 104 ? -0.71003  10.02271  -6.10101  1.000 24.49784  ?  80  MET A SD  1 
ATOM   641  C CE  . MET A 1 104 ? 0.21583   10.50125  -4.63454  1.000 23.66941  ?  80  MET A CE  1 
ATOM   642  N N   . GLU A 1 105 ? 1.64245   14.24024  -9.61443  1.000 21.92201  ?  81  GLU A N   1 
ATOM   643  C CA  . GLU A 1 105 ? 2.82386   14.95539  -10.09449 1.000 22.03443  ?  81  GLU A CA  1 
ATOM   644  C C   . GLU A 1 105 ? 2.52953   16.44556  -10.27142 1.000 24.47203  ?  81  GLU A C   1 
ATOM   645  O O   . GLU A 1 105 ? 3.37379   17.29795  -9.95241  1.000 24.63541  ?  81  GLU A O   1 
ATOM   646  C CB  . GLU A 1 105 ? 3.31038   14.33081  -11.40489 1.000 25.63059  ?  81  GLU A CB  1 
ATOM   647  C CG  . GLU A 1 105 ? 4.66369   14.86770  -11.88535 1.000 36.48455  ?  81  GLU A CG  1 
ATOM   648  C CD  . GLU A 1 105 ? 5.38090   13.93352  -12.86324 1.000 31.59410  ?  81  GLU A CD  1 
ATOM   649  O OE1 . GLU A 1 105 ? 4.71590   13.16846  -13.59172 1.000 36.27886  ?  81  GLU A OE1 1 
ATOM   650  O OE2 . GLU A 1 105 ? 6.62825   13.96958  -12.89381 1.000 34.14450  -1 81  GLU A OE2 1 
ATOM   651  N N   . ALA A 1 106 ? 1.32873   16.78083  -10.76058 1.000 23.14110  ?  82  ALA A N   1 
ATOM   652  C CA  . ALA A 1 106 ? 0.92820   18.18270  -10.85916 1.000 25.35677  ?  82  ALA A CA  1 
ATOM   653  C C   . ALA A 1 106 ? 0.93345   18.86261  -9.49992  1.000 27.58415  ?  82  ALA A C   1 
ATOM   654  O O   . ALA A 1 106 ? 1.21172   20.06609  -9.40708  1.000 30.62132  ?  82  ALA A O   1 
ATOM   655  C CB  . ALA A 1 106 ? -0.46211  18.27897  -11.49821 1.000 25.87725  ?  82  ALA A CB  1 
ATOM   656  N N   . ARG A 1 107 ? 0.62956   18.12066  -8.43428  1.000 23.56467  ?  83  ARG A N   1 
ATOM   657  C CA  . ARG A 1 107 ? 0.62762   18.65663  -7.08167  1.000 21.99965  ?  83  ARG A CA  1 
ATOM   658  C C   . ARG A 1 107 ? 1.99558   18.55376  -6.41926  1.000 25.48258  ?  83  ARG A C   1 
ATOM   659  O O   . ARG A 1 107 ? 2.13078   18.91147  -5.24449  1.000 28.74220  ?  83  ARG A O   1 
ATOM   660  C CB  . ARG A 1 107 ? -0.42587  17.94725  -6.22410  1.000 27.60107  ?  83  ARG A CB  1 
ATOM   661  C CG  . ARG A 1 107 ? -1.87560  18.27540  -6.63893  1.000 27.10356  ?  83  ARG A CG  1 
ATOM   662  C CD  . ARG A 1 107 ? -2.88712  17.41139  -5.91207  1.000 33.55102  ?  83  ARG A CD  1 
ATOM   663  N NE  . ARG A 1 107 ? -2.83697  17.58314  -4.46790  1.000 44.83851  ?  83  ARG A NE  1 
ATOM   664  C CZ  . ARG A 1 107 ? -3.61015  16.91944  -3.61358  1.000 64.80728  ?  83  ARG A CZ  1 
ATOM   665  N NH1 . ARG A 1 107 ? -4.50376  16.04071  -4.06089  1.000 51.02010  ?  83  ARG A NH1 1 
ATOM   666  N NH2 . ARG A 1 107 ? -3.49068  17.13555  -2.31026  1.000 56.85554  ?  83  ARG A NH2 1 
ATOM   667  N N   . GLY A 1 108 ? 3.00163   18.08671  -7.14991  1.000 26.05447  ?  84  GLY A N   1 
ATOM   668  C CA  . GLY A 1 108 ? 4.35406   18.02948  -6.62458  1.000 26.54371  ?  84  GLY A CA  1 
ATOM   669  C C   . GLY A 1 108 ? 4.59968   16.96427  -5.57933  1.000 26.31141  ?  84  GLY A C   1 
ATOM   670  O O   . GLY A 1 108 ? 5.59671   17.04867  -4.84854  1.000 26.37773  ?  84  GLY A O   1 
ATOM   671  N N   . GLN A 1 109 ? 3.71607   15.96162  -5.47404  1.000 21.96894  ?  85  GLN A N   1 
ATOM   672  C CA  . GLN A 1 109 ? 3.84903   14.90952  -4.47049  1.000 20.51965  ?  85  GLN A CA  1 
ATOM   673  C C   . GLN A 1 109 ? 4.69302   13.72682  -4.92500  1.000 18.67092  ?  85  GLN A C   1 
ATOM   674  O O   . GLN A 1 109 ? 5.19495   12.98059  -4.07453  1.000 22.13019  ?  85  GLN A O   1 
ATOM   675  C CB  . GLN A 1 109 ? 2.47037   14.37689  -4.08741  1.000 24.47532  ?  85  GLN A CB  1 
ATOM   676  C CG  . GLN A 1 109 ? 1.54534   15.44492  -3.56645  1.000 32.36856  ?  85  GLN A CG  1 
ATOM   677  C CD  . GLN A 1 109 ? 0.14053   14.92007  -3.40201  1.000 40.10201  ?  85  GLN A CD  1 
ATOM   678  O OE1 . GLN A 1 109 ? -0.31884  14.09916  -4.19773  1.000 41.21457  ?  85  GLN A OE1 1 
ATOM   679  N NE2 . GLN A 1 109 ? -0.54264  15.36866  -2.35852  1.000 44.04406  ?  85  GLN A NE2 1 
ATOM   680  N N   . VAL A 1 110 ? 4.81192   13.51394  -6.23331  1.000 20.87058  ?  86  VAL A N   1 
ATOM   681  C CA  . VAL A 1 110 ? 5.60738   12.44266  -6.81792  1.000 20.76486  ?  86  VAL A CA  1 
ATOM   682  C C   . VAL A 1 110 ? 6.31080   13.02506  -8.03519  1.000 24.70277  ?  86  VAL A C   1 
ATOM   683  O O   . VAL A 1 110 ? 6.00548   14.13344  -8.48992  1.000 27.05884  ?  86  VAL A O   1 
ATOM   684  C CB  . VAL A 1 110 ? 4.75292   11.22199  -7.23800  1.000 21.16772  ?  86  VAL A CB  1 
ATOM   685  C CG1 . VAL A 1 110 ? 4.02178   10.67990  -6.05148  1.000 22.83343  ?  86  VAL A CG1 1 
ATOM   686  C CG2 . VAL A 1 110 ? 3.76930   11.62572  -8.35219  1.000 21.81844  ?  86  VAL A CG2 1 
ATOM   687  N N   . GLU A 1 111 ? 7.24601   12.24766  -8.58045  1.000 24.73746  ?  87  GLU A N   1 
ATOM   688  C CA  . GLU A 1 111 ? 7.92838   12.60290  -9.81770  1.000 26.83298  ?  87  GLU A CA  1 
ATOM   689  C C   . GLU A 1 111 ? 8.15511   11.34715  -10.64320 1.000 29.36457  ?  87  GLU A C   1 
ATOM   690  O O   . GLU A 1 111 ? 8.60371   10.33007  -10.10234 1.000 29.03118  ?  87  GLU A O   1 
ATOM   691  C CB  . GLU A 1 111 ? 9.27582   13.27544  -9.53101  1.000 31.07303  ?  87  GLU A CB  1 
ATOM   692  C CG  . GLU A 1 111 ? 10.03280  13.62884  -10.80797 1.000 37.05450  ?  87  GLU A CG  1 
ATOM   693  C CD  . GLU A 1 111 ? 11.45409  14.11500  -10.55806 1.000 42.15169  ?  87  GLU A CD  1 
ATOM   694  O OE1 . GLU A 1 111 ? 12.06695  13.72930  -9.54324  1.000 37.78520  ?  87  GLU A OE1 1 
ATOM   695  O OE2 . GLU A 1 111 ? 11.96897  14.88507  -11.39873 1.000 57.33632  -1 87  GLU A OE2 1 
ATOM   696  N N   . ARG A 1 112 ? 7.83317   11.41204  -11.93555 1.000 27.99284  ?  88  ARG A N   1 
ATOM   697  C CA  . ARG A 1 112 ? 8.18412   10.36010  -12.87428 1.000 25.85057  ?  88  ARG A CA  1 
ATOM   698  C C   . ARG A 1 112 ? 9.52012   10.69603  -13.52848 1.000 38.09457  ?  88  ARG A C   1 
ATOM   699  O O   . ARG A 1 112 ? 9.82116   11.86735  -13.77978 1.000 33.68953  ?  88  ARG A O   1 
ATOM   700  C CB  . ARG A 1 112 ? 7.08886   10.18222  -13.92340 1.000 29.03711  ?  88  ARG A CB  1 
ATOM   701  C CG  . ARG A 1 112 ? 5.90867   9.34896   -13.40070 1.000 29.26766  ?  88  ARG A CG  1 
ATOM   702  C CD  . ARG A 1 112 ? 4.74212   9.32187   -14.34663 1.000 29.57086  ?  88  ARG A CD  1 
ATOM   703  N NE  . ARG A 1 112 ? 4.06827   10.61527  -14.37093 1.000 34.24804  ?  88  ARG A NE  1 
ATOM   704  C CZ  . ARG A 1 112 ? 2.83428   10.80794  -14.81644 1.000 29.15210  ?  88  ARG A CZ  1 
ATOM   705  N NH1 . ARG A 1 112 ? 2.12050   9.78233   -15.26975 1.000 32.38153  ?  88  ARG A NH1 1 
ATOM   706  N NH2 . ARG A 1 112 ? 2.31176   12.02185  -14.79541 1.000 35.02685  ?  88  ARG A NH2 1 
ATOM   707  N N   . LEU A 1 113 ? 10.32333  9.66261   -13.77306 1.000 31.34537  ?  89  LEU A N   1 
ATOM   708  C CA  . LEU A 1 113 ? 11.68951  9.73583   -14.27721 1.000 33.00563  ?  89  LEU A CA  1 
ATOM   709  C C   . LEU A 1 113 ? 11.91608  8.65541   -15.32629 1.000 37.80724  ?  89  LEU A C   1 
ATOM   710  O O   . LEU A 1 113 ? 11.34849  7.56290   -15.23271 1.000 38.58526  ?  89  LEU A O   1 
ATOM   711  C CB  . LEU A 1 113 ? 12.71304  9.53332   -13.15287 1.000 42.81804  ?  89  LEU A CB  1 
ATOM   712  C CG  . LEU A 1 113 ? 12.66659  10.38411  -11.88950 1.000 43.85555  ?  89  LEU A CG  1 
ATOM   713  C CD1 . LEU A 1 113 ? 13.21932  9.58068   -10.72448 1.000 39.65798  ?  89  LEU A CD1 1 
ATOM   714  C CD2 . LEU A 1 113 ? 13.47338  11.65634  -12.09558 1.000 56.58984  ?  89  LEU A CD2 1 
ATOM   715  N N   . PRO A 1 114 ? 12.76660  8.91801   -16.31429 1.000 51.22332  ?  90  PRO A N   1 
ATOM   716  C CA  . PRO A 1 114 ? 13.05765  7.87970   -17.30649 1.000 44.46126  ?  90  PRO A CA  1 
ATOM   717  C C   . PRO A 1 114 ? 13.91077  6.78371   -16.69413 1.000 45.60409  ?  90  PRO A C   1 
ATOM   718  O O   . PRO A 1 114 ? 14.75740  7.03718   -15.83465 1.000 43.32984  ?  90  PRO A O   1 
ATOM   719  C CB  . PRO A 1 114 ? 13.82678  8.64098   -18.39269 1.000 49.38081  ?  90  PRO A CB  1 
ATOM   720  C CG  . PRO A 1 114 ? 14.53468  9.71467   -17.63232 1.000 41.93120  ?  90  PRO A CG  1 
ATOM   721  C CD  . PRO A 1 114 ? 13.59655  10.11991  -16.51471 1.000 52.92119  ?  90  PRO A CD  1 
ATOM   722  N N   . HIS A 1 115 ? 13.66503  5.55034   -17.12415 1.000 52.14730  ?  91  HIS A N   1 
ATOM   723  C CA  . HIS A 1 115 ? 14.60915  4.47637   -16.84047 1.000 64.55974  ?  91  HIS A CA  1 
ATOM   724  C C   . HIS A 1 115 ? 15.83643  4.69859   -17.71206 1.000 80.96972  ?  91  HIS A C   1 
ATOM   725  O O   . HIS A 1 115 ? 15.76263  4.57778   -18.93964 1.000 82.50984  ?  91  HIS A O   1 
ATOM   726  C CB  . HIS A 1 115 ? 13.97836  3.11357   -17.10408 1.000 71.41389  ?  91  HIS A CB  1 
ATOM   727  C CG  . HIS A 1 115 ? 14.84073  1.95983   -16.69269 1.000 87.19430  ?  91  HIS A CG  1 
ATOM   728  N ND1 . HIS A 1 115 ? 16.11883  1.77624   -17.17566 1.000 93.32253  ?  91  HIS A ND1 1 
ATOM   729  C CD2 . HIS A 1 115 ? 14.60555  0.92709   -15.84951 1.000 85.57907  ?  91  HIS A CD2 1 
ATOM   730  C CE1 . HIS A 1 115 ? 16.63631  0.68315   -16.64267 1.000 96.00228  ?  91  HIS A CE1 1 
ATOM   731  N NE2 . HIS A 1 115 ? 15.73817  0.14858   -15.83531 1.000 87.97447  ?  91  HIS A NE2 1 
ATOM   732  N N   . GLU A 1 116 ? 16.96061  5.04775   -17.08361 1.000 78.37811  ?  92  GLU A N   1 
ATOM   733  C CA  . GLU A 1 116 ? 18.13021  5.48025   -17.84126 1.000 97.26721  ?  92  GLU A CA  1 
ATOM   734  C C   . GLU A 1 116 ? 18.52212  4.44757   -18.89255 1.000 93.81457  ?  92  GLU A C   1 
ATOM   735  O O   . GLU A 1 116 ? 18.78996  4.79283   -20.04977 1.000 98.07189  ?  92  GLU A O   1 
ATOM   736  C CB  . GLU A 1 116 ? 19.29073  5.76555   -16.88865 1.000 102.04107 ?  92  GLU A CB  1 
ATOM   737  C CG  . GLU A 1 116 ? 18.91588  6.68192   -15.72945 1.000 105.92664 ?  92  GLU A CG  1 
ATOM   738  C CD  . GLU A 1 116 ? 17.95730  7.79046   -16.13784 1.000 112.73600 ?  92  GLU A CD  1 
ATOM   739  O OE1 . GLU A 1 116 ? 17.08089  8.15117   -15.32168 1.000 97.64277  ?  92  GLU A OE1 1 
ATOM   740  O OE2 . GLU A 1 116 ? 18.07282  8.29091   -17.27774 1.000 120.21590 -1 92  GLU A OE2 1 
ATOM   741  N N   . SER A 1 117 ? 18.55511  3.17208   -18.50811 1.000 78.17959  ?  93  SER A N   1 
ATOM   742  C CA  . SER A 1 117 ? 18.81178  2.10531   -19.46740 1.000 88.70866  ?  93  SER A CA  1 
ATOM   743  C C   . SER A 1 117 ? 17.58922  1.88845   -20.35002 1.000 85.17438  ?  93  SER A C   1 
ATOM   744  O O   . SER A 1 117 ? 17.16950  2.80121   -21.06989 1.000 87.08754  ?  93  SER A O   1 
ATOM   745  C CB  . SER A 1 117 ? 19.18918  0.80932   -18.74968 1.000 90.14465  ?  93  SER A CB  1 
ATOM   746  O OG  . SER A 1 117 ? 19.22438  -0.27833  -19.65857 1.000 92.92695  ?  93  SER A OG  1 
ATOM   747  N N   . ASP A 1 118 ? 17.02273  0.68428   -20.31134 1.000 91.51391  ?  94  ASP A N   1 
ATOM   748  C CA  . ASP A 1 118 ? 15.77369  0.41024   -21.00914 1.000 90.42565  ?  94  ASP A CA  1 
ATOM   749  C C   . ASP A 1 118 ? 14.76285  1.50469   -20.70350 1.000 86.06220  ?  94  ASP A C   1 
ATOM   750  O O   . ASP A 1 118 ? 14.32823  1.65944   -19.56001 1.000 91.12597  ?  94  ASP A O   1 
ATOM   751  C CB  . ASP A 1 118 ? 15.23154  -0.95869  -20.58742 1.000 89.63346  ?  94  ASP A CB  1 
ATOM   752  C CG  . ASP A 1 118 ? 13.89134  -1.28942  -21.23153 1.000 89.84571  ?  94  ASP A CG  1 
ATOM   753  O OD1 . ASP A 1 118 ? 13.39567  -0.48846  -22.05297 1.000 88.62786  ?  94  ASP A OD1 1 
ATOM   754  O OD2 . ASP A 1 118 ? 13.32957  -2.35927  -20.91200 1.000 83.77945  -1 94  ASP A OD2 1 
ATOM   755  N N   . ARG A 1 119 ? 14.39328  2.27246   -21.72763 1.000 81.35304  ?  95  ARG A N   1 
ATOM   756  C CA  . ARG A 1 119 ? 13.57180  3.45905   -21.53064 1.000 85.91168  ?  95  ARG A CA  1 
ATOM   757  C C   . ARG A 1 119 ? 12.18030  3.30425   -22.13978 1.000 82.48683  ?  95  ARG A C   1 
ATOM   758  O O   . ARG A 1 119 ? 11.52731  4.29399   -22.47917 1.000 80.89738  ?  95  ARG A O   1 
ATOM   759  C CB  . ARG A 1 119 ? 14.27818  4.69972   -22.07645 1.000 96.07262  ?  95  ARG A CB  1 
ATOM   760  C CG  . ARG A 1 119 ? 14.67827  4.60306   -23.53061 1.000 105.19319 ?  95  ARG A CG  1 
ATOM   761  C CD  . ARG A 1 119 ? 14.03532  5.72272   -24.32125 1.000 109.97575 ?  95  ARG A CD  1 
ATOM   762  N NE  . ARG A 1 119 ? 12.80221  6.17483   -23.68038 1.000 113.81924 ?  95  ARG A NE  1 
ATOM   763  C CZ  . ARG A 1 119 ? 12.65085  7.35956   -23.09478 1.000 110.66746 ?  95  ARG A CZ  1 
ATOM   764  N NH1 . ARG A 1 119 ? 13.65032  8.23436   -23.08332 1.000 109.34956 ?  95  ARG A NH1 1 
ATOM   765  N NH2 . ARG A 1 119 ? 11.49311  7.67773   -22.53270 1.000 106.83324 ?  95  ARG A NH2 1 
ATOM   766  N N   . ARG A 1 120 ? 11.71912  2.06490   -22.29598 1.000 84.99175  ?  96  ARG A N   1 
ATOM   767  C CA  . ARG A 1 120 ? 10.28648  1.80924   -22.34547 1.000 80.18418  ?  96  ARG A CA  1 
ATOM   768  C C   . ARG A 1 120 ? 9.67076   1.84431   -20.95606 1.000 73.71889  ?  96  ARG A C   1 
ATOM   769  O O   . ARG A 1 120 ? 8.44838   1.71925   -20.82529 1.000 67.37943  ?  96  ARG A O   1 
ATOM   770  C CB  . ARG A 1 120 ? 9.99467   0.44949   -22.98542 1.000 76.02611  ?  96  ARG A CB  1 
ATOM   771  C CG  . ARG A 1 120 ? 10.77207  0.14381   -24.24980 1.000 80.67742  ?  96  ARG A CG  1 
ATOM   772  C CD  . ARG A 1 120 ? 10.54581  -1.30650  -24.63954 1.000 70.62353  ?  96  ARG A CD  1 
ATOM   773  N NE  . ARG A 1 120 ? 10.87377  -2.20216  -23.53364 1.000 75.52756  ?  96  ARG A NE  1 
ATOM   774  C CZ  . ARG A 1 120 ? 10.39813  -3.43605  -23.39914 1.000 98.81492  ?  96  ARG A CZ  1 
ATOM   775  N NH1 . ARG A 1 120 ? 9.55866   -3.93066  -24.30022 1.000 91.98101  ?  96  ARG A NH1 1 
ATOM   776  N NH2 . ARG A 1 120 ? 10.75424  -4.17608  -22.35684 1.000 105.57596 ?  96  ARG A NH2 1 
ATOM   777  N N   . ILE A 1 121 ? 10.50146  2.00799   -19.92902 1.000 65.76286  ?  97  ILE A N   1 
ATOM   778  C CA  . ILE A 1 121 ? 10.09983  1.93772   -18.53116 1.000 53.17351  ?  97  ILE A CA  1 
ATOM   779  C C   . ILE A 1 121 ? 10.14207  3.33978   -17.94332 1.000 56.59137  ?  97  ILE A C   1 
ATOM   780  O O   . ILE A 1 121 ? 11.16234  4.03211   -18.04376 1.000 52.63121  ?  97  ILE A O   1 
ATOM   781  C CB  . ILE A 1 121 ? 11.01965  0.99531   -17.73403 1.000 58.70489  ?  97  ILE A CB  1 
ATOM   782  C CG1 . ILE A 1 121 ? 10.93374  -0.43356  -18.27116 1.000 60.29593  ?  97  ILE A CG1 1 
ATOM   783  C CG2 . ILE A 1 121 ? 10.68076  1.03598   -16.24850 1.000 55.36363  ?  97  ILE A CG2 1 
ATOM   784  C CD1 . ILE A 1 121 ? 11.84590  -1.40366  -17.54871 1.000 62.72014  ?  97  ILE A CD1 1 
ATOM   785  N N   . THR A 1 122 ? 9.04368   3.75335   -17.32195 1.000 39.89399  ?  98  THR A N   1 
ATOM   786  C CA  . THR A 1 122 ? 9.01553   4.97887   -16.53529 1.000 43.54302  ?  98  THR A CA  1 
ATOM   787  C C   . THR A 1 122 ? 9.11256   4.61222   -15.06267 1.000 37.10842  ?  98  THR A C   1 
ATOM   788  O O   . THR A 1 122 ? 8.43711   3.68295   -14.60617 1.000 32.16321  ?  98  THR A O   1 
ATOM   789  C CB  . THR A 1 122 ? 7.74249   5.78611   -16.79697 1.000 40.30475  ?  98  THR A CB  1 
ATOM   790  O OG1 . THR A 1 122 ? 7.68553   6.16235   -18.17865 1.000 46.11113  ?  98  THR A OG1 1 
ATOM   791  C CG2 . THR A 1 122 ? 7.72389   7.05228   -15.93932 1.000 33.14314  ?  98  THR A CG2 1 
ATOM   792  N N   . LEU A 1 123 ? 9.96803   5.31949   -14.33300 1.000 29.56809  ?  99  LEU A N   1 
ATOM   793  C CA  . LEU A 1 123 ? 10.11235  5.14751   -12.89414 1.000 29.65907  ?  99  LEU A CA  1 
ATOM   794  C C   . LEU A 1 123 ? 9.35534   6.25573   -12.17887 1.000 27.82002  ?  99  LEU A C   1 
ATOM   795  O O   . LEU A 1 123 ? 9.03468   7.29264   -12.76035 1.000 29.19326  ?  99  LEU A O   1 
ATOM   796  C CB  . LEU A 1 123 ? 11.58553  5.16824   -12.47522 1.000 31.70990  ?  99  LEU A CB  1 
ATOM   797  C CG  . LEU A 1 123 ? 12.51169  4.22771   -13.24368 1.000 33.26172  ?  99  LEU A CG  1 
ATOM   798  C CD1 . LEU A 1 123 ? 13.93528  4.36050   -12.74043 1.000 33.78454  ?  99  LEU A CD1 1 
ATOM   799  C CD2 . LEU A 1 123 ? 12.03342  2.78777   -13.12879 1.000 35.70799  ?  99  LEU A CD2 1 
ATOM   800  N N   A VAL A 1 124 ? 9.08843   6.04203   -10.89790 0.563 25.67580  ?  100 VAL A N   1 
ATOM   801  N N   B VAL A 1 124 ? 9.06107   6.01276   -10.89575 0.437 25.63922  ?  100 VAL A N   1 
ATOM   802  C CA  A VAL A 1 124 ? 8.33899   7.01123   -10.10957 0.563 24.06030  ?  100 VAL A CA  1 
ATOM   803  C CA  B VAL A 1 124 ? 8.34467   6.96037   -10.04690 0.437 24.07673  ?  100 VAL A CA  1 
ATOM   804  C C   A VAL A 1 124 ? 8.86769   6.98499   -8.68764  0.563 21.70682  ?  100 VAL A C   1 
ATOM   805  C C   B VAL A 1 124 ? 8.96040   6.95958   -8.65575  0.437 21.80506  ?  100 VAL A C   1 
ATOM   806  O O   A VAL A 1 124 ? 9.25107   5.92759   -8.17525  0.563 22.52946  ?  100 VAL A O   1 
ATOM   807  O O   B VAL A 1 124 ? 9.39977   5.92282   -8.14565  0.437 22.82172  ?  100 VAL A O   1 
ATOM   808  C CB  A VAL A 1 124 ? 6.82497   6.71976   -10.14960 0.563 23.73644  ?  100 VAL A CB  1 
ATOM   809  C CB  B VAL A 1 124 ? 6.83398   6.65021   -9.92872  0.437 23.64494  ?  100 VAL A CB  1 
ATOM   810  C CG1 A VAL A 1 124 ? 6.54810   5.32447   -9.62549  0.563 19.54652  ?  100 VAL A CG1 1 
ATOM   811  C CG1 B VAL A 1 124 ? 5.99721   7.83011   -10.40702 0.437 30.23032  ?  100 VAL A CG1 1 
ATOM   812  C CG2 A VAL A 1 124 ? 6.03915   7.76688   -9.35162  0.563 19.55381  ?  100 VAL A CG2 1 
ATOM   813  C CG2 B VAL A 1 124 ? 6.48274   5.38256   -10.67082 0.437 27.67449  ?  100 VAL A CG2 1 
ATOM   814  N N   A ARG A 1 125 ? 8.91314   8.16230   -8.06191  0.563 21.55198  ?  101 ARG A N   1 
ATOM   815  N N   B ARG A 1 125 ? 8.96914   8.14203   -8.03924  0.437 21.43256  ?  101 ARG A N   1 
ATOM   816  C CA  A ARG A 1 125 ? 9.36290   8.31186   -6.68914  0.563 21.50236  ?  101 ARG A CA  1 
ATOM   817  C CA  B ARG A 1 125 ? 9.41713   8.33146   -6.66943  0.437 21.60938  ?  101 ARG A CA  1 
ATOM   818  C C   A ARG A 1 125 ? 8.49490   9.34061   -5.97194  0.563 21.15837  ?  101 ARG A C   1 
ATOM   819  C C   B ARG A 1 125 ? 8.49492   9.32272   -5.97107  0.437 21.13073  ?  101 ARG A C   1 
ATOM   820  O O   A ARG A 1 125 ? 7.81871   10.16141  -6.60157  0.563 23.30503  ?  101 ARG A O   1 
ATOM   821  O O   B ARG A 1 125 ? 7.78471   10.10371  -6.61376  0.437 23.36705  ?  101 ARG A O   1 
ATOM   822  C CB  A ARG A 1 125 ? 10.84035  8.73550   -6.62605  0.563 23.39602  ?  101 ARG A CB  1 
ATOM   823  C CB  B ARG A 1 125 ? 10.85661  8.86119   -6.61029  0.437 23.40303  ?  101 ARG A CB  1 
ATOM   824  C CG  A ARG A 1 125 ? 11.13227  10.00273  -7.41567  0.563 22.58973  ?  101 ARG A CG  1 
ATOM   825  C CG  B ARG A 1 125 ? 10.91622  10.32082  -7.00749  0.437 22.37319  ?  101 ARG A CG  1 
ATOM   826  C CD  A ARG A 1 125 ? 12.57711  10.46986  -7.22081  0.563 22.69677  ?  101 ARG A CD  1 
ATOM   827  C CD  B ARG A 1 125 ? 12.31859  10.88653  -7.05614  0.437 24.47613  ?  101 ARG A CD  1 
ATOM   828  N NE  A ARG A 1 125 ? 12.82806  10.99774  -5.87894  0.563 26.98484  ?  101 ARG A NE  1 
ATOM   829  N NE  B ARG A 1 125 ? 12.26454  12.26289  -7.53619  0.437 24.16965  ?  101 ARG A NE  1 
ATOM   830  C CZ  A ARG A 1 125 ? 12.68948  12.27857  -5.54240  0.563 19.10579  ?  101 ARG A CZ  1 
ATOM   831  C CZ  B ARG A 1 125 ? 12.22903  13.33427  -6.74975  0.437 24.65123  ?  101 ARG A CZ  1 
ATOM   832  N NH1 A ARG A 1 125 ? 12.93409  12.68016  -4.30309  0.563 21.37683  ?  101 ARG A NH1 1 
ATOM   833  N NH1 B ARG A 1 125 ? 12.27333  13.20781  -5.42723  0.437 17.09582  ?  101 ARG A NH1 1 
ATOM   834  N NH2 A ARG A 1 125 ? 12.29414  13.16514  -6.44788  0.563 23.38321  ?  101 ARG A NH2 1 
ATOM   835  N NH2 B ARG A 1 125 ? 12.16320  14.53925  -7.29312  0.437 29.39998  ?  101 ARG A NH2 1 
ATOM   836  N N   . ILE A 1 126 ? 8.52219   9.28746   -4.64472  1.000 20.25746  ?  102 ILE A N   1 
ATOM   837  C CA  . ILE A 1 126 ? 7.87533   10.30145  -3.82445  1.000 19.91768  ?  102 ILE A CA  1 
ATOM   838  C C   . ILE A 1 126 ? 8.82829   11.48043  -3.68640  1.000 22.26829  ?  102 ILE A C   1 
ATOM   839  O O   . ILE A 1 126 ? 10.05114  11.29856  -3.63032  1.000 26.79142  ?  102 ILE A O   1 
ATOM   840  C CB  . ILE A 1 126 ? 7.49367   9.72424   -2.44979  1.000 21.73981  ?  102 ILE A CB  1 
ATOM   841  C CG1 . ILE A 1 126 ? 6.48318   10.61413  -1.73392  1.000 21.82976  ?  102 ILE A CG1 1 
ATOM   842  C CG2 . ILE A 1 126 ? 8.73639   9.47195   -1.56271  1.000 23.67140  ?  102 ILE A CG2 1 
ATOM   843  C CD1 . ILE A 1 126 ? 5.94992   9.97213   -0.42296  1.000 24.02285  ?  102 ILE A CD1 1 
ATOM   844  N N   . THR A 1 127 ? 8.28137   12.68623  -3.65569  1.000 21.96185  ?  103 THR A N   1 
ATOM   845  C CA  . THR A 1 127 ? 9.09334   13.87743  -3.41207  1.000 23.07406  ?  103 THR A CA  1 
ATOM   846  C C   . THR A 1 127 ? 9.13763   14.19613  -1.92706  1.000 22.60403  ?  103 THR A C   1 
ATOM   847  O O   . THR A 1 127 ? 8.39277   13.65196  -1.12261  1.000 22.86964  ?  103 THR A O   1 
ATOM   848  C CB  . THR A 1 127 ? 8.51046   15.08552  -4.14561  1.000 20.70725  ?  103 THR A CB  1 
ATOM   849  O OG1 . THR A 1 127 ? 7.24265   15.41124  -3.55037  1.000 22.12741  ?  103 THR A OG1 1 
ATOM   850  C CG2 . THR A 1 127 ? 8.36894   14.81472  -5.62187  1.000 22.64227  ?  103 THR A CG2 1 
ATOM   851  N N   A ARG A 1 128 ? 10.03103  15.11882  -1.55432  0.568 21.56790  ?  104 ARG A N   1 
ATOM   852  N N   B ARG A 1 128 ? 10.01550  15.13554  -1.55375  0.432 21.59353  ?  104 ARG A N   1 
ATOM   853  C CA  A ARG A 1 128 ? 10.04085  15.57125  -0.16995  0.568 21.86961  ?  104 ARG A CA  1 
ATOM   854  C CA  B ARG A 1 128 ? 10.03877  15.56047  -0.15953  0.432 21.88566  ?  104 ARG A CA  1 
ATOM   855  C C   A ARG A 1 128 ? 8.68415   16.12489  0.24218   0.568 21.73768  ?  104 ARG A C   1 
ATOM   856  C C   B ARG A 1 128 ? 8.69541   16.15136  0.25743   0.432 21.77605  ?  104 ARG A C   1 
ATOM   857  O O   A ARG A 1 128 ? 8.22282   15.88199  1.36336   0.568 24.21950  ?  104 ARG A O   1 
ATOM   858  O O   B ARG A 1 128 ? 8.24458   15.94205  1.39005   0.432 24.06964  ?  104 ARG A O   1 
ATOM   859  C CB  A ARG A 1 128 ? 11.13008  16.63099  0.03389   0.568 22.94337  ?  104 ARG A CB  1 
ATOM   860  C CB  B ARG A 1 128 ? 11.17583  16.56683  0.07119   0.432 22.96159  ?  104 ARG A CB  1 
ATOM   861  C CG  A ARG A 1 128 ? 11.10054  17.22114  1.42680   0.568 23.62211  ?  104 ARG A CG  1 
ATOM   862  C CG  B ARG A 1 128 ? 11.86463  16.40461  1.42388   0.432 25.21051  ?  104 ARG A CG  1 
ATOM   863  C CD  A ARG A 1 128 ? 12.03421  18.39907  1.57700   0.568 29.54905  ?  104 ARG A CD  1 
ATOM   864  C CD  B ARG A 1 128 ? 12.80519  17.56898  1.75274   0.432 25.16545  ?  104 ARG A CD  1 
ATOM   865  N NE  A ARG A 1 128 ? 12.12924  18.83383  2.96885   0.568 33.21218  ?  104 ARG A NE  1 
ATOM   866  N NE  B ARG A 1 128 ? 12.09260  18.67612  2.38857   0.432 34.50447  ?  104 ARG A NE  1 
ATOM   867  C CZ  A ARG A 1 128 ? 11.31844  19.72771  3.52603   0.568 27.10672  ?  104 ARG A CZ  1 
ATOM   868  C CZ  B ARG A 1 128 ? 12.17477  18.98735  3.68065   0.432 33.30784  ?  104 ARG A CZ  1 
ATOM   869  N NH1 A ARG A 1 128 ? 10.35556  20.28926  2.80819   0.568 32.60886  ?  104 ARG A NH1 1 
ATOM   870  N NH1 B ARG A 1 128 ? 11.47884  20.01029  4.15712   0.432 36.67110  ?  104 ARG A NH1 1 
ATOM   871  N NH2 A ARG A 1 128 ? 11.47466  20.05868  4.80130   0.568 41.18321  ?  104 ARG A NH2 1 
ATOM   872  N NH2 B ARG A 1 128 ? 12.95479  18.28714  4.49588   0.432 38.24174  ?  104 ARG A NH2 1 
ATOM   873  N N   . LYS A 1 129 ? 8.03589   16.88695  -0.64363  1.000 21.41101  ?  105 LYS A N   1 
ATOM   874  C CA  . LYS A 1 129 ? 6.73444   17.45379  -0.31868  1.000 22.59253  ?  105 LYS A CA  1 
ATOM   875  C C   . LYS A 1 129 ? 5.73367   16.34172  -0.03144  1.000 25.47768  ?  105 LYS A C   1 
ATOM   876  O O   . LYS A 1 129 ? 4.96090   16.41814  0.92757   1.000 24.50257  ?  105 LYS A O   1 
ATOM   877  C CB  . LYS A 1 129 ? 6.24767   18.33133  -1.47636  1.000 25.68311  ?  105 LYS A CB  1 
ATOM   878  C CG  . LYS A 1 129 ? 4.85344   18.88880  -1.28089  1.000 27.85353  ?  105 LYS A CG  1 
ATOM   879  C CD  . LYS A 1 129 ? 4.42732   19.70488  -2.49969  1.000 32.48588  ?  105 LYS A CD  1 
ATOM   880  C CE  . LYS A 1 129 ? 3.00996   20.24049  -2.34493  1.000 41.61843  ?  105 LYS A CE  1 
ATOM   881  N NZ  . LYS A 1 129 ? 2.58958   21.01742  -3.55079  1.000 45.35389  ?  105 LYS A NZ  1 
ATOM   882  N N   . GLY A 1 130 ? 5.75310   15.29991  -0.85165  1.000 23.03721  ?  106 GLY A N   1 
ATOM   883  C CA  . GLY A 1 130 ? 4.84323   14.18387  -0.62766  1.000 21.87755  ?  106 GLY A CA  1 
ATOM   884  C C   . GLY A 1 130 ? 5.13285   13.44808  0.66341   1.000 24.75751  ?  106 GLY A C   1 
ATOM   885  O O   . GLY A 1 130 ? 4.21267   13.09389  1.41191   1.000 23.99346  ?  106 GLY A O   1 
ATOM   886  N N   . LEU A 1 131 ? 6.41553   13.21341  0.95704   1.000 22.22767  ?  107 LEU A N   1 
ATOM   887  C CA  . LEU A 1 131 ? 6.78908   12.54949  2.20122   1.000 21.59800  ?  107 LEU A CA  1 
ATOM   888  C C   . LEU A 1 131 ? 6.34305   13.35289  3.41782   1.000 24.74317  ?  107 LEU A C   1 
ATOM   889  O O   . LEU A 1 131 ? 5.75996   12.80760  4.36256   1.000 24.32354  ?  107 LEU A O   1 
ATOM   890  C CB  . LEU A 1 131 ? 8.29864   12.32045  2.22593   1.000 25.72412  ?  107 LEU A CB  1 
ATOM   891  C CG  . LEU A 1 131 ? 8.83003   11.39330  3.32059   1.000 33.62112  ?  107 LEU A CG  1 
ATOM   892  C CD1 . LEU A 1 131 ? 8.26833   9.98594   3.13126   1.000 33.63239  ?  107 LEU A CD1 1 
ATOM   893  C CD2 . LEU A 1 131 ? 10.35376  11.38125  3.29806   1.000 33.70516  ?  107 LEU A CD2 1 
ATOM   894  N N   . LYS A 1 132 ? 6.61881   14.66014  3.42832   1.000 24.13595  ?  108 LYS A N   1 
ATOM   895  C CA  . LYS A 1 132 ? 6.16254   15.46518  4.55536   1.000 25.74916  ?  108 LYS A CA  1 
ATOM   896  C C   . LYS A 1 132 ? 4.64495   15.44670  4.66775   1.000 26.35949  ?  108 LYS A C   1 
ATOM   897  O O   . LYS A 1 132 ? 4.10952   15.49077  5.77893   1.000 30.68679  ?  108 LYS A O   1 
ATOM   898  C CB  . LYS A 1 132 ? 6.66763   16.90771  4.42863   1.000 30.62181  ?  108 LYS A CB  1 
ATOM   899  C CG  . LYS A 1 132 ? 8.17604   17.05938  4.56182   1.000 35.86891  ?  108 LYS A CG  1 
ATOM   900  C CD  . LYS A 1 132 ? 8.64987   16.72309  5.96893   1.000 48.18524  ?  108 LYS A CD  1 
ATOM   901  C CE  . LYS A 1 132 ? 10.12003  17.08798  6.16229   1.000 51.71400  ?  108 LYS A CE  1 
ATOM   902  N NZ  . LYS A 1 132 ? 10.66542  16.52559  7.43226   1.000 54.19722  ?  108 LYS A NZ  1 
ATOM   903  N N   . ALA A 1 133 ? 3.93767   15.35859  3.53320   1.000 26.30875  ?  109 ALA A N   1 
ATOM   904  C CA  . ALA A 1 133 ? 2.48147   15.37556  3.56761   1.000 25.98638  ?  109 ALA A CA  1 
ATOM   905  C C   . ALA A 1 133 ? 1.91230   14.11902  4.21586   1.000 26.90627  ?  109 ALA A C   1 
ATOM   906  O O   . ALA A 1 133 ? 0.83129   14.17426  4.81220   1.000 28.61085  ?  109 ALA A O   1 
ATOM   907  C CB  . ALA A 1 133 ? 1.91393   15.52242  2.15545   1.000 26.44471  ?  109 ALA A CB  1 
ATOM   908  N N   . VAL A 1 134 ? 2.60636   12.98762  4.09876   1.000 23.94695  ?  110 VAL A N   1 
ATOM   909  C CA  . VAL A 1 134 ? 2.07386   11.70099  4.55318   1.000 23.70150  ?  110 VAL A CA  1 
ATOM   910  C C   . VAL A 1 134 ? 2.74533   11.21415  5.82633   1.000 26.77195  ?  110 VAL A C   1 
ATOM   911  O O   . VAL A 1 134 ? 2.34221   10.18246  6.37788   1.000 26.16235  ?  110 VAL A O   1 
ATOM   912  C CB  . VAL A 1 134 ? 2.17535   10.64724  3.43151   1.000 26.45469  ?  110 VAL A CB  1 
ATOM   913  C CG1 . VAL A 1 134 ? 3.59648   10.12663  3.26576   1.000 21.66742  ?  110 VAL A CG1 1 
ATOM   914  C CG2 . VAL A 1 134 ? 1.17436   9.50242   3.63388   1.000 30.27530  ?  110 VAL A CG2 1 
ATOM   915  N N   . GLU A 1 135 ? 3.74269   11.94567  6.33432   1.000 24.68511  ?  111 GLU A N   1 
ATOM   916  C CA  . GLU A 1 135 ? 4.52601   11.47754  7.47459   1.000 27.15154  ?  111 GLU A CA  1 
ATOM   917  C C   . GLU A 1 135 ? 3.64814   11.18215  8.69007   1.000 25.58174  ?  111 GLU A C   1 
ATOM   918  O O   . GLU A 1 135 ? 3.80347   10.14178  9.33825   1.000 26.76876  ?  111 GLU A O   1 
ATOM   919  C CB  . GLU A 1 135 ? 5.58211   12.52961  7.82790   1.000 33.28223  ?  111 GLU A CB  1 
ATOM   920  C CG  . GLU A 1 135 ? 6.98933   12.01478  7.93419   1.000 53.65024  ?  111 GLU A CG  1 
ATOM   921  C CD  . GLU A 1 135 ? 7.98941   13.15319  7.99077   1.000 61.14971  ?  111 GLU A CD  1 
ATOM   922  O OE1 . GLU A 1 135 ? 9.08842   13.00592  7.41691   1.000 63.17861  ?  111 GLU A OE1 1 
ATOM   923  O OE2 . GLU A 1 135 ? 7.65982   14.20061  8.59273   1.000 53.95108  -1 111 GLU A OE2 1 
ATOM   924  N N   . HIS A 1 136 ? 2.77334   12.11989  9.05886   1.000 26.33511  ?  112 HIS A N   1 
ATOM   925  C CA  . HIS A 1 136 ? 1.94996   11.91384  10.24848  1.000 28.88071  ?  112 HIS A CA  1 
ATOM   926  C C   . HIS A 1 136 ? 0.98090   10.75326  10.04501  1.000 25.88095  ?  112 HIS A C   1 
ATOM   927  O O   . HIS A 1 136 ? 0.81478   9.90579   10.93136  1.000 25.28358  ?  112 HIS A O   1 
ATOM   928  C CB  . HIS A 1 136 ? 1.19083   13.19432  10.59839  1.000 31.74962  ?  112 HIS A CB  1 
ATOM   929  C CG  . HIS A 1 136 ? 0.24289   13.04334  11.74982  1.000 34.92059  ?  112 HIS A CG  1 
ATOM   930  N ND1 . HIS A 1 136 ? 0.62895   12.53614  12.97257  1.000 37.63448  ?  112 HIS A ND1 1 
ATOM   931  C CD2 . HIS A 1 136 ? -1.07806  13.32452  11.86053  1.000 41.81993  ?  112 HIS A CD2 1 
ATOM   932  C CE1 . HIS A 1 136 ? -0.41105  12.51342  13.78730  1.000 32.76562  ?  112 HIS A CE1 1 
ATOM   933  N NE2 . HIS A 1 136 ? -1.45887  12.98677  13.13797  1.000 36.02833  ?  112 HIS A NE2 1 
ATOM   934  N N   . LEU A 1 137 ? 0.34608   10.69792  8.88034   1.000 23.79898  ?  113 LEU A N   1 
ATOM   935  C CA  . LEU A 1 137 ? -0.53830  9.57831   8.57382   1.000 21.69987  ?  113 LEU A CA  1 
ATOM   936  C C   . LEU A 1 137 ? 0.20275   8.25205   8.67972   1.000 23.20523  ?  113 LEU A C   1 
ATOM   937  O O   . LEU A 1 137 ? -0.36418  7.24644   9.13966   1.000 21.66396  ?  113 LEU A O   1 
ATOM   938  C CB  . LEU A 1 137 ? -1.13192  9.79778   7.18342   1.000 24.73057  ?  113 LEU A CB  1 
ATOM   939  C CG  . LEU A 1 137 ? -2.36046  8.99962   6.77544   1.000 26.31445  ?  113 LEU A CG  1 
ATOM   940  C CD1 . LEU A 1 137 ? -3.50371  9.21731   7.76730   1.000 26.12611  ?  113 LEU A CD1 1 
ATOM   941  C CD2 . LEU A 1 137 ? -2.79392  9.39953   5.36094   1.000 25.06224  ?  113 LEU A CD2 1 
ATOM   942  N N   . MET A 1 138 ? 1.47005   8.20512   8.25371   1.000 22.84290  ?  114 MET A N   1 
ATOM   943  C CA  . MET A 1 138 ? 2.22326   6.95786   8.37354   1.000 20.91323  ?  114 MET A CA  1 
ATOM   944  C C   . MET A 1 138 ? 2.40656   6.54585   9.83258   1.000 22.45273  ?  114 MET A C   1 
ATOM   945  O O   . MET A 1 138 ? 2.37566   5.35460   10.15905  1.000 22.42638  ?  114 MET A O   1 
ATOM   946  C CB  . MET A 1 138 ? 3.57258   7.06497   7.66099   1.000 26.53947  ?  114 MET A CB  1 
ATOM   947  C CG  . MET A 1 138 ? 3.41664   6.91297   6.15889   1.000 28.71316  ?  114 MET A CG  1 
ATOM   948  S SD  . MET A 1 138 ? 5.00200   7.11644   5.32306   1.000 36.76352  ?  114 MET A SD  1 
ATOM   949  C CE  . MET A 1 138 ? 5.89125   5.70663   5.92539   1.000 37.09863  ?  114 MET A CE  1 
ATOM   950  N N   A GLU A 1 139 ? 2.58905   7.51107   10.74110  0.534 24.28215  ?  115 GLU A N   1 
ATOM   951  N N   B GLU A 1 139 ? 2.60246   7.52318   10.72329  0.466 24.32693  ?  115 GLU A N   1 
ATOM   952  C CA  A GLU A 1 139 ? 2.68886   7.10801   12.13874  0.534 24.44526  ?  115 GLU A CA  1 
ATOM   953  C CA  B GLU A 1 139 ? 2.67643   7.20823   12.14409  0.466 24.49141  ?  115 GLU A CA  1 
ATOM   954  C C   A GLU A 1 139 ? 1.34797   6.60410   12.65795  0.534 23.79553  ?  115 GLU A C   1 
ATOM   955  C C   B GLU A 1 139 ? 1.36186   6.62393   12.63900  0.466 23.78148  ?  115 GLU A C   1 
ATOM   956  O O   A GLU A 1 139 ? 1.30490   5.63232   13.42566  0.534 23.87019  ?  115 GLU A O   1 
ATOM   957  O O   B GLU A 1 139 ? 1.35068   5.61777   13.36087  0.466 23.89624  ?  115 GLU A O   1 
ATOM   958  C CB  A GLU A 1 139 ? 3.21522   8.25141   13.00684  0.534 29.93946  ?  115 GLU A CB  1 
ATOM   959  C CB  B GLU A 1 139 ? 3.05088   8.46463   12.93105  0.466 28.99991  ?  115 GLU A CB  1 
ATOM   960  C CG  A GLU A 1 139 ? 3.42178   7.82474   14.46130  0.534 33.51341  ?  115 GLU A CG  1 
ATOM   961  C CG  B GLU A 1 139 ? 4.46914   8.92396   12.66044  0.466 26.55239  ?  115 GLU A CG  1 
ATOM   962  C CD  A GLU A 1 139 ? 4.13078   6.47711   14.58927  0.534 39.89539  ?  115 GLU A CD  1 
ATOM   963  C CD  B GLU A 1 139 ? 4.75921   10.31842  13.18625  0.466 39.85131  ?  115 GLU A CD  1 
ATOM   964  O OE1 A GLU A 1 139 ? 5.22900   6.31923   14.00649  0.534 40.94101  ?  115 GLU A OE1 1 
ATOM   965  O OE1 B GLU A 1 139 ? 3.87927   10.91226  13.84570  0.466 42.02049  ?  115 GLU A OE1 1 
ATOM   966  O OE2 A GLU A 1 139 ? 3.58525   5.56891   15.26261  0.534 37.68073  -1 115 GLU A OE2 1 
ATOM   967  O OE2 B GLU A 1 139 ? 5.87268   10.82428  12.93082  0.466 43.53806  -1 115 GLU A OE2 1 
ATOM   968  N N   . LEU A 1 140 ? 0.24432   7.23766   12.24597  1.000 22.36951  ?  116 LEU A N   1 
ATOM   969  C CA  . LEU A 1 140 ? -1.06965  6.72932   12.62345  1.000 20.37412  ?  116 LEU A CA  1 
ATOM   970  C C   . LEU A 1 140 ? -1.28145  5.33077   12.06085  1.000 22.38256  ?  116 LEU A C   1 
ATOM   971  O O   . LEU A 1 140 ? -1.85058  4.46314   12.73142  1.000 22.25843  ?  116 LEU A O   1 
ATOM   972  C CB  . LEU A 1 140 ? -2.15490  7.68044   12.13409  1.000 19.60424  ?  116 LEU A CB  1 
ATOM   973  C CG  . LEU A 1 140 ? -2.13681  9.08321   12.76251  1.000 24.51674  ?  116 LEU A CG  1 
ATOM   974  C CD1 . LEU A 1 140 ? -3.19510  9.94343   12.12620  1.000 25.19328  ?  116 LEU A CD1 1 
ATOM   975  C CD2 . LEU A 1 140 ? -2.35391  8.95916   14.26076  1.000 28.04649  ?  116 LEU A CD2 1 
ATOM   976  N N   . ALA A 1 141 ? -0.79719  5.08707   10.84294  1.000 19.44263  ?  117 ALA A N   1 
ATOM   977  C CA  . ALA A 1 141 ? -0.91333  3.76170   10.24271  1.000 18.07895  ?  117 ALA A CA  1 
ATOM   978  C C   . ALA A 1 141 ? -0.14503  2.70675   11.03659  1.000 22.01068  ?  117 ALA A C   1 
ATOM   979  O O   . ALA A 1 141 ? -0.62869  1.58322   11.21001  1.000 19.64428  ?  117 ALA A O   1 
ATOM   980  C CB  . ALA A 1 141 ? -0.42652  3.81387   8.79330   1.000 19.37972  ?  117 ALA A CB  1 
ATOM   981  N N   . ARG A 1 142 ? 1.06273   3.04334   11.51160  1.000 20.13927  ?  118 ARG A N   1 
ATOM   982  C CA  . ARG A 1 142 ? 1.82312   2.12586   12.35944  1.000 20.70393  ?  118 ARG A CA  1 
ATOM   983  C C   . ARG A 1 142 ? 1.09399   1.83841   13.66686  1.000 21.50565  ?  118 ARG A C   1 
ATOM   984  O O   . ARG A 1 142 ? 1.09077   0.69157   14.14196  1.000 23.03298  ?  118 ARG A O   1 
ATOM   985  C CB  . ARG A 1 142 ? 3.20979   2.72298   12.65819  1.000 23.73081  ?  118 ARG A CB  1 
ATOM   986  C CG  . ARG A 1 142 ? 4.13147   2.83036   11.46585  1.000 28.47799  ?  118 ARG A CG  1 
ATOM   987  C CD  . ARG A 1 142 ? 5.48317   3.42973   11.89967  1.000 38.89463  ?  118 ARG A CD  1 
ATOM   988  N NE  . ARG A 1 142 ? 6.33398   3.73634   10.75341  1.000 37.90290  ?  118 ARG A NE  1 
ATOM   989  C CZ  . ARG A 1 142 ? 6.53478   4.96136   10.27594  1.000 37.26998  ?  118 ARG A CZ  1 
ATOM   990  N NH1 . ARG A 1 142 ? 5.95617   6.00390   10.85860  1.000 39.82512  ?  118 ARG A NH1 1 
ATOM   991  N NH2 . ARG A 1 142 ? 7.32175   5.14521   9.22212   1.000 45.62518  ?  118 ARG A NH2 1 
ATOM   992  N N   A GLU A 1 143 ? 0.46554   2.85645   14.26066  0.630 22.46780  ?  119 GLU A N   1 
ATOM   993  N N   B GLU A 1 143 ? 0.49422   2.87232   14.27016  0.370 22.38242  ?  119 GLU A N   1 
ATOM   994  C CA  A GLU A 1 143 ? -0.27175  2.64473   15.50341  0.630 25.33706  ?  119 GLU A CA  1 
ATOM   995  C CA  B GLU A 1 143 ? -0.28743  2.68518   15.48991  0.370 25.43397  ?  119 GLU A CA  1 
ATOM   996  C C   A GLU A 1 143 ? -1.48969  1.76210   15.27389  0.630 24.16790  ?  119 GLU A C   1 
ATOM   997  C C   B GLU A 1 143 ? -1.44751  1.73615   15.24018  0.370 24.19127  ?  119 GLU A C   1 
ATOM   998  O O   A GLU A 1 143 ? -1.78109  0.87090   16.08317  0.630 23.61835  ?  119 GLU A O   1 
ATOM   999  O O   B GLU A 1 143 ? -1.66146  0.77688   15.99436  0.370 23.67502  ?  119 GLU A O   1 
ATOM   1000 C CB  A GLU A 1 143 ? -0.69016  3.98440   16.10664  0.630 27.36350  ?  119 GLU A CB  1 
ATOM   1001 C CB  B GLU A 1 143 ? -0.80729  4.03390   16.00223  0.370 27.58863  ?  119 GLU A CB  1 
ATOM   1002 C CG  A GLU A 1 143 ? -1.55734  3.86705   17.34594  0.630 29.06289  ?  119 GLU A CG  1 
ATOM   1003 C CG  B GLU A 1 143 ? 0.26475   5.04085   16.42793  0.370 27.26515  ?  119 GLU A CG  1 
ATOM   1004 C CD  A GLU A 1 143 ? -0.87592  3.10788   18.47629  0.630 36.49888  ?  119 GLU A CD  1 
ATOM   1005 C CD  B GLU A 1 143 ? -0.32636  6.38248   16.86132  0.370 35.66290  ?  119 GLU A CD  1 
ATOM   1006 O OE1 A GLU A 1 143 ? 0.36630   2.96586   18.44853  0.630 40.54010  ?  119 GLU A OE1 1 
ATOM   1007 O OE1 B GLU A 1 143 ? -1.55884  6.45975   17.05506  0.370 36.47349  ?  119 GLU A OE1 1 
ATOM   1008 O OE2 A GLU A 1 143 ? -1.59004  2.65312   19.39648  0.630 40.81819  -1 119 GLU A OE2 1 
ATOM   1009 O OE2 B GLU A 1 143 ? 0.44012   7.36109   17.00852  0.370 32.90189  -1 119 GLU A OE2 1 
ATOM   1010 N N   . HIS A 1 144 ? -2.20938  1.99070   14.17260  1.000 21.12474  ?  120 HIS A N   1 
ATOM   1011 C CA  . HIS A 1 144 ? -3.35701  1.15037   13.85986  1.000 22.86045  ?  120 HIS A CA  1 
ATOM   1012 C C   . HIS A 1 144 ? -2.92338  -0.29293  13.65831  1.000 21.28231  ?  120 HIS A C   1 
ATOM   1013 O O   . HIS A 1 144 ? -3.56890  -1.21785  14.15468  1.000 20.93994  ?  120 HIS A O   1 
ATOM   1014 C CB  . HIS A 1 144 ? -4.06033  1.69998   12.61328  1.000 20.26157  ?  120 HIS A CB  1 
ATOM   1015 C CG  . HIS A 1 144 ? -5.13964  0.81013   12.08993  1.000 20.40209  ?  120 HIS A CG  1 
ATOM   1016 N ND1 . HIS A 1 144 ? -5.06311  0.20532   10.85663  1.000 20.54204  ?  120 HIS A ND1 1 
ATOM   1017 C CD2 . HIS A 1 144 ? -6.32723  0.43364   12.62443  1.000 25.10309  ?  120 HIS A CD2 1 
ATOM   1018 C CE1 . HIS A 1 144 ? -6.15486  -0.51298  10.65291  1.000 21.06291  ?  120 HIS A CE1 1 
ATOM   1019 N NE2 . HIS A 1 144 ? -6.93847  -0.39118  11.71189  1.000 23.89197  ?  120 HIS A NE2 1 
ATOM   1020 N N   . GLU A 1 145 ? -1.83686  -0.50690  12.92280  1.000 20.91535  ?  121 GLU A N   1 
ATOM   1021 C CA  . GLU A 1 145 ? -1.34772  -1.86348  12.69999  1.000 19.21687  ?  121 GLU A CA  1 
ATOM   1022 C C   . GLU A 1 145 ? -0.97139  -2.53513  14.01230  1.000 23.00502  ?  121 GLU A C   1 
ATOM   1023 O O   . GLU A 1 145 ? -1.27925  -3.71653  14.23039  1.000 21.74255  ?  121 GLU A O   1 
ATOM   1024 C CB  . GLU A 1 145 ? -0.14729  -1.81424  11.76116  1.000 21.66769  ?  121 GLU A CB  1 
ATOM   1025 C CG  . GLU A 1 145 ? 0.47824   -3.14087  11.49426  1.000 27.29854  ?  121 GLU A CG  1 
ATOM   1026 C CD  . GLU A 1 145 ? 1.74105   -2.99806  10.68334  1.000 30.52664  ?  121 GLU A CD  1 
ATOM   1027 O OE1 . GLU A 1 145 ? 2.42441   -1.94991  10.81870  1.000 37.57291  ?  121 GLU A OE1 1 
ATOM   1028 O OE2 . GLU A 1 145 ? 2.06061   -3.90975  9.91922   1.000 27.82061  -1 121 GLU A OE2 1 
ATOM   1029 N N   A ARG A 1 146 ? -0.29579  -1.79858  14.89700  0.516 24.88581  ?  122 ARG A N   1 
ATOM   1030 N N   B ARG A 1 146 ? -0.28897  -1.80520  14.89978  0.484 24.91034  ?  122 ARG A N   1 
ATOM   1031 C CA  A ARG A 1 146 ? 0.07081   -2.35907  16.19158  0.516 25.73231  ?  122 ARG A CA  1 
ATOM   1032 C CA  B ARG A 1 146 ? 0.06745   -2.38126  16.19271  0.484 25.69750  ?  122 ARG A CA  1 
ATOM   1033 C C   A ARG A 1 146 ? -1.16393  -2.80715  16.95840  0.516 24.47232  ?  122 ARG A C   1 
ATOM   1034 C C   B ARG A 1 146 ? -1.17294  -2.81923  16.95283  0.484 24.50757  ?  122 ARG A C   1 
ATOM   1035 O O   A ARG A 1 146 ? -1.16184  -3.87389  17.58023  0.516 28.30806  ?  122 ARG A O   1 
ATOM   1036 O O   B ARG A 1 146 ? -1.18522  -3.89041  17.56767  0.484 28.28700  ?  122 ARG A O   1 
ATOM   1037 C CB  A ARG A 1 146 ? 0.85974   -1.33390  17.00435  0.516 25.79986  ?  122 ARG A CB  1 
ATOM   1038 C CB  B ARG A 1 146 ? 0.87380   -1.38287  17.02532  0.484 25.80978  ?  122 ARG A CB  1 
ATOM   1039 C CG  A ARG A 1 146 ? 1.56232   -1.91372  18.21816  0.516 26.33040  ?  122 ARG A CG  1 
ATOM   1040 C CG  B ARG A 1 146 ? 2.31612   -1.23451  16.58346  0.484 31.94559  ?  122 ARG A CG  1 
ATOM   1041 C CD  A ARG A 1 146 ? 2.01677   -0.79951  19.15316  0.516 27.82775  ?  122 ARG A CD  1 
ATOM   1042 C CD  B ARG A 1 146 ? 3.10760   -0.30886  17.51170  0.484 30.97335  ?  122 ARG A CD  1 
ATOM   1043 N NE  A ARG A 1 146 ? 0.86919   -0.10543  19.72747  0.516 30.46972  ?  122 ARG A NE  1 
ATOM   1044 N NE  B ARG A 1 146 ? 4.14779   0.40114   16.77130  0.484 34.31859  ?  122 ARG A NE  1 
ATOM   1045 C CZ  A ARG A 1 146 ? 0.04039   -0.64719  20.61474  0.516 35.20070  ?  122 ARG A CZ  1 
ATOM   1046 C CZ  B ARG A 1 146 ? 4.10727   1.69643   16.47212  0.484 28.43567  ?  122 ARG A CZ  1 
ATOM   1047 N NH1 A ARG A 1 146 ? 0.22879   -1.89535  21.02322  0.516 39.64062  ?  122 ARG A NH1 1 
ATOM   1048 N NH1 B ARG A 1 146 ? 3.09133   2.44922   16.87740  0.484 26.97818  ?  122 ARG A NH1 1 
ATOM   1049 N NH2 A ARG A 1 146 ? -0.97981  0.05466   21.08244  0.516 37.67772  ?  122 ARG A NH2 1 
ATOM   1050 N NH2 B ARG A 1 146 ? 5.10325   2.24897   15.79042  0.484 38.24174  ?  122 ARG A NH2 1 
ATOM   1051 N N   . ARG A 1 147 ? -2.23231  -2.01100  16.91442  1.000 23.15050  ?  123 ARG A N   1 
ATOM   1052 C CA  . ARG A 1 147 ? -3.46984  -2.38993  17.59267  1.000 23.73488  ?  123 ARG A CA  1 
ATOM   1053 C C   . ARG A 1 147 ? -4.10338  -3.62995  16.96910  1.000 27.57055  ?  123 ARG A C   1 
ATOM   1054 O O   . ARG A 1 147 ? -4.60465  -4.50733  17.68752  1.000 26.44953  ?  123 ARG A O   1 
ATOM   1055 C CB  . ARG A 1 147 ? -4.46501  -1.23334  17.58565  1.000 29.41444  ?  123 ARG A CB  1 
ATOM   1056 C CG  . ARG A 1 147 ? -4.07953  -0.06779  18.48789  1.000 35.50289  ?  123 ARG A CG  1 
ATOM   1057 C CD  . ARG A 1 147 ? -5.23159  0.90981   18.60568  1.000 51.04395  ?  123 ARG A CD  1 
ATOM   1058 N NE  . ARG A 1 147 ? -5.42478  1.64244   17.35904  1.000 74.95878  ?  123 ARG A NE  1 
ATOM   1059 C CZ  . ARG A 1 147 ? -5.00722  2.88670   17.15595  1.000 71.16497  ?  123 ARG A CZ  1 
ATOM   1060 N NH1 . ARG A 1 147 ? -4.38898  3.54450   18.12916  1.000 63.13844  ?  123 ARG A NH1 1 
ATOM   1061 N NH2 . ARG A 1 147 ? -5.21731  3.47648   15.98515  1.000 49.98088  ?  123 ARG A NH2 1 
ATOM   1062 N N   . VAL A 1 148 ? -4.12136  -3.71389  15.63661  1.000 21.25419  ?  124 VAL A N   1 
ATOM   1063 C CA  . VAL A 1 148 ? -4.67684  -4.88749  14.96106  1.000 20.47990  ?  124 VAL A CA  1 
ATOM   1064 C C   . VAL A 1 148 ? -3.92985  -6.15532  15.36818  1.000 25.15992  ?  124 VAL A C   1 
ATOM   1065 O O   . VAL A 1 148 ? -4.52949  -7.22893  15.54322  1.000 23.88434  ?  124 VAL A O   1 
ATOM   1066 C CB  . VAL A 1 148 ? -4.63424  -4.68741  13.43193  1.000 20.00390  ?  124 VAL A CB  1 
ATOM   1067 C CG1 . VAL A 1 148 ? -4.96939  -6.01505  12.69315  1.000 20.79395  ?  124 VAL A CG1 1 
ATOM   1068 C CG2 . VAL A 1 148 ? -5.59695  -3.58319  12.99346  1.000 20.06326  ?  124 VAL A CG2 1 
ATOM   1069 N N   . LEU A 1 149 ? -2.61112  -6.06682  15.49274  1.000 22.85952  ?  125 LEU A N   1 
ATOM   1070 C CA  . LEU A 1 149 ? -1.79569  -7.25155  15.71734  1.000 21.18294  ?  125 LEU A CA  1 
ATOM   1071 C C   . LEU A 1 149 ? -1.59563  -7.57962  17.18972  1.000 23.31634  ?  125 LEU A C   1 
ATOM   1072 O O   . LEU A 1 149 ? -1.19303  -8.70574  17.50377  1.000 26.27357  ?  125 LEU A O   1 
ATOM   1073 C CB  . LEU A 1 149 ? -0.43180  -7.08032  15.04366  1.000 23.32490  ?  125 LEU A CB  1 
ATOM   1074 C CG  . LEU A 1 149 ? -0.47001  -7.10326  13.51117  1.000 24.89495  ?  125 LEU A CG  1 
ATOM   1075 C CD1 . LEU A 1 149 ? 0.86680   -6.63703  12.93801  1.000 26.94844  ?  125 LEU A CD1 1 
ATOM   1076 C CD2 . LEU A 1 149 ? -0.84916  -8.48904  13.00670  1.000 27.92018  ?  125 LEU A CD2 1 
ATOM   1077 N N   . GLU A 1 150 ? -1.89075  -6.64636  18.09057  1.000 24.12293  ?  126 GLU A N   1 
ATOM   1078 C CA  . GLU A 1 150 ? -1.58386  -6.87342  19.50326  1.000 30.71502  ?  126 GLU A CA  1 
ATOM   1079 C C   . GLU A 1 150 ? -2.27567  -8.09929  20.08067  1.000 28.80983  ?  126 GLU A C   1 
ATOM   1080 O O   . GLU A 1 150 ? -1.62241  -8.83302  20.84612  1.000 28.96263  ?  126 GLU A O   1 
ATOM   1081 C CB  . GLU A 1 150 ? -1.93939  -5.63031  20.32556  1.000 32.20495  ?  126 GLU A CB  1 
ATOM   1082 C CG  . GLU A 1 150 ? -1.46882  -5.73004  21.77645  1.000 38.87939  ?  126 GLU A CG  1 
ATOM   1083 C CD  . GLU A 1 150 ? -1.75083  -4.47337  22.57678  1.000 74.34594  ?  126 GLU A CD  1 
ATOM   1084 O OE1 . GLU A 1 150 ? -2.93779  -4.11901  22.73656  1.000 85.40267  ?  126 GLU A OE1 1 
ATOM   1085 O OE2 . GLU A 1 150 ? -0.78139  -3.83500  23.04227  1.000 88.53837  -1 126 GLU A OE2 1 
ATOM   1086 N N   . PRO A 1 151 ? -3.54957  -8.38295  19.78833  1.000 24.56178  ?  127 PRO A N   1 
ATOM   1087 C CA  . PRO A 1 151 ? -4.18068  -9.57808  20.37667  1.000 25.10271  ?  127 PRO A CA  1 
ATOM   1088 C C   . PRO A 1 151 ? -3.52725  -10.86946 19.94737  1.000 27.91496  ?  127 PRO A C   1 
ATOM   1089 O O   . PRO A 1 151 ? -3.67888  -11.88728 20.63714  1.000 28.30020  ?  127 PRO A O   1 
ATOM   1090 C CB  . PRO A 1 151 ? -5.63112  -9.49705  19.87915  1.000 31.87105  ?  127 PRO A CB  1 
ATOM   1091 C CG  . PRO A 1 151 ? -5.82324  -8.07513  19.48150  1.000 35.87558  ?  127 PRO A CG  1 
ATOM   1092 C CD  . PRO A 1 151 ? -4.49611  -7.61910  18.96517  1.000 26.57395  ?  127 PRO A CD  1 
ATOM   1093 N N   . PHE A 1 152 ? -2.79755  -10.87551 18.83881  1.000 24.28484  ?  128 PHE A N   1 
ATOM   1094 C CA  . PHE A 1 152 ? -2.21930  -12.10903 18.33328  1.000 26.74042  ?  128 PHE A CA  1 
ATOM   1095 C C   . PHE A 1 152 ? -0.84842  -12.40084 18.91779  1.000 29.35809  ?  128 PHE A C   1 
ATOM   1096 O O   . PHE A 1 152 ? -0.40066  -13.55128 18.87002  1.000 31.18660  ?  128 PHE A O   1 
ATOM   1097 C CB  . PHE A 1 152 ? -2.17196  -12.05929 16.80125  1.000 25.70722  ?  128 PHE A CB  1 
ATOM   1098 C CG  . PHE A 1 152 ? -3.53546  -12.01339 16.20003  1.000 24.65713  ?  128 PHE A CG  1 
ATOM   1099 C CD1 . PHE A 1 152 ? -4.26949  -13.18152 16.05236  1.000 23.89887  ?  128 PHE A CD1 1 
ATOM   1100 C CD2 . PHE A 1 152 ? -4.12693  -10.80989 15.87493  1.000 21.64359  ?  128 PHE A CD2 1 
ATOM   1101 C CE1 . PHE A 1 152 ? -5.55666  -13.14580 15.55392  1.000 24.93651  ?  128 PHE A CE1 1 
ATOM   1102 C CE2 . PHE A 1 152 ? -5.42207  -10.76153 15.38156  1.000 24.50329  ?  128 PHE A CE2 1 
ATOM   1103 C CZ  . PHE A 1 152 ? -6.13447  -11.93390 15.21058  1.000 25.51151  ?  128 PHE A CZ  1 
ATOM   1104 N N   . GLY A 1 153 ? -0.19227  -11.40469 19.49021  1.000 31.54497  ?  129 GLY A N   1 
ATOM   1105 C CA  . GLY A 1 153 ? 1.14106   -11.60777 20.00696  1.000 34.41601  ?  129 GLY A CA  1 
ATOM   1106 C C   . GLY A 1 153 ? 2.19296   -11.55686 18.91675  1.000 40.74182  ?  129 GLY A C   1 
ATOM   1107 O O   . GLY A 1 153 ? 1.92213   -11.73168 17.72984  1.000 30.36071  ?  129 GLY A O   1 
ATOM   1108 N N   A LEU A 1 154 ? 3.43558   -11.31991 19.34522  0.392 32.81090  ?  130 LEU A N   1 
ATOM   1109 N N   B LEU A 1 154 ? 3.43587   -11.33744 19.34776  0.608 32.76680  ?  130 LEU A N   1 
ATOM   1110 C CA  A LEU A 1 154 ? 4.51662   -11.09495 18.39093  0.392 32.69839  ?  130 LEU A CA  1 
ATOM   1111 C CA  B LEU A 1 154 ? 4.51523   -11.09758 18.39888  0.608 32.68383  ?  130 LEU A CA  1 
ATOM   1112 C C   A LEU A 1 154 ? 4.77012   -12.32355 17.52321  0.392 32.40017  ?  130 LEU A C   1 
ATOM   1113 C C   B LEU A 1 154 ? 4.78959   -12.32027 17.53147  0.608 32.37757  ?  130 LEU A C   1 
ATOM   1114 O O   A LEU A 1 154 ? 5.02032   -12.19596 16.31954  0.392 33.84353  ?  130 LEU A O   1 
ATOM   1115 O O   B LEU A 1 154 ? 5.07502   -12.18647 16.33599  0.608 33.85151  ?  130 LEU A O   1 
ATOM   1116 C CB  A LEU A 1 154 ? 5.79302   -10.68448 19.12734  0.392 37.69610  ?  130 LEU A CB  1 
ATOM   1117 C CB  B LEU A 1 154 ? 5.77789   -10.67332 19.14577  0.608 37.75856  ?  130 LEU A CB  1 
ATOM   1118 C CG  A LEU A 1 154 ? 5.79194   -9.31032  19.80787  0.392 35.97525  ?  130 LEU A CG  1 
ATOM   1119 C CG  B LEU A 1 154 ? 6.91169   -10.14990 18.27005  0.608 30.68271  ?  130 LEU A CG  1 
ATOM   1120 C CD1 A LEU A 1 154 ? 5.27776   -8.22029  18.87130  0.392 36.97638  ?  130 LEU A CD1 1 
ATOM   1121 C CD1 B LEU A 1 154 ? 6.45952   -8.95676  17.44863  0.608 38.76277  ?  130 LEU A CD1 1 
ATOM   1122 C CD2 A LEU A 1 154 ? 4.99916   -9.33057  21.10737  0.392 37.10017  ?  130 LEU A CD2 1 
ATOM   1123 C CD2 B LEU A 1 154 ? 8.10654   -9.78581  19.13469  0.608 40.81075  ?  130 LEU A CD2 1 
ATOM   1124 N N   . ARG A 1 155 ? 4.71822   -13.52188 18.11245  1.000 30.60674  ?  131 ARG A N   1 
ATOM   1125 C CA  . ARG A 1 155 ? 4.99117   -14.73132 17.33676  1.000 30.55203  ?  131 ARG A CA  1 
ATOM   1126 C C   . ARG A 1 155 ? 3.98638   -14.90615 16.20323  1.000 30.55023  ?  131 ARG A C   1 
ATOM   1127 O O   . ARG A 1 155 ? 4.36682   -15.10262 15.04480  1.000 31.43326  ?  131 ARG A O   1 
ATOM   1128 C CB  . ARG A 1 155 ? 4.97667   -15.96774 18.23548  1.000 37.91174  ?  131 ARG A CB  1 
ATOM   1129 C CG  . ARG A 1 155 ? 5.18708   -17.26626 17.45337  1.000 53.64141  ?  131 ARG A CG  1 
ATOM   1130 C CD  . ARG A 1 155 ? 4.86617   -18.53150 18.25596  1.000 50.78003  ?  131 ARG A CD  1 
ATOM   1131 N NE  . ARG A 1 155 ? 3.43946   -18.86093 18.26688  1.000 66.26639  ?  131 ARG A NE  1 
ATOM   1132 C CZ  . ARG A 1 155 ? 2.78212   -19.40581 17.24422  1.000 65.08913  ?  131 ARG A CZ  1 
ATOM   1133 N NH1 . ARG A 1 155 ? 3.41191   -19.67131 16.10786  1.000 63.70875  ?  131 ARG A NH1 1 
ATOM   1134 N NH2 . ARG A 1 155 ? 1.48718   -19.67741 17.35385  1.000 59.18681  ?  131 ARG A NH2 1 
ATOM   1135 N N   . ARG A 1 156 ? 2.69683   -14.87007 16.52212  1.000 29.47931  ?  132 ARG A N   1 
ATOM   1136 C CA  . ARG A 1 156 ? 1.69560   -15.09108 15.48642  1.000 26.06160  ?  132 ARG A CA  1 
ATOM   1137 C C   . ARG A 1 156 ? 1.66867   -13.93408 14.49832  1.000 30.84778  ?  132 ARG A C   1 
ATOM   1138 O O   . ARG A 1 156 ? 1.40558   -14.14525 13.30374  1.000 27.14125  ?  132 ARG A O   1 
ATOM   1139 C CB  . ARG A 1 156 ? 0.33293   -15.30168 16.12839  1.000 26.14946  ?  132 ARG A CB  1 
ATOM   1140 C CG  . ARG A 1 156 ? 0.21763   -16.62383 16.88907  1.000 30.70319  ?  132 ARG A CG  1 
ATOM   1141 C CD  . ARG A 1 156 ? -1.18452  -16.82760 17.39885  1.000 34.77833  ?  132 ARG A CD  1 
ATOM   1142 N NE  . ARG A 1 156 ? -2.11655  -17.09472 16.30934  1.000 31.85079  ?  132 ARG A NE  1 
ATOM   1143 C CZ  . ARG A 1 156 ? -3.42926  -16.93003 16.40632  1.000 33.86880  ?  132 ARG A CZ  1 
ATOM   1144 N NH1 . ARG A 1 156 ? -3.96611  -16.48986 17.53969  1.000 31.79472  ?  132 ARG A NH1 1 
ATOM   1145 N NH2 . ARG A 1 156 ? -4.20682  -17.20144 15.36871  1.000 31.69570  ?  132 ARG A NH2 1 
ATOM   1146 N N   . ALA A 1 157 ? 1.95791   -12.71898 14.96384  1.000 26.09564  ?  133 ALA A N   1 
ATOM   1147 C CA  . ALA A 1 157 ? 2.00104   -11.58028 14.05436  1.000 22.82131  ?  133 ALA A CA  1 
ATOM   1148 C C   . ALA A 1 157 ? 3.13147   -11.73199 13.04663  1.000 27.57874  ?  133 ALA A C   1 
ATOM   1149 O O   . ALA A 1 157 ? 2.95834   -11.47593 11.84726  1.000 26.09662  ?  133 ALA A O   1 
ATOM   1150 C CB  . ALA A 1 157 ? 2.16297   -10.27819 14.84134  1.000 27.10451  ?  133 ALA A CB  1 
ATOM   1151 N N   . GLU A 1 158 ? 4.31518   -12.12667 13.51541  1.000 27.44682  ?  134 GLU A N   1 
ATOM   1152 C CA  . GLU A 1 158 ? 5.43495   -12.26390 12.59517  1.000 27.77579  ?  134 GLU A CA  1 
ATOM   1153 C C   . GLU A 1 158 ? 5.22043   -13.42649 11.63384  1.000 24.79383  ?  134 GLU A C   1 
ATOM   1154 O O   . GLU A 1 158 ? 5.58243   -13.33199 10.45302  1.000 27.95102  ?  134 GLU A O   1 
ATOM   1155 C CB  . GLU A 1 158 ? 6.74481   -12.42315 13.37601  1.000 30.27129  ?  134 GLU A CB  1 
ATOM   1156 C CG  . GLU A 1 158 ? 7.16307   -11.14359 14.07182  1.000 38.84914  ?  134 GLU A CG  1 
ATOM   1157 C CD  . GLU A 1 158 ? 7.07795   -9.93219  13.14898  1.000 69.57012  ?  134 GLU A CD  1 
ATOM   1158 O OE1 . GLU A 1 158 ? 7.45344   -10.05580 11.95945  1.000 67.38401  ?  134 GLU A OE1 1 
ATOM   1159 O OE2 . GLU A 1 158 ? 6.62071   -8.86083  13.60528  1.000 64.76783  -1 134 GLU A OE2 1 
ATOM   1160 N N   A GLU A 1 159 ? 4.59513   -14.51719 12.09243  0.467 24.94845  ?  135 GLU A N   1 
ATOM   1161 N N   B GLU A 1 159 ? 4.66849   -14.53529 12.13168  0.533 24.96395  ?  135 GLU A N   1 
ATOM   1162 C CA  A GLU A 1 159 ? 4.36686   -15.65313 11.19792  0.467 25.39900  ?  135 GLU A CA  1 
ATOM   1163 C CA  B GLU A 1 159 ? 4.32249   -15.64838 11.25745  0.533 25.33999  ?  135 GLU A CA  1 
ATOM   1164 C C   A GLU A 1 159 ? 3.30671   -15.34106 10.14274  0.467 24.33411  ?  135 GLU A C   1 
ATOM   1165 C C   B GLU A 1 159 ? 3.43101   -15.16829 10.12042  0.533 24.41273  ?  135 GLU A C   1 
ATOM   1166 O O   A GLU A 1 159 ? 3.35849   -15.87768 9.02810   0.467 24.32251  ?  135 GLU A O   1 
ATOM   1167 O O   B GLU A 1 159 ? 3.72369   -15.38780 8.93681   0.533 21.16824  ?  135 GLU A O   1 
ATOM   1168 C CB  A GLU A 1 159 ? 3.96926   -16.89357 11.99915  0.467 26.56769  ?  135 GLU A CB  1 
ATOM   1169 C CB  B GLU A 1 159 ? 3.62380   -16.74620 12.06329  0.533 26.00327  ?  135 GLU A CB  1 
ATOM   1170 C CG  A GLU A 1 159 ? 5.03665   -17.36118 12.97692  0.467 29.36406  ?  135 GLU A CG  1 
ATOM   1171 C CG  B GLU A 1 159 ? 2.99644   -17.84442 11.21823  0.533 27.40769  ?  135 GLU A CG  1 
ATOM   1172 C CD  A GLU A 1 159 ? 4.76456   -18.74930 13.52085  0.467 46.01331  ?  135 GLU A CD  1 
ATOM   1173 C CD  B GLU A 1 159 ? 4.01596   -18.82747 10.69430  0.533 37.11231  ?  135 GLU A CD  1 
ATOM   1174 O OE1 A GLU A 1 159 ? 3.96176   -19.48331 12.90474  0.467 41.34940  ?  135 GLU A OE1 1 
ATOM   1175 O OE1 B GLU A 1 159 ? 5.01435   -19.07182 11.40329  0.533 39.61944  ?  135 GLU A OE1 1 
ATOM   1176 O OE2 A GLU A 1 159 ? 5.35193   -19.10714 14.56462  0.467 40.94903  -1 135 GLU A OE2 1 
ATOM   1177 O OE2 B GLU A 1 159 ? 3.82031   -19.35459 9.57672   0.533 31.67899  -1 135 GLU A OE2 1 
ATOM   1178 N N   . LEU A 1 160 ? 2.33998   -14.48788 10.47281  1.000 23.60604  ?  136 LEU A N   1 
ATOM   1179 C CA  . LEU A 1 160 ? 1.40837   -13.98641 9.46572   1.000 21.32574  ?  136 LEU A CA  1 
ATOM   1180 C C   . LEU A 1 160 ? 2.12245   -13.13279 8.41939   1.000 22.35694  ?  136 LEU A C   1 
ATOM   1181 O O   . LEU A 1 160 ? 1.96140   -13.35075 7.21541   1.000 21.95956  ?  136 LEU A O   1 
ATOM   1182 C CB  . LEU A 1 160 ? 0.30962   -13.17788 10.14758  1.000 20.07992  ?  136 LEU A CB  1 
ATOM   1183 C CG  . LEU A 1 160 ? -0.67865  -12.50928 9.17162   1.000 20.20159  ?  136 LEU A CG  1 
ATOM   1184 C CD1 . LEU A 1 160 ? -1.46564  -13.55265 8.41205   1.000 22.81791  ?  136 LEU A CD1 1 
ATOM   1185 C CD2 . LEU A 1 160 ? -1.61930  -11.60136 9.94337   1.000 22.07302  ?  136 LEU A CD2 1 
ATOM   1186 N N   . LYS A 1 161 ? 2.92005   -12.14962 8.85587   1.000 21.52492  ?  137 LYS A N   1 
ATOM   1187 C CA  . LYS A 1 161 ? 3.58625   -11.29214 7.88175   1.000 21.24304  ?  137 LYS A CA  1 
ATOM   1188 C C   . LYS A 1 161 ? 4.55555   -12.08228 7.01508   1.000 22.14786  ?  137 LYS A C   1 
ATOM   1189 O O   . LYS A 1 161 ? 4.68415   -11.81930 5.81694   1.000 22.73261  ?  137 LYS A O   1 
ATOM   1190 C CB  . LYS A 1 161 ? 4.31810   -10.15143 8.58694   1.000 23.94954  ?  137 LYS A CB  1 
ATOM   1191 C CG  . LYS A 1 161 ? 3.39431   -9.12210  9.16325   1.000 25.45174  ?  137 LYS A CG  1 
ATOM   1192 C CD  . LYS A 1 161 ? 4.21464   -7.96935  9.75195   1.000 31.35161  ?  137 LYS A CD  1 
ATOM   1193 C CE  . LYS A 1 161 ? 3.32453   -6.81431  10.14245  1.000 30.57126  ?  137 LYS A CE  1 
ATOM   1194 N NZ  . LYS A 1 161 ? 4.16970   -5.68066  10.62874  1.000 28.65807  ?  137 LYS A NZ  1 
ATOM   1195 N N   . GLN A 1 162 ? 5.26874   -13.03845 7.61690   1.000 22.05420  ?  138 GLN A N   1 
ATOM   1196 C CA  . GLN A 1 162 ? 6.19965   -13.84725 6.85212   1.000 23.48370  ?  138 GLN A CA  1 
ATOM   1197 C C   . GLN A 1 162 ? 5.46168   -14.67900 5.81179   1.000 20.36128  ?  138 GLN A C   1 
ATOM   1198 O O   . GLN A 1 162 ? 5.88640   -14.75337 4.65544   1.000 22.46322  ?  138 GLN A O   1 
ATOM   1199 C CB  . GLN A 1 162 ? 6.99618   -14.73242 7.81585   1.000 30.12024  ?  138 GLN A CB  1 
ATOM   1200 C CG  . GLN A 1 162 ? 7.73467   -15.89470 7.19572   1.000 40.45239  ?  138 GLN A CG  1 
ATOM   1201 C CD  . GLN A 1 162 ? 8.13023   -16.91911 8.25038   1.000 64.49471  ?  138 GLN A CD  1 
ATOM   1202 O OE1 . GLN A 1 162 ? 8.40200   -16.56355 9.39991   1.000 56.56454  ?  138 GLN A OE1 1 
ATOM   1203 N NE2 . GLN A 1 162 ? 8.13796   -18.19521 7.87375   1.000 69.76474  ?  138 GLN A NE2 1 
ATOM   1204 N N   . THR A 1 163 ? 4.34239   -15.30157 6.19365   1.000 20.60568  ?  139 THR A N   1 
ATOM   1205 C CA  . THR A 1 163 ? 3.60259   -16.10760 5.22569   1.000 19.41401  ?  139 THR A CA  1 
ATOM   1206 C C   . THR A 1 163 ? 3.06343   -15.24703 4.09404   1.000 20.31233  ?  139 THR A C   1 
ATOM   1207 O O   . THR A 1 163 ? 3.15163   -15.62394 2.91783   1.000 19.66563  ?  139 THR A O   1 
ATOM   1208 C CB  . THR A 1 163 ? 2.47599   -16.85843 5.92544   1.000 21.63486  ?  139 THR A CB  1 
ATOM   1209 O OG1 . THR A 1 163 ? 3.05977   -17.76963 6.88201   1.000 24.31538  ?  139 THR A OG1 1 
ATOM   1210 C CG2 . THR A 1 163 ? 1.66220   -17.64377 4.93031   1.000 23.31078  ?  139 THR A CG2 1 
ATOM   1211 N N   . LEU A 1 164 ? 2.52403   -14.07534 4.42958   1.000 20.36630  ?  140 LEU A N   1 
ATOM   1212 C CA  . LEU A 1 164 ? 1.99823   -13.19328 3.38740   1.000 18.59846  ?  140 LEU A CA  1 
ATOM   1213 C C   . LEU A 1 164 ? 3.09895   -12.75096 2.43453   1.000 19.97183  ?  140 LEU A C   1 
ATOM   1214 O O   . LEU A 1 164 ? 2.90985   -12.75195 1.21069   1.000 19.26129  ?  140 LEU A O   1 
ATOM   1215 C CB  . LEU A 1 164 ? 1.31798   -11.97539 4.01646   1.000 17.62070  ?  140 LEU A CB  1 
ATOM   1216 C CG  . LEU A 1 164 ? 0.03979   -12.29136 4.79605   1.000 17.04670  ?  140 LEU A CG  1 
ATOM   1217 C CD1 . LEU A 1 164 ? -0.43870  -11.02512 5.48228   1.000 17.60987  ?  140 LEU A CD1 1 
ATOM   1218 C CD2 . LEU A 1 164 ? -1.03688  -12.84486 3.85983   1.000 20.28942  ?  140 LEU A CD2 1 
ATOM   1219 N N   . ARG A 1 165 ? 4.25776   -12.37627 2.97630   1.000 18.36755  ?  141 ARG A N   1 
ATOM   1220 C CA  . ARG A 1 165 ? 5.37568   -11.96456 2.12953   1.000 18.81287  ?  141 ARG A CA  1 
ATOM   1221 C C   . ARG A 1 165 ? 5.80177   -13.10082 1.20466   1.000 19.20436  ?  141 ARG A C   1 
ATOM   1222 O O   . ARG A 1 165 ? 6.02281   -12.89535 0.00358   1.000 20.72794  ?  141 ARG A O   1 
ATOM   1223 C CB  . ARG A 1 165 ? 6.54475   -11.48812 2.99894   1.000 21.64302  ?  141 ARG A CB  1 
ATOM   1224 C CG  . ARG A 1 165 ? 7.86668   -11.34082 2.23831   1.000 24.99490  ?  141 ARG A CG  1 
ATOM   1225 C CD  . ARG A 1 165 ? 7.73495   -10.47378 0.99025   1.000 26.63219  ?  141 ARG A CD  1 
ATOM   1226 N NE  . ARG A 1 165 ? 7.26666   -9.13770  1.32240   1.000 28.04733  ?  141 ARG A NE  1 
ATOM   1227 C CZ  . ARG A 1 165 ? 6.76384   -8.28552  0.43664   1.000 27.17629  ?  141 ARG A CZ  1 
ATOM   1228 N NH1 . ARG A 1 165 ? 6.65386   -8.62966  -0.85004  1.000 27.47929  ?  141 ARG A NH1 1 
ATOM   1229 N NH2 . ARG A 1 165 ? 6.35824   -7.09308  0.84992   1.000 26.43119  ?  141 ARG A NH2 1 
ATOM   1230 N N   . GLN A 1 166 ? 5.92338   -14.31309 1.74702   1.000 20.04837  ?  142 GLN A N   1 
ATOM   1231 C CA  . GLN A 1 166 ? 6.31362   -15.44675 0.91190   1.000 22.23770  ?  142 GLN A CA  1 
ATOM   1232 C C   . GLN A 1 166 ? 5.27856   -15.72235 -0.17193  1.000 20.28360  ?  142 GLN A C   1 
ATOM   1233 O O   . GLN A 1 166 ? 5.62871   -16.03897 -1.31352  1.000 22.69899  ?  142 GLN A O   1 
ATOM   1234 C CB  . GLN A 1 166 ? 6.55238   -16.67779 1.78855   1.000 22.18282  ?  142 GLN A CB  1 
ATOM   1235 C CG  . GLN A 1 166 ? 7.82531   -16.50177 2.62867   1.000 25.44853  ?  142 GLN A CG  1 
ATOM   1236 C CD  . GLN A 1 166 ? 7.98955   -17.49236 3.77958   1.000 38.67407  ?  142 GLN A CD  1 
ATOM   1237 O OE1 . GLN A 1 166 ? 7.21310   -18.42029 3.94488   1.000 29.84892  ?  142 GLN A OE1 1 
ATOM   1238 N NE2 . GLN A 1 166 ? 9.01851   -17.26738 4.60173   1.000 43.10337  ?  142 GLN A NE2 1 
ATOM   1239 N N   A MET A 1 167 ? 3.98811   -15.61545 0.16345   0.516 19.51966  ?  143 MET A N   1 
ATOM   1240 N N   B MET A 1 167 ? 3.99343   -15.59421 0.16462   0.484 19.57516  ?  143 MET A N   1 
ATOM   1241 C CA  A MET A 1 167 ? 2.96059   -15.81505 -0.85313  0.516 20.55187  ?  143 MET A CA  1 
ATOM   1242 C CA  B MET A 1 167 ? 2.95256   -15.81982 -0.82818  0.484 20.57127  ?  143 MET A CA  1 
ATOM   1243 C C   A MET A 1 167 ? 3.06617   -14.77079 -1.95665  0.516 18.89116  ?  143 MET A C   1 
ATOM   1244 C C   B MET A 1 167 ? 3.00835   -14.77168 -1.93983  0.484 18.90069  ?  143 MET A C   1 
ATOM   1245 O O   A MET A 1 167 ? 3.01255   -15.10040 -3.14641  0.516 19.85502  ?  143 MET A O   1 
ATOM   1246 O O   B MET A 1 167 ? 2.88737   -15.10805 -3.12318  0.484 19.78587  ?  143 MET A O   1 
ATOM   1247 C CB  A MET A 1 167 ? 1.57340   -15.78011 -0.21264  0.516 21.75613  ?  143 MET A CB  1 
ATOM   1248 C CB  B MET A 1 167 ? 1.58917   -15.82720 -0.13262  0.484 21.64656  ?  143 MET A CB  1 
ATOM   1249 C CG  A MET A 1 167 ? 1.26827   -17.01672 0.56822   0.516 17.80819  ?  143 MET A CG  1 
ATOM   1250 C CG  B MET A 1 167 ? 0.45646   -16.38237 -0.95836  0.484 27.08033  ?  143 MET A CG  1 
ATOM   1251 S SD  A MET A 1 167 ? -0.37710  -16.97807 1.27973   0.516 22.83033  ?  143 MET A SD  1 
ATOM   1252 S SD  B MET A 1 167 ? -0.98881  -16.68898 0.07835   0.484 23.83170  ?  143 MET A SD  1 
ATOM   1253 C CE  A MET A 1 167 ? -0.52692  -18.64448 1.90682   0.516 28.39946  ?  143 MET A CE  1 
ATOM   1254 C CE  B MET A 1 167 ? -0.52012  -18.17067 0.95357   0.484 21.04587  ?  143 MET A CE  1 
ATOM   1255 N N   . ILE A 1 168 ? 3.21193   -13.50108 -1.58485  1.000 19.22827  ?  144 ILE A N   1 
ATOM   1256 C CA  . ILE A 1 168 ? 3.34009   -12.45976 -2.60161  1.000 18.90271  ?  144 ILE A CA  1 
ATOM   1257 C C   . ILE A 1 168 ? 4.50845   -12.77287 -3.53311  1.000 19.44472  ?  144 ILE A C   1 
ATOM   1258 O O   . ILE A 1 168 ? 4.37264   -12.76303 -4.76447  1.000 21.09757  ?  144 ILE A O   1 
ATOM   1259 C CB  . ILE A 1 168 ? 3.50619   -11.08227 -1.94144  1.000 18.29783  ?  144 ILE A CB  1 
ATOM   1260 C CG1 . ILE A 1 168 ? 2.21618   -10.68450 -1.18277  1.000 18.88774  ?  144 ILE A CG1 1 
ATOM   1261 C CG2 . ILE A 1 168 ? 3.94845   -10.05347 -2.98692  1.000 19.44315  ?  144 ILE A CG2 1 
ATOM   1262 C CD1 . ILE A 1 168 ? 2.43501   -9.60395  -0.12554  1.000 18.74848  ?  144 ILE A CD1 1 
ATOM   1263 N N   . ASP A 1 169 ? 5.67457   -13.07324 -2.95539  1.000 23.20870  ?  145 ASP A N   1 
ATOM   1264 C CA  . ASP A 1 169 ? 6.85088   -13.26384 -3.79512  1.000 24.39539  ?  145 ASP A CA  1 
ATOM   1265 C C   . ASP A 1 169 ? 6.70186   -14.47744 -4.70532  1.000 22.49915  ?  145 ASP A C   1 
ATOM   1266 O O   . ASP A 1 169 ? 7.29720   -14.51072 -5.78740  1.000 26.61861  ?  145 ASP A O   1 
ATOM   1267 C CB  . ASP A 1 169 ? 8.10613   -13.37454 -2.92920  1.000 23.84424  ?  145 ASP A CB  1 
ATOM   1268 C CG  . ASP A 1 169 ? 8.49133   -12.04979 -2.26495  1.000 36.13139  ?  145 ASP A CG  1 
ATOM   1269 O OD1 . ASP A 1 169 ? 7.81226   -11.01385 -2.47355  1.000 33.82213  ?  145 ASP A OD1 1 
ATOM   1270 O OD2 . ASP A 1 169 ? 9.48805   -12.04622 -1.52323  1.000 39.32197  -1 145 ASP A OD2 1 
ATOM   1271 N N   . LEU A 1 170 ? 5.88669   -15.46952 -4.31357  1.000 22.06238  ?  146 LEU A N   1 
ATOM   1272 C CA  . LEU A 1 170 ? 5.65519   -16.62778 -5.16394  1.000 22.53645  ?  146 LEU A CA  1 
ATOM   1273 C C   . LEU A 1 170 ? 4.65927   -16.37505 -6.28723  1.000 27.77075  ?  146 LEU A C   1 
ATOM   1274 O O   . LEU A 1 170 ? 4.67829   -17.10463 -7.28649  1.000 31.49320  ?  146 LEU A O   1 
ATOM   1275 C CB  . LEU A 1 170 ? 5.13424   -17.80793 -4.34308  1.000 25.42769  ?  146 LEU A CB  1 
ATOM   1276 C CG  . LEU A 1 170 ? 6.19394   -18.50209 -3.49678  1.000 30.28071  ?  146 LEU A CG  1 
ATOM   1277 C CD1 . LEU A 1 170 ? 5.53618   -19.58070 -2.66612  1.000 28.86065  ?  146 LEU A CD1 1 
ATOM   1278 C CD2 . LEU A 1 170 ? 7.27170   -19.07579 -4.41785  1.000 32.13195  ?  146 LEU A CD2 1 
ATOM   1279 N N   . HIS A 1 171 ? 3.77130   -15.39096 -6.14622  1.000 22.48301  ?  147 HIS A N   1 
ATOM   1280 C CA  . HIS A 1 171 ? 2.68623   -15.22789 -7.10031  1.000 21.52342  ?  147 HIS A CA  1 
ATOM   1281 C C   . HIS A 1 171 ? 2.78115   -13.95244 -7.92303  1.000 23.83825  ?  147 HIS A C   1 
ATOM   1282 O O   . HIS A 1 171 ? 1.98900   -13.77594 -8.85564  1.000 26.46689  ?  147 HIS A O   1 
ATOM   1283 C CB  . HIS A 1 171 ? 1.33900   -15.28149 -6.36440  1.000 21.98557  ?  147 HIS A CB  1 
ATOM   1284 C CG  . HIS A 1 171 ? 0.98433   -16.66323 -5.91730  1.000 21.71164  ?  147 HIS A CG  1 
ATOM   1285 N ND1 . HIS A 1 171 ? 1.31622   -17.15298 -4.67329  1.000 26.85102  ?  147 HIS A ND1 1 
ATOM   1286 C CD2 . HIS A 1 171 ? 0.38031   -17.67753 -6.57801  1.000 20.04450  ?  147 HIS A CD2 1 
ATOM   1287 C CE1 . HIS A 1 171 ? 0.90718   -18.41023 -4.58098  1.000 21.61608  ?  147 HIS A CE1 1 
ATOM   1288 N NE2 . HIS A 1 171 ? 0.33858   -18.74835 -5.72282  1.000 27.54525  ?  147 HIS A NE2 1 
ATOM   1289 N N   A VAL A 1 172 ? 3.74771   -13.09623 -7.65166  0.524 21.95488  ?  148 VAL A N   1 
ATOM   1290 N N   B VAL A 1 172 ? 3.69973   -13.05098 -7.58540  0.476 21.91498  ?  148 VAL A N   1 
ATOM   1291 C CA  A VAL A 1 172 ? 3.88419   -11.84312 -8.38395  0.524 24.38617  ?  148 VAL A CA  1 
ATOM   1292 C CA  B VAL A 1 172 ? 3.88256   -11.86972 -8.40663  0.476 24.37567  ?  148 VAL A CA  1 
ATOM   1293 C C   A VAL A 1 172 ? 4.47941   -12.12228 -9.76112  0.524 30.37555  ?  148 VAL A C   1 
ATOM   1294 C C   B VAL A 1 172 ? 4.30141   -12.29667 -9.80607  0.476 29.07088  ?  148 VAL A C   1 
ATOM   1295 O O   A VAL A 1 172 ? 5.44433   -12.88437 -9.89676  0.524 33.56613  ?  148 VAL A O   1 
ATOM   1296 O O   B VAL A 1 172 ? 4.95758   -13.32849 -10.00098 0.476 29.14875  ?  148 VAL A O   1 
ATOM   1297 C CB  A VAL A 1 172 ? 4.73328   -10.84545 -7.57207  0.524 25.62460  ?  148 VAL A CB  1 
ATOM   1298 C CB  B VAL A 1 172 ? 4.91391   -10.91524 -7.78417  0.476 25.37572  ?  148 VAL A CB  1 
ATOM   1299 C CG1 A VAL A 1 172 ? 6.18171   -11.31355 -7.46427  0.524 23.28762  ?  148 VAL A CG1 1 
ATOM   1300 C CG1 B VAL A 1 172 ? 5.41397   -9.92770  -8.82721  0.476 32.31515  ?  148 VAL A CG1 1 
ATOM   1301 C CG2 A VAL A 1 172 ? 4.63125   -9.45001  -8.15758  0.524 27.20687  ?  148 VAL A CG2 1 
ATOM   1302 C CG2 B VAL A 1 172 ? 4.29317   -10.17472 -6.61202  0.476 23.99770  ?  148 VAL A CG2 1 
ATOM   1303 N N   . HIS A 1 173 ? 3.89650   -11.50688 -10.79131 1.000 33.37965  ?  149 HIS A N   1 
ATOM   1304 C CA  . HIS A 1 173 ? 4.29928   -11.74919 -12.17620 1.000 43.93696  ?  149 HIS A CA  1 
ATOM   1305 C C   . HIS A 1 173 ? 5.26905   -10.67419 -12.65852 1.000 45.58951  ?  149 HIS A C   1 
ATOM   1306 O O   . HIS A 1 173 ? 5.56957   -9.72489  -11.92949 1.000 47.07637  ?  149 HIS A O   1 
ATOM   1307 C CB  . HIS A 1 173 ? 3.07828   -11.81094 -13.08420 1.000 49.52066  ?  149 HIS A CB  1 
HETATM 1308 C C   . BEZ B 2 .   ? -3.83144  -0.37538  1.87208   1.000 34.73310  ?  201 BEZ A C   1 
HETATM 1309 O O1  . BEZ B 2 .   ? -3.80568  0.32966   2.77361   1.000 41.57304  ?  201 BEZ A O1  1 
HETATM 1310 O O2  . BEZ B 2 .   ? -4.82414  -0.85252  1.56766   1.000 34.44402  ?  201 BEZ A O2  1 
HETATM 1311 C C1  . BEZ B 2 .   ? -2.57593  -0.45495  1.11687   1.000 21.74369  ?  201 BEZ A C1  1 
HETATM 1312 C C2  . BEZ B 2 .   ? -2.51402  -1.32273  0.09668   1.000 22.09772  ?  201 BEZ A C2  1 
HETATM 1313 C C3  . BEZ B 2 .   ? -1.40354  -1.37325  -0.62584  1.000 19.96394  ?  201 BEZ A C3  1 
HETATM 1314 C C4  . BEZ B 2 .   ? -0.37642  -0.54181  -0.33930  1.000 19.30164  ?  201 BEZ A C4  1 
HETATM 1315 C C5  . BEZ B 2 .   ? -0.44016  0.33313   0.66708   1.000 21.87749  ?  201 BEZ A C5  1 
HETATM 1316 C C6  . BEZ B 2 .   ? -1.56207  0.39109   1.41424   1.000 22.09873  ?  201 BEZ A C6  1 
HETATM 1317 H H2  . BEZ B 2 .   ? -3.23208  -1.87985  -0.09579  1.000 26.55583  ?  201 BEZ A H2  1 
HETATM 1318 H H3  . BEZ B 2 .   ? -1.33260  -1.97708  -1.32754  1.000 23.99530  ?  201 BEZ A H3  1 
HETATM 1319 H H4  . BEZ B 2 .   ? 0.40245   -0.59603  -0.84296  1.000 23.20053  ?  201 BEZ A H4  1 
HETATM 1320 H H5  . BEZ B 2 .   ? 0.28054   0.88792   0.85548   1.000 26.29155  ?  201 BEZ A H5  1 
HETATM 1321 H H6  . BEZ B 2 .   ? -1.63766  0.99834   2.11174   1.000 26.55704  ?  201 BEZ A H6  1 
HETATM 1322 S S   . SO4 C 3 .   ? 12.48919  16.83845  -3.79798  0.471 18.73753  ?  202 SO4 A S   1 
HETATM 1323 O O1  . SO4 C 3 .   ? 13.86486  17.11986  -3.43355  0.471 23.95613  ?  202 SO4 A O1  1 
HETATM 1324 O O2  . SO4 C 3 .   ? 12.14555  15.54404  -3.21434  0.471 19.67978  ?  202 SO4 A O2  1 
HETATM 1325 O O3  . SO4 C 3 .   ? 11.63008  17.88361  -3.25650  0.471 22.61269  ?  202 SO4 A O3  1 
HETATM 1326 O O4  . SO4 C 3 .   ? 12.34806  16.79624  -5.25737  0.471 17.30092  ?  202 SO4 A O4  1 
HETATM 1327 S S   . SO4 D 3 .   ? -11.80556 7.29550   -1.60383  1.000 45.71701  ?  203 SO4 A S   1 
HETATM 1328 O O1  . SO4 D 3 .   ? -10.99791 7.77777   -0.48437  1.000 44.29469  ?  203 SO4 A O1  1 
HETATM 1329 O O2  . SO4 D 3 .   ? -12.58615 6.13324   -1.15973  1.000 40.07657  ?  203 SO4 A O2  1 
HETATM 1330 O O3  . SO4 D 3 .   ? -12.71195 8.35606   -2.04090  1.000 57.78648  ?  203 SO4 A O3  1 
HETATM 1331 O O4  . SO4 D 3 .   ? -10.88102 6.94606   -2.68721  1.000 46.16733  ?  203 SO4 A O4  1 
HETATM 1332 O O   . HOH E 4 .   ? -7.04401  -5.72830  -17.41322 1.000 80.36247  ?  301 HOH A O   1 
HETATM 1333 O O   . HOH E 4 .   ? -12.31960 9.76943   -0.68019  1.000 47.67417  ?  302 HOH A O   1 
HETATM 1334 O O   . HOH E 4 .   ? -5.09369  13.68130  -6.78467  1.000 53.72907  ?  303 HOH A O   1 
HETATM 1335 O O   . HOH E 4 .   ? 1.19381   -3.40485  -14.97844 1.000 49.57967  ?  304 HOH A O   1 
HETATM 1336 O O   . HOH E 4 .   ? 7.59235   -11.33014 10.03516  1.000 45.15251  ?  305 HOH A O   1 
HETATM 1337 O O   . HOH E 4 .   ? 9.38955   18.29068  -2.80446  1.000 24.93548  ?  306 HOH A O   1 
HETATM 1338 O O   . HOH E 4 .   ? 10.55720  -15.55328 4.91251   1.000 47.28744  ?  307 HOH A O   1 
HETATM 1339 O O   . HOH E 4 .   ? -9.06555  6.43865   -4.23021  1.000 29.65906  ?  308 HOH A O   1 
HETATM 1340 O O   . HOH E 4 .   ? -8.40871  9.09269   -5.85304  1.000 41.85664  ?  309 HOH A O   1 
HETATM 1341 O O   . HOH E 4 .   ? -4.09125  1.29696   5.00707   1.000 30.01552  ?  310 HOH A O   1 
HETATM 1342 O O   . HOH E 4 .   ? -13.81994 -2.16071  8.53329   1.000 29.20187  ?  311 HOH A O   1 
HETATM 1343 O O   . HOH E 4 .   ? -14.96568 8.77257   -3.05871  1.000 30.59729  ?  312 HOH A O   1 
HETATM 1344 O O   . HOH E 4 .   ? -11.23055 -1.58904  2.20286   1.000 34.17733  ?  313 HOH A O   1 
HETATM 1345 O O   . HOH E 4 .   ? -2.67574  13.96520  -5.09339  1.000 47.17115  ?  314 HOH A O   1 
HETATM 1346 O O   . HOH E 4 .   ? 4.63150   -1.63643  9.58550   1.000 42.77862  ?  315 HOH A O   1 
HETATM 1347 O O   . HOH E 4 .   ? -12.65085 2.44523   1.97765   1.000 40.41782  ?  316 HOH A O   1 
HETATM 1348 O O   . HOH E 4 .   ? -0.16146  -14.71889 -9.92659  1.000 30.70345  ?  317 HOH A O   1 
HETATM 1349 O O   . HOH E 4 .   ? -3.97068  5.23104   14.55752  1.000 39.25252  ?  318 HOH A O   1 
HETATM 1350 O O   . HOH E 4 .   ? -13.65336 -24.66002 1.63445   1.000 43.64859  ?  319 HOH A O   1 
HETATM 1351 O O   . HOH E 4 .   ? -4.54438  -12.15413 23.06235  1.000 34.51795  ?  320 HOH A O   1 
HETATM 1352 O O   . HOH E 4 .   ? -8.13656  -5.78928  -0.38173  1.000 33.21444  ?  321 HOH A O   1 
HETATM 1353 O O   . HOH E 4 .   ? -9.08919  6.02490   -13.94052 1.000 47.34450  ?  322 HOH A O   1 
HETATM 1354 O O   . HOH E 4 .   ? -9.00494  -21.02870 -5.20048  1.000 21.63864  ?  323 HOH A O   1 
HETATM 1355 O O   . HOH E 4 .   ? 10.41098  18.63607  8.96854   1.000 63.20192  ?  324 HOH A O   1 
HETATM 1356 O O   . HOH E 4 .   ? 9.81247   10.50173  7.10191   1.000 56.44093  ?  325 HOH A O   1 
HETATM 1357 O O   . HOH E 4 .   ? 14.60657  14.39064  -9.44524  1.000 37.27828  ?  326 HOH A O   1 
HETATM 1358 O O   . HOH E 4 .   ? -2.08571  9.43888   -18.47894 1.000 49.87104  ?  327 HOH A O   1 
HETATM 1359 O O   . HOH E 4 .   ? -5.51450  -4.93948  3.49311   1.000 21.48042  ?  328 HOH A O   1 
HETATM 1360 O O   . HOH E 4 .   ? -14.43496 8.54247   5.30518   1.000 37.53860  ?  329 HOH A O   1 
HETATM 1361 O O   . HOH E 4 .   ? -8.78193  4.53610   -7.50070  1.000 58.92132  ?  330 HOH A O   1 
HETATM 1362 O O   . HOH E 4 .   ? -14.49568 0.48681   2.55792   1.000 52.04931  ?  331 HOH A O   1 
HETATM 1363 O O   . HOH E 4 .   ? -6.92403  14.47222  -1.87836  1.000 41.85933  ?  332 HOH A O   1 
HETATM 1364 O O   . HOH E 4 .   ? -7.16874  -7.55804  15.40727  1.000 26.57066  ?  333 HOH A O   1 
HETATM 1365 O O   . HOH E 4 .   ? 4.06081   18.63460  2.11171   1.000 38.36675  ?  334 HOH A O   1 
HETATM 1366 O O   . HOH E 4 .   ? -0.80817  16.28886  4.79503   1.000 37.56804  ?  335 HOH A O   1 
HETATM 1367 O O   . HOH E 4 .   ? -17.49307 -5.39630  4.70168   1.000 36.60260  ?  336 HOH A O   1 
HETATM 1368 O O   . HOH E 4 .   ? 6.93850   16.58104  -9.05039  1.000 42.96806  ?  337 HOH A O   1 
HETATM 1369 O O   . HOH E 4 .   ? 1.33344   -19.18521 8.57993   1.000 28.16778  ?  338 HOH A O   1 
HETATM 1370 O O   . HOH E 4 .   ? -8.94401  -1.81768  14.89016  1.000 41.75371  ?  339 HOH A O   1 
HETATM 1371 O O   . HOH E 4 .   ? -7.56644  -3.47538  -5.50849  1.000 48.09532  ?  340 HOH A O   1 
HETATM 1372 O O   . HOH E 4 .   ? 8.05447   13.83715  -15.17541 1.000 47.64574  ?  341 HOH A O   1 
HETATM 1373 O O   . HOH E 4 .   ? -11.63659 3.81618   11.30314  1.000 34.66390  ?  342 HOH A O   1 
HETATM 1374 O O   . HOH E 4 .   ? -14.36175 0.80129   8.63073   1.000 41.18914  ?  343 HOH A O   1 
HETATM 1375 O O   . HOH E 4 .   ? -16.77194 -14.66388 7.18545   1.000 26.31110  ?  344 HOH A O   1 
HETATM 1376 O O   . HOH E 4 .   ? -6.35292  2.03911   -5.30439  1.000 33.99128  ?  345 HOH A O   1 
HETATM 1377 O O   . HOH E 4 .   ? -12.69929 -20.15411 9.16160   1.000 33.23962  ?  346 HOH A O   1 
HETATM 1378 O O   . HOH E 4 .   ? 9.50148   -13.09957 -6.48854  1.000 39.36446  ?  347 HOH A O   1 
HETATM 1379 O O   . HOH E 4 .   ? 14.31382  14.56007  -1.90084  0.50  46.53126  ?  348 HOH A O   1 
HETATM 1380 O O   . HOH E 4 .   ? 7.82088   16.26359  -12.03228 1.000 45.62842  ?  349 HOH A O   1 
HETATM 1381 O O   . HOH E 4 .   ? 7.10566   2.17257   1.24776   1.000 27.85747  ?  350 HOH A O   1 
HETATM 1382 O O   . HOH E 4 .   ? -6.93041  -4.60516  19.10736  1.000 43.27432  ?  351 HOH A O   1 
HETATM 1383 O O   . HOH E 4 .   ? 15.48614  2.97705   -9.30913  1.000 43.63580  ?  352 HOH A O   1 
HETATM 1384 O O   . HOH E 4 .   ? -3.69809  15.43390  -0.18436  1.000 52.17457  ?  353 HOH A O   1 
HETATM 1385 O O   . HOH E 4 .   ? 2.64410   14.76809  7.96989   1.000 35.85198  ?  354 HOH A O   1 
HETATM 1386 O O   . HOH E 4 .   ? -14.07906 2.11079   10.62195  1.000 48.36552  ?  355 HOH A O   1 
HETATM 1387 O O   . HOH E 4 .   ? 1.01745   15.75683  -14.70595 1.000 43.02873  ?  356 HOH A O   1 
HETATM 1388 O O   . HOH E 4 .   ? -16.27353 -0.37861  4.70157   1.000 52.20122  ?  357 HOH A O   1 
HETATM 1389 O O   . HOH E 4 .   ? 9.91691   -14.38206 -0.13673  1.000 47.44565  ?  358 HOH A O   1 
HETATM 1390 O O   . HOH E 4 .   ? -9.27424  1.28799   -11.29520 1.000 40.74243  ?  359 HOH A O   1 
HETATM 1391 O O   . HOH E 4 .   ? 0.04223   13.10438  7.23247   1.000 29.04776  ?  360 HOH A O   1 
HETATM 1392 O O   . HOH E 4 .   ? -13.36511 3.09042   4.89047   1.000 29.85226  ?  361 HOH A O   1 
HETATM 1393 O O   . HOH E 4 .   ? 6.13560   -7.10313  -4.73213  1.000 38.42345  ?  362 HOH A O   1 
HETATM 1394 O O   . HOH E 4 .   ? -8.27572  1.74207   -15.45473 1.000 41.57449  ?  363 HOH A O   1 
HETATM 1395 O O   . HOH E 4 .   ? 1.98977   -14.95535 19.20038  1.000 33.56752  ?  364 HOH A O   1 
HETATM 1396 O O   . HOH E 4 .   ? 7.62433   18.93279  -5.02749  1.000 32.51064  ?  365 HOH A O   1 
HETATM 1397 O O   . HOH E 4 .   ? 6.16672   8.73771   9.80656   1.000 34.19085  ?  366 HOH A O   1 
HETATM 1398 O O   . HOH E 4 .   ? -21.37794 -20.54240 8.20053   1.000 62.79312  ?  367 HOH A O   1 
HETATM 1399 O O   . HOH E 4 .   ? 1.68603   -4.35270  -12.66686 1.000 38.07435  ?  368 HOH A O   1 
HETATM 1400 O O   . HOH E 4 .   ? -11.31674 15.68463  9.03585   1.000 42.52500  ?  369 HOH A O   1 
HETATM 1401 O O   . HOH E 4 .   ? -15.33914 -8.34357  4.54029   1.000 22.81738  ?  370 HOH A O   1 
HETATM 1402 O O   . HOH E 4 .   ? -15.61712 -16.67919 4.93755   1.000 24.25227  ?  371 HOH A O   1 
HETATM 1403 O O   . HOH E 4 .   ? 3.18523   -1.05846  13.41461  1.000 37.71196  ?  372 HOH A O   1 
HETATM 1404 O O   . HOH E 4 .   ? -3.17873  15.89367  6.44004   1.000 36.51145  ?  373 HOH A O   1 
HETATM 1405 O O   . HOH E 4 .   ? -3.38225  13.78262  -2.02749  1.000 49.42231  ?  374 HOH A O   1 
HETATM 1406 O O   . HOH E 4 .   ? -10.55400 -7.27132  -0.30212  1.000 20.83631  ?  375 HOH A O   1 
HETATM 1407 O O   . HOH E 4 .   ? 11.21960  8.55192   0.69030   1.000 31.99208  ?  376 HOH A O   1 
HETATM 1408 O O   . HOH E 4 .   ? 5.67413   16.62745  7.89765   1.000 52.30879  ?  377 HOH A O   1 
HETATM 1409 O O   . HOH E 4 .   ? 6.37804   -0.41670  -15.74230 1.000 36.41185  ?  378 HOH A O   1 
HETATM 1410 O O   . HOH E 4 .   ? -4.07520  5.91526   -18.20504 1.000 39.89153  ?  379 HOH A O   1 
HETATM 1411 O O   . HOH E 4 .   ? -18.29468 -16.83743 6.08512   1.000 32.39489  ?  380 HOH A O   1 
HETATM 1412 O O   . HOH E 4 .   ? 10.04755  7.01540   -3.70526  1.000 24.32661  ?  381 HOH A O   1 
HETATM 1413 O O   . HOH E 4 .   ? 7.06178   -17.80952 -8.74312  1.000 39.84531  ?  382 HOH A O   1 
HETATM 1414 O O   . HOH E 4 .   ? 7.65138   -9.32828  -4.81008  1.000 42.62085  ?  383 HOH A O   1 
HETATM 1415 O O   . HOH E 4 .   ? 1.29071   -5.30051  18.10720  1.000 37.53954  ?  384 HOH A O   1 
HETATM 1416 O O   . HOH E 4 .   ? 10.74812  18.78678  -6.60182  0.50  46.89583  ?  385 HOH A O   1 
HETATM 1417 O O   . HOH E 4 .   ? 10.53951  -9.34592  -1.59739  1.000 49.27910  ?  386 HOH A O   1 
HETATM 1418 O O   . HOH E 4 .   ? -4.29860  13.59231  13.65632  1.000 50.94498  ?  387 HOH A O   1 
HETATM 1419 O O   . HOH E 4 .   ? -5.93966  -2.31308  -16.86926 1.000 40.00366  ?  388 HOH A O   1 
HETATM 1420 O O   . HOH E 4 .   ? 6.70530   1.98451   -16.99663 1.000 46.46013  ?  389 HOH A O   1 
HETATM 1421 O O   . HOH E 4 .   ? 2.05669   -9.19584  -10.42123 1.000 42.88757  ?  390 HOH A O   1 
HETATM 1422 O O   . HOH E 4 .   ? 8.55079   -16.58383 -1.52792  1.000 32.42242  ?  391 HOH A O   1 
HETATM 1423 O O   . HOH E 4 .   ? -5.55177  -5.07738  21.66906  0.50  45.57431  ?  392 HOH A O   1 
HETATM 1424 O O   . HOH E 4 .   ? 3.64561   -15.88313 -10.94919 1.000 51.85221  ?  393 HOH A O   1 
HETATM 1425 O O   . HOH E 4 .   ? 4.32422   -7.11678  -10.99440 1.000 52.91328  ?  394 HOH A O   1 
HETATM 1426 O O   . HOH E 4 .   ? -7.71091  -0.21713  -9.80151  1.000 37.80550  ?  395 HOH A O   1 
HETATM 1427 O O   . HOH E 4 .   ? 1.87531   21.71209  -11.88115 1.000 55.61720  ?  396 HOH A O   1 
HETATM 1428 O O   . HOH E 4 .   ? -21.98504 -15.35497 6.33726   1.000 45.41784  ?  397 HOH A O   1 
HETATM 1429 O O   . HOH E 4 .   ? 1.79674   -8.25875  18.10821  1.000 41.03558  ?  398 HOH A O   1 
HETATM 1430 O O   . HOH E 4 .   ? -21.29808 -28.11227 4.96667   1.000 66.37406  ?  399 HOH A O   1 
HETATM 1431 O O   . HOH E 4 .   ? -10.61636 -21.10751 9.54988   1.000 53.25759  ?  400 HOH A O   1 
HETATM 1432 O O   . HOH E 4 .   ? 5.62912   -6.18196  -9.20140  1.000 37.85737  ?  401 HOH A O   1 
HETATM 1433 O O   . HOH E 4 .   ? -15.88469 -2.42574  6.76708   1.000 38.66334  ?  402 HOH A O   1 
HETATM 1434 O O   . HOH E 4 .   ? 9.13081   -21.16820 8.60543   1.000 56.18558  ?  403 HOH A O   1 
HETATM 1435 O O   . HOH E 4 .   ? -7.48127  6.69879   -8.27042  1.000 42.71919  ?  404 HOH A O   1 
HETATM 1436 O O   . HOH E 4 .   ? -20.42254 -26.18869 0.55884   1.000 48.01345  ?  405 HOH A O   1 
HETATM 1437 O O   . HOH E 4 .   ? -10.10598 8.01471   -18.17352 1.000 57.41002  ?  406 HOH A O   1 
HETATM 1438 O O   . HOH E 4 .   ? -0.17662  -16.94411 9.62977   0.50  27.46665  ?  407 HOH A O   1 
HETATM 1439 O O   . HOH E 4 .   ? 6.64340   20.42205  2.12120   1.000 51.94569  ?  408 HOH A O   1 
HETATM 1440 O O   . HOH E 4 .   ? 12.58744  8.52130   3.11455   1.000 45.74033  ?  409 HOH A O   1 
HETATM 1441 O O   . HOH E 4 .   ? 3.04938   -3.61309  14.34722  1.000 44.12156  ?  410 HOH A O   1 
HETATM 1442 O O   . HOH E 4 .   ? -1.91241  4.22198   -19.35468 1.000 48.39999  ?  411 HOH A O   1 
HETATM 1443 O O   . HOH E 4 .   ? -6.33353  -10.08542 23.03562  1.000 35.30209  ?  412 HOH A O   1 
HETATM 1444 O O   . HOH E 4 .   ? 8.55628   -6.95617  -8.29498  1.000 58.14091  ?  413 HOH A O   1 
HETATM 1445 O O   . HOH E 4 .   ? -1.43693  -2.04425  -18.39396 1.000 51.97457  ?  414 HOH A O   1 
HETATM 1446 O O   . HOH E 4 .   ? 8.53204   18.46584  -7.31385  1.000 51.66052  ?  415 HOH A O   1 
HETATM 1447 O O   . HOH E 4 .   ? -2.04051  14.62345  8.33459   1.000 37.04943  ?  416 HOH A O   1 
HETATM 1448 O O   . HOH E 4 .   ? 9.52304   -10.47669 -6.29733  1.000 48.97151  ?  417 HOH A O   1 
HETATM 1449 O O   . HOH E 4 .   ? 8.07836   -9.29063  -15.31167 1.000 60.70597  ?  418 HOH A O   1 
HETATM 1450 O O   . HOH E 4 .   ? -9.42646  2.69696   -8.51103  1.000 59.95098  ?  419 HOH A O   1 
HETATM 1451 O O   . HOH E 4 .   ? -7.54194  -5.96610  -5.15417  1.000 43.47572  ?  420 HOH A O   1 
HETATM 1452 O O   . HOH E 4 .   ? -4.14665  -2.41243  -19.08284 1.000 53.68786  ?  421 HOH A O   1 
HETATM 1453 O O   . HOH E 4 .   ? 5.57148   -6.36931  -15.60839 1.000 57.41298  ?  422 HOH A O   1 
HETATM 1454 O O   . HOH E 4 .   ? -7.97104  -0.51744  -17.08747 0.50  38.23700  ?  423 HOH A O   1 
# 
loop_
_pdbx_poly_seq_scheme.asym_id 
_pdbx_poly_seq_scheme.entity_id 
_pdbx_poly_seq_scheme.seq_id 
_pdbx_poly_seq_scheme.mon_id 
_pdbx_poly_seq_scheme.ndb_seq_num 
_pdbx_poly_seq_scheme.pdb_seq_num 
_pdbx_poly_seq_scheme.auth_seq_num 
_pdbx_poly_seq_scheme.pdb_mon_id 
_pdbx_poly_seq_scheme.auth_mon_id 
_pdbx_poly_seq_scheme.pdb_strand_id 
_pdbx_poly_seq_scheme.pdb_ins_code 
_pdbx_poly_seq_scheme.hetero 
A 1 1   MET 1   -23 ?   ?   ?   A . n 
A 1 2   HIS 2   -22 ?   ?   ?   A . n 
A 1 3   HIS 3   -21 ?   ?   ?   A . n 
A 1 4   HIS 4   -20 ?   ?   ?   A . n 
A 1 5   HIS 5   -19 ?   ?   ?   A . n 
A 1 6   HIS 6   -18 ?   ?   ?   A . n 
A 1 7   HIS 7   -17 ?   ?   ?   A . n 
A 1 8   SER 8   -16 ?   ?   ?   A . n 
A 1 9   SER 9   -15 ?   ?   ?   A . n 
A 1 10  GLY 10  -14 ?   ?   ?   A . n 
A 1 11  VAL 11  -13 ?   ?   ?   A . n 
A 1 12  ASP 12  -12 ?   ?   ?   A . n 
A 1 13  LEU 13  -11 ?   ?   ?   A . n 
A 1 14  GLY 14  -10 ?   ?   ?   A . n 
A 1 15  THR 15  -9  ?   ?   ?   A . n 
A 1 16  GLU 16  -8  ?   ?   ?   A . n 
A 1 17  ASN 17  -7  ?   ?   ?   A . n 
A 1 18  LEU 18  -6  ?   ?   ?   A . n 
A 1 19  TYR 19  -5  ?   ?   ?   A . n 
A 1 20  PHE 20  -4  ?   ?   ?   A . n 
A 1 21  GLN 21  -3  ?   ?   ?   A . n 
A 1 22  SER 22  -2  ?   ?   ?   A . n 
A 1 23  ASN 23  -1  ?   ?   ?   A . n 
A 1 24  ALA 24  0   ?   ?   ?   A . n 
A 1 25  MET 25  1   ?   ?   ?   A . n 
A 1 26  ALA 26  2   ?   ?   ?   A . n 
A 1 27  GLU 27  3   ?   ?   ?   A . n 
A 1 28  GLN 28  4   ?   ?   ?   A . n 
A 1 29  PRO 29  5   ?   ?   ?   A . n 
A 1 30  PRO 30  6   ?   ?   ?   A . n 
A 1 31  GLU 31  7   ?   ?   ?   A . n 
A 1 32  THR 32  8   ?   ?   ?   A . n 
A 1 33  HIS 33  9   ?   ?   ?   A . n 
A 1 34  ARG 34  10  10  ARG ARG A . n 
A 1 35  PHE 35  11  11  PHE PHE A . n 
A 1 36  VAL 36  12  12  VAL VAL A . n 
A 1 37  ASP 37  13  13  ASP ASP A . n 
A 1 38  ASP 38  14  14  ASP ASP A . n 
A 1 39  TYR 39  15  15  TYR TYR A . n 
A 1 40  LEU 40  16  16  LEU LEU A . n 
A 1 41  PRO 41  17  17  PRO PRO A . n 
A 1 42  ALA 42  18  18  ALA ALA A . n 
A 1 43  LEU 43  19  19  LEU LEU A . n 
A 1 44  LEU 44  20  20  LEU LEU A . n 
A 1 45  ALA 45  21  21  ALA ALA A . n 
A 1 46  GLN 46  22  22  GLN GLN A . n 
A 1 47  ALA 47  23  23  ALA ALA A . n 
A 1 48  SER 48  24  24  SER SER A . n 
A 1 49  GLN 49  25  25  GLN GLN A . n 
A 1 50  LEU 50  26  26  LEU LEU A . n 
A 1 51  ILE 51  27  27  ILE ILE A . n 
A 1 52  SER 52  28  28  SER SER A . n 
A 1 53  SER 53  29  29  SER SER A . n 
A 1 54  GLU 54  30  30  GLU GLU A . n 
A 1 55  PHE 55  31  31  PHE PHE A . n 
A 1 56  HIS 56  32  32  HIS HIS A . n 
A 1 57  GLU 57  33  33  GLU GLU A . n 
A 1 58  VAL 58  34  34  VAL VAL A . n 
A 1 59  ALA 59  35  35  ALA ALA A . n 
A 1 60  ARG 60  36  36  ARG ARG A . n 
A 1 61  GLN 61  37  37  GLN GLN A . n 
A 1 62  HIS 62  38  38  HIS HIS A . n 
A 1 63  GLY 63  39  39  GLY GLY A . n 
A 1 64  PHE 64  40  40  PHE PHE A . n 
A 1 65  SER 65  41  41  SER SER A . n 
A 1 66  VAL 66  42  42  VAL VAL A . n 
A 1 67  SER 67  43  43  SER SER A . n 
A 1 68  GLU 68  44  44  GLU GLU A . n 
A 1 69  TRP 69  45  45  TRP TRP A . n 
A 1 70  ARG 70  46  46  ARG ARG A . n 
A 1 71  VAL 71  47  47  VAL VAL A . n 
A 1 72  MET 72  48  48  MET MET A . n 
A 1 73  ALA 73  49  49  ALA ALA A . n 
A 1 74  SER 74  50  50  SER SER A . n 
A 1 75  LEU 75  51  51  LEU LEU A . n 
A 1 76  ALA 76  52  52  ALA ALA A . n 
A 1 77  GLY 77  53  53  GLY GLY A . n 
A 1 78  SER 78  54  54  SER SER A . n 
A 1 79  GLU 79  55  55  GLU GLU A . n 
A 1 80  PRO 80  56  56  PRO PRO A . n 
A 1 81  ILE 81  57  57  ILE ILE A . n 
A 1 82  SER 82  58  58  SER SER A . n 
A 1 83  ILE 83  59  59  ILE ILE A . n 
A 1 84  GLY 84  60  60  GLY GLY A . n 
A 1 85  GLN 85  61  61  GLN GLN A . n 
A 1 86  LEU 86  62  62  LEU LEU A . n 
A 1 87  ALA 87  63  63  ALA ALA A . n 
A 1 88  GLN 88  64  64  GLN GLN A . n 
A 1 89  VAL 89  65  65  VAL VAL A . n 
A 1 90  THR 90  66  66  THR THR A . n 
A 1 91  VAL 91  67  67  VAL VAL A . n 
A 1 92  THR 92  68  68  THR THR A . n 
A 1 93  LYS 93  69  69  LYS LYS A . n 
A 1 94  GLN 94  70  70  GLN GLN A . n 
A 1 95  PRO 95  71  71  PRO PRO A . n 
A 1 96  THR 96  72  72  THR THR A . n 
A 1 97  VAL 97  73  73  VAL VAL A . n 
A 1 98  THR 98  74  74  THR THR A . n 
A 1 99  ARG 99  75  75  ARG ARG A . n 
A 1 100 LEU 100 76  76  LEU LEU A . n 
A 1 101 LEU 101 77  77  LEU LEU A . n 
A 1 102 ASP 102 78  78  ASP ASP A . n 
A 1 103 ARG 103 79  79  ARG ARG A . n 
A 1 104 MET 104 80  80  MET MET A . n 
A 1 105 GLU 105 81  81  GLU GLU A . n 
A 1 106 ALA 106 82  82  ALA ALA A . n 
A 1 107 ARG 107 83  83  ARG ARG A . n 
A 1 108 GLY 108 84  84  GLY GLY A . n 
A 1 109 GLN 109 85  85  GLN GLN A . n 
A 1 110 VAL 110 86  86  VAL VAL A . n 
A 1 111 GLU 111 87  87  GLU GLU A . n 
A 1 112 ARG 112 88  88  ARG ARG A . n 
A 1 113 LEU 113 89  89  LEU LEU A . n 
A 1 114 PRO 114 90  90  PRO PRO A . n 
A 1 115 HIS 115 91  91  HIS HIS A . n 
A 1 116 GLU 116 92  92  GLU GLU A . n 
A 1 117 SER 117 93  93  SER SER A . n 
A 1 118 ASP 118 94  94  ASP ASP A . n 
A 1 119 ARG 119 95  95  ARG ARG A . n 
A 1 120 ARG 120 96  96  ARG ARG A . n 
A 1 121 ILE 121 97  97  ILE ILE A . n 
A 1 122 THR 122 98  98  THR THR A . n 
A 1 123 LEU 123 99  99  LEU LEU A . n 
A 1 124 VAL 124 100 100 VAL VAL A . n 
A 1 125 ARG 125 101 101 ARG ARG A . n 
A 1 126 ILE 126 102 102 ILE ILE A . n 
A 1 127 THR 127 103 103 THR THR A . n 
A 1 128 ARG 128 104 104 ARG ARG A . n 
A 1 129 LYS 129 105 105 LYS LYS A . n 
A 1 130 GLY 130 106 106 GLY GLY A . n 
A 1 131 LEU 131 107 107 LEU LEU A . n 
A 1 132 LYS 132 108 108 LYS LYS A . n 
A 1 133 ALA 133 109 109 ALA ALA A . n 
A 1 134 VAL 134 110 110 VAL VAL A . n 
A 1 135 GLU 135 111 111 GLU GLU A . n 
A 1 136 HIS 136 112 112 HIS HIS A . n 
A 1 137 LEU 137 113 113 LEU LEU A . n 
A 1 138 MET 138 114 114 MET MET A . n 
A 1 139 GLU 139 115 115 GLU GLU A . n 
A 1 140 LEU 140 116 116 LEU LEU A . n 
A 1 141 ALA 141 117 117 ALA ALA A . n 
A 1 142 ARG 142 118 118 ARG ARG A . n 
A 1 143 GLU 143 119 119 GLU GLU A . n 
A 1 144 HIS 144 120 120 HIS HIS A . n 
A 1 145 GLU 145 121 121 GLU GLU A . n 
A 1 146 ARG 146 122 122 ARG ARG A . n 
A 1 147 ARG 147 123 123 ARG ARG A . n 
A 1 148 VAL 148 124 124 VAL VAL A . n 
A 1 149 LEU 149 125 125 LEU LEU A . n 
A 1 150 GLU 150 126 126 GLU GLU A . n 
A 1 151 PRO 151 127 127 PRO PRO A . n 
A 1 152 PHE 152 128 128 PHE PHE A . n 
A 1 153 GLY 153 129 129 GLY GLY A . n 
A 1 154 LEU 154 130 130 LEU LEU A . n 
A 1 155 ARG 155 131 131 ARG ARG A . n 
A 1 156 ARG 156 132 132 ARG ARG A . n 
A 1 157 ALA 157 133 133 ALA ALA A . n 
A 1 158 GLU 158 134 134 GLU GLU A . n 
A 1 159 GLU 159 135 135 GLU GLU A . n 
A 1 160 LEU 160 136 136 LEU LEU A . n 
A 1 161 LYS 161 137 137 LYS LYS A . n 
A 1 162 GLN 162 138 138 GLN GLN A . n 
A 1 163 THR 163 139 139 THR THR A . n 
A 1 164 LEU 164 140 140 LEU LEU A . n 
A 1 165 ARG 165 141 141 ARG ARG A . n 
A 1 166 GLN 166 142 142 GLN GLN A . n 
A 1 167 MET 167 143 143 MET MET A . n 
A 1 168 ILE 168 144 144 ILE ILE A . n 
A 1 169 ASP 169 145 145 ASP ASP A . n 
A 1 170 LEU 170 146 146 LEU LEU A . n 
A 1 171 HIS 171 147 147 HIS HIS A . n 
A 1 172 VAL 172 148 148 VAL VAL A . n 
A 1 173 HIS 173 149 149 HIS ALA A . n 
A 1 174 VAL 174 150 ?   ?   ?   A . n 
A 1 175 PRO 175 151 ?   ?   ?   A . n 
A 1 176 VAL 176 152 ?   ?   ?   A . n 
A 1 177 GLU 177 153 ?   ?   ?   A . n 
A 1 178 GLU 178 154 ?   ?   ?   A . n 
A 1 179 PRO 179 155 ?   ?   ?   A . n 
A 1 180 GLU 180 156 ?   ?   ?   A . n 
A 1 181 GLU 181 157 ?   ?   ?   A . n 
A 1 182 ASP 182 158 ?   ?   ?   A . n 
# 
loop_
_pdbx_nonpoly_scheme.asym_id 
_pdbx_nonpoly_scheme.entity_id 
_pdbx_nonpoly_scheme.mon_id 
_pdbx_nonpoly_scheme.ndb_seq_num 
_pdbx_nonpoly_scheme.pdb_seq_num 
_pdbx_nonpoly_scheme.auth_seq_num 
_pdbx_nonpoly_scheme.pdb_mon_id 
_pdbx_nonpoly_scheme.auth_mon_id 
_pdbx_nonpoly_scheme.pdb_strand_id 
_pdbx_nonpoly_scheme.pdb_ins_code 
B 2 BEZ 1   201 201 BEZ BZA A . 
C 3 SO4 1   202 1   SO4 SO4 A . 
D 3 SO4 1   203 2   SO4 SO4 A . 
E 4 HOH 1   301 99  HOH HOH A . 
E 4 HOH 2   302 124 HOH HOH A . 
E 4 HOH 3   303 125 HOH HOH A . 
E 4 HOH 4   304 118 HOH HOH A . 
E 4 HOH 5   305 42  HOH HOH A . 
E 4 HOH 6   306 9   HOH HOH A . 
E 4 HOH 7   307 107 HOH HOH A . 
E 4 HOH 8   308 88  HOH HOH A . 
E 4 HOH 9   309 68  HOH HOH A . 
E 4 HOH 10  310 89  HOH HOH A . 
E 4 HOH 11  311 16  HOH HOH A . 
E 4 HOH 12  312 15  HOH HOH A . 
E 4 HOH 13  313 48  HOH HOH A . 
E 4 HOH 14  314 115 HOH HOH A . 
E 4 HOH 15  315 53  HOH HOH A . 
E 4 HOH 16  316 102 HOH HOH A . 
E 4 HOH 17  317 14  HOH HOH A . 
E 4 HOH 18  318 51  HOH HOH A . 
E 4 HOH 19  319 22  HOH HOH A . 
E 4 HOH 20  320 58  HOH HOH A . 
E 4 HOH 21  321 93  HOH HOH A . 
E 4 HOH 22  322 83  HOH HOH A . 
E 4 HOH 23  323 2   HOH HOH A . 
E 4 HOH 24  324 122 HOH HOH A . 
E 4 HOH 25  325 109 HOH HOH A . 
E 4 HOH 26  326 69  HOH HOH A . 
E 4 HOH 27  327 98  HOH HOH A . 
E 4 HOH 28  328 1   HOH HOH A . 
E 4 HOH 29  329 82  HOH HOH A . 
E 4 HOH 30  330 86  HOH HOH A . 
E 4 HOH 31  331 116 HOH HOH A . 
E 4 HOH 32  332 73  HOH HOH A . 
E 4 HOH 33  333 10  HOH HOH A . 
E 4 HOH 34  334 44  HOH HOH A . 
E 4 HOH 35  335 29  HOH HOH A . 
E 4 HOH 36  336 45  HOH HOH A . 
E 4 HOH 37  337 56  HOH HOH A . 
E 4 HOH 38  338 17  HOH HOH A . 
E 4 HOH 39  339 52  HOH HOH A . 
E 4 HOH 40  340 106 HOH HOH A . 
E 4 HOH 41  341 43  HOH HOH A . 
E 4 HOH 42  342 27  HOH HOH A . 
E 4 HOH 43  343 46  HOH HOH A . 
E 4 HOH 44  344 6   HOH HOH A . 
E 4 HOH 45  345 20  HOH HOH A . 
E 4 HOH 46  346 19  HOH HOH A . 
E 4 HOH 47  347 37  HOH HOH A . 
E 4 HOH 48  348 79  HOH HOH A . 
E 4 HOH 49  349 65  HOH HOH A . 
E 4 HOH 50  350 7   HOH HOH A . 
E 4 HOH 51  351 34  HOH HOH A . 
E 4 HOH 52  352 64  HOH HOH A . 
E 4 HOH 53  353 114 HOH HOH A . 
E 4 HOH 54  354 30  HOH HOH A . 
E 4 HOH 55  355 94  HOH HOH A . 
E 4 HOH 56  356 67  HOH HOH A . 
E 4 HOH 57  357 97  HOH HOH A . 
E 4 HOH 58  358 49  HOH HOH A . 
E 4 HOH 59  359 57  HOH HOH A . 
E 4 HOH 60  360 12  HOH HOH A . 
E 4 HOH 61  361 95  HOH HOH A . 
E 4 HOH 62  362 39  HOH HOH A . 
E 4 HOH 63  363 59  HOH HOH A . 
E 4 HOH 64  364 31  HOH HOH A . 
E 4 HOH 65  365 40  HOH HOH A . 
E 4 HOH 66  366 33  HOH HOH A . 
E 4 HOH 67  367 110 HOH HOH A . 
E 4 HOH 68  368 77  HOH HOH A . 
E 4 HOH 69  369 55  HOH HOH A . 
E 4 HOH 70  370 8   HOH HOH A . 
E 4 HOH 71  371 5   HOH HOH A . 
E 4 HOH 72  372 32  HOH HOH A . 
E 4 HOH 73  373 26  HOH HOH A . 
E 4 HOH 74  374 85  HOH HOH A . 
E 4 HOH 75  375 3   HOH HOH A . 
E 4 HOH 76  376 13  HOH HOH A . 
E 4 HOH 77  377 120 HOH HOH A . 
E 4 HOH 78  378 21  HOH HOH A . 
E 4 HOH 79  379 50  HOH HOH A . 
E 4 HOH 80  380 18  HOH HOH A . 
E 4 HOH 81  381 4   HOH HOH A . 
E 4 HOH 82  382 81  HOH HOH A . 
E 4 HOH 83  383 47  HOH HOH A . 
E 4 HOH 84  384 36  HOH HOH A . 
E 4 HOH 85  385 70  HOH HOH A . 
E 4 HOH 86  386 66  HOH HOH A . 
E 4 HOH 87  387 111 HOH HOH A . 
E 4 HOH 88  388 96  HOH HOH A . 
E 4 HOH 89  389 54  HOH HOH A . 
E 4 HOH 90  390 60  HOH HOH A . 
E 4 HOH 91  391 23  HOH HOH A . 
E 4 HOH 92  392 61  HOH HOH A . 
E 4 HOH 93  393 108 HOH HOH A . 
E 4 HOH 94  394 62  HOH HOH A . 
E 4 HOH 95  395 24  HOH HOH A . 
E 4 HOH 96  396 123 HOH HOH A . 
E 4 HOH 97  397 103 HOH HOH A . 
E 4 HOH 98  398 74  HOH HOH A . 
E 4 HOH 99  399 119 HOH HOH A . 
E 4 HOH 100 400 84  HOH HOH A . 
E 4 HOH 101 401 38  HOH HOH A . 
E 4 HOH 102 402 35  HOH HOH A . 
E 4 HOH 103 403 112 HOH HOH A . 
E 4 HOH 104 404 80  HOH HOH A . 
E 4 HOH 105 405 100 HOH HOH A . 
E 4 HOH 106 406 121 HOH HOH A . 
E 4 HOH 107 407 11  HOH HOH A . 
E 4 HOH 108 408 92  HOH HOH A . 
E 4 HOH 109 409 91  HOH HOH A . 
E 4 HOH 110 410 76  HOH HOH A . 
E 4 HOH 111 411 78  HOH HOH A . 
E 4 HOH 112 412 28  HOH HOH A . 
E 4 HOH 113 413 117 HOH HOH A . 
E 4 HOH 114 414 87  HOH HOH A . 
E 4 HOH 115 415 75  HOH HOH A . 
E 4 HOH 116 416 25  HOH HOH A . 
E 4 HOH 117 417 63  HOH HOH A . 
E 4 HOH 118 418 113 HOH HOH A . 
E 4 HOH 119 419 90  HOH HOH A . 
E 4 HOH 120 420 71  HOH HOH A . 
E 4 HOH 121 421 72  HOH HOH A . 
E 4 HOH 122 422 104 HOH HOH A . 
E 4 HOH 123 423 41  HOH HOH A . 
# 
_pdbx_struct_assembly.id                   1 
_pdbx_struct_assembly.details              author_defined_assembly 
_pdbx_struct_assembly.method_details       ? 
_pdbx_struct_assembly.oligomeric_details   dimeric 
_pdbx_struct_assembly.oligomeric_count     2 
# 
loop_
_pdbx_struct_assembly_gen.assembly_id 
_pdbx_struct_assembly_gen.oper_expression 
_pdbx_struct_assembly_gen.asym_id_list 
1 1 A,B,C,D,E 
1 2 A,B,C,D,E 
# 
loop_
_pdbx_struct_oper_list.id 
_pdbx_struct_oper_list.type 
_pdbx_struct_oper_list.name 
_pdbx_struct_oper_list.symmetry_operation 
_pdbx_struct_oper_list.matrix[1][1] 
_pdbx_struct_oper_list.matrix[1][2] 
_pdbx_struct_oper_list.matrix[1][3] 
_pdbx_struct_oper_list.vector[1] 
_pdbx_struct_oper_list.matrix[2][1] 
_pdbx_struct_oper_list.matrix[2][2] 
_pdbx_struct_oper_list.matrix[2][3] 
_pdbx_struct_oper_list.vector[2] 
_pdbx_struct_oper_list.matrix[3][1] 
_pdbx_struct_oper_list.matrix[3][2] 
_pdbx_struct_oper_list.matrix[3][3] 
_pdbx_struct_oper_list.vector[3] 
1 'identity operation'         1_555 x,y,z     1.0000000000  0.0000000000  0.0000000000 0.0000000000   0.0000000000  1.0000000000  0.0000000000  0.0000000000   0.0000000000 0.0000000000  1.0000000000  0.0000000000  
2 'crystal symmetry operation' 2_565 -x,-y+1,z -0.5172897947 -0.5721948190 0.6363995265 -16.0916957513 -0.5721948190 -0.3217319473 -0.7543750017 -15.2321733639 0.6363995265 -0.7543750017 -0.1609782580 -1.4898579944 
# 
loop_
_pdbx_struct_special_symmetry.id 
_pdbx_struct_special_symmetry.PDB_model_num 
_pdbx_struct_special_symmetry.auth_asym_id 
_pdbx_struct_special_symmetry.auth_comp_id 
_pdbx_struct_special_symmetry.auth_seq_id 
_pdbx_struct_special_symmetry.PDB_ins_code 
_pdbx_struct_special_symmetry.label_asym_id 
_pdbx_struct_special_symmetry.label_comp_id 
_pdbx_struct_special_symmetry.label_seq_id 
1 1 A HOH 348 ? E HOH . 
2 1 A HOH 385 ? E HOH . 
3 1 A HOH 392 ? E HOH . 
4 1 A HOH 407 ? E HOH . 
5 1 A HOH 423 ? E HOH . 
# 
loop_
_pdbx_audit_revision_history.ordinal 
_pdbx_audit_revision_history.data_content_type 
_pdbx_audit_revision_history.major_revision 
_pdbx_audit_revision_history.minor_revision 
_pdbx_audit_revision_history.revision_date 
1 'Structure model' 1 0 2021-11-10 
2 'Structure model' 1 1 2022-11-23 
3 'Structure model' 1 2 2023-10-25 
# 
_pdbx_audit_revision_details.ordinal             1 
_pdbx_audit_revision_details.revision_ordinal    1 
_pdbx_audit_revision_details.data_content_type   'Structure model' 
_pdbx_audit_revision_details.provider            repository 
_pdbx_audit_revision_details.type                'Initial release' 
_pdbx_audit_revision_details.description         ? 
_pdbx_audit_revision_details.details             ? 
# 
loop_
_pdbx_audit_revision_group.ordinal 
_pdbx_audit_revision_group.revision_ordinal 
_pdbx_audit_revision_group.data_content_type 
_pdbx_audit_revision_group.group 
1 2 'Structure model' 'Database references'    
2 3 'Structure model' 'Data collection'        
3 3 'Structure model' 'Refinement description' 
# 
loop_
_pdbx_audit_revision_category.ordinal 
_pdbx_audit_revision_category.revision_ordinal 
_pdbx_audit_revision_category.data_content_type 
_pdbx_audit_revision_category.category 
1 2 'Structure model' citation                      
2 2 'Structure model' citation_author               
3 3 'Structure model' chem_comp_atom                
4 3 'Structure model' chem_comp_bond                
5 3 'Structure model' pdbx_initial_refinement_model 
# 
loop_
_pdbx_audit_revision_item.ordinal 
_pdbx_audit_revision_item.revision_ordinal 
_pdbx_audit_revision_item.data_content_type 
_pdbx_audit_revision_item.item 
1  2 'Structure model' '_citation.country'                 
2  2 'Structure model' '_citation.journal_abbrev'          
3  2 'Structure model' '_citation.journal_id_CSD'          
4  2 'Structure model' '_citation.journal_id_ISSN'         
5  2 'Structure model' '_citation.journal_volume'          
6  2 'Structure model' '_citation.page_first'              
7  2 'Structure model' '_citation.page_last'               
8  2 'Structure model' '_citation.pdbx_database_id_DOI'    
9  2 'Structure model' '_citation.pdbx_database_id_PubMed' 
10 2 'Structure model' '_citation.title'                   
11 2 'Structure model' '_citation.year'                    
# 
loop_
_space_group_symop.id 
_space_group_symop.operation_xyz 
1  x,y,z           
2  x,-y,-z         
3  -x,y,-z         
4  -x,-y,z         
5  x,y+1/2,z+1/2   
6  x,-y+1/2,-z+1/2 
7  -x,y+1/2,-z+1/2 
8  -x,-y+1/2,z+1/2 
9  x+1/2,y,z+1/2   
10 x+1/2,-y,-z+1/2 
11 -x+1/2,y,-z+1/2 
12 -x+1/2,-y,z+1/2 
13 x+1/2,y+1/2,z   
14 x+1/2,-y+1/2,-z 
15 -x+1/2,y+1/2,-z 
16 -x+1/2,-y+1/2,z 
# 
loop_
_software.citation_id 
_software.classification 
_software.compiler_name 
_software.compiler_version 
_software.contact_author 
_software.contact_author_email 
_software.date 
_software.description 
_software.dependencies 
_software.hardware 
_software.language 
_software.location 
_software.mods 
_software.name 
_software.os 
_software.os_version 
_software.type 
_software.version 
_software.pdbx_ordinal 
? refinement       ? ? ? ? ? ? ? ? ? ? ? PHENIX  ? ? ? 1.17.1_3660 1 
? 'data reduction' ? ? ? ? ? ? ? ? ? ? ? XDS     ? ? ? .           2 
? 'data scaling'   ? ? ? ? ? ? ? ? ? ? ? Aimless ? ? ? .           3 
? phasing          ? ? ? ? ? ? ? ? ? ? ? PHENIX  ? ? ? .           4 
# 
_pdbx_entry_details.entry_id                 7KFS 
_pdbx_entry_details.has_ligand_of_interest   N 
_pdbx_entry_details.compound_details         ? 
_pdbx_entry_details.source_details           ? 
_pdbx_entry_details.nonpolymer_details       ? 
_pdbx_entry_details.sequence_details         ? 
# 
loop_
_pdbx_validate_close_contact.id 
_pdbx_validate_close_contact.PDB_model_num 
_pdbx_validate_close_contact.auth_atom_id_1 
_pdbx_validate_close_contact.auth_asym_id_1 
_pdbx_validate_close_contact.auth_comp_id_1 
_pdbx_validate_close_contact.auth_seq_id_1 
_pdbx_validate_close_contact.PDB_ins_code_1 
_pdbx_validate_close_contact.label_alt_id_1 
_pdbx_validate_close_contact.auth_atom_id_2 
_pdbx_validate_close_contact.auth_asym_id_2 
_pdbx_validate_close_contact.auth_comp_id_2 
_pdbx_validate_close_contact.auth_seq_id_2 
_pdbx_validate_close_contact.PDB_ins_code_2 
_pdbx_validate_close_contact.label_alt_id_2 
_pdbx_validate_close_contact.dist 
1 1 NZ  A LYS 69  ? ? O A HOH 301 ? ? 1.99 
2 1 O3  A SO4 203 ? ? O A HOH 302 ? ? 2.00 
3 1 NE  A ARG 79  ? B O A HOH 303 ? ? 2.07 
4 1 NH1 A ARG 79  ? A O A HOH 303 ? ? 2.16 
# 
loop_
_pdbx_validate_symm_contact.id 
_pdbx_validate_symm_contact.PDB_model_num 
_pdbx_validate_symm_contact.auth_atom_id_1 
_pdbx_validate_symm_contact.auth_asym_id_1 
_pdbx_validate_symm_contact.auth_comp_id_1 
_pdbx_validate_symm_contact.auth_seq_id_1 
_pdbx_validate_symm_contact.PDB_ins_code_1 
_pdbx_validate_symm_contact.label_alt_id_1 
_pdbx_validate_symm_contact.site_symmetry_1 
_pdbx_validate_symm_contact.auth_atom_id_2 
_pdbx_validate_symm_contact.auth_asym_id_2 
_pdbx_validate_symm_contact.auth_comp_id_2 
_pdbx_validate_symm_contact.auth_seq_id_2 
_pdbx_validate_symm_contact.PDB_ins_code_2 
_pdbx_validate_symm_contact.label_alt_id_2 
_pdbx_validate_symm_contact.site_symmetry_2 
_pdbx_validate_symm_contact.dist 
1 1 NE  A ARG 79 ? A 1_555 O A HOH 302 ? ? 3_556 2.07 
2 1 NH1 A ARG 75 ? ? 1_555 O A HOH 301 ? ? 4_566 2.08 
# 
_pdbx_validate_torsion.id              1 
_pdbx_validate_torsion.PDB_model_num   1 
_pdbx_validate_torsion.auth_comp_id    SER 
_pdbx_validate_torsion.auth_asym_id    A 
_pdbx_validate_torsion.auth_seq_id     93 
_pdbx_validate_torsion.PDB_ins_code    ? 
_pdbx_validate_torsion.label_alt_id    ? 
_pdbx_validate_torsion.phi             -73.54 
_pdbx_validate_torsion.psi             -119.49 
# 
loop_
_pdbx_unobs_or_zero_occ_atoms.id 
_pdbx_unobs_or_zero_occ_atoms.PDB_model_num 
_pdbx_unobs_or_zero_occ_atoms.polymer_flag 
_pdbx_unobs_or_zero_occ_atoms.occupancy_flag 
_pdbx_unobs_or_zero_occ_atoms.auth_asym_id 
_pdbx_unobs_or_zero_occ_atoms.auth_comp_id 
_pdbx_unobs_or_zero_occ_atoms.auth_seq_id 
_pdbx_unobs_or_zero_occ_atoms.PDB_ins_code 
_pdbx_unobs_or_zero_occ_atoms.auth_atom_id 
_pdbx_unobs_or_zero_occ_atoms.label_alt_id 
_pdbx_unobs_or_zero_occ_atoms.label_asym_id 
_pdbx_unobs_or_zero_occ_atoms.label_comp_id 
_pdbx_unobs_or_zero_occ_atoms.label_seq_id 
_pdbx_unobs_or_zero_occ_atoms.label_atom_id 
1 1 Y 1 A HIS 149 ? CG  ? A HIS 173 CG  
2 1 Y 1 A HIS 149 ? ND1 ? A HIS 173 ND1 
3 1 Y 1 A HIS 149 ? CD2 ? A HIS 173 CD2 
4 1 Y 1 A HIS 149 ? CE1 ? A HIS 173 CE1 
5 1 Y 1 A HIS 149 ? NE2 ? A HIS 173 NE2 
# 
loop_
_pdbx_unobs_or_zero_occ_residues.id 
_pdbx_unobs_or_zero_occ_residues.PDB_model_num 
_pdbx_unobs_or_zero_occ_residues.polymer_flag 
_pdbx_unobs_or_zero_occ_residues.occupancy_flag 
_pdbx_unobs_or_zero_occ_residues.auth_asym_id 
_pdbx_unobs_or_zero_occ_residues.auth_comp_id 
_pdbx_unobs_or_zero_occ_residues.auth_seq_id 
_pdbx_unobs_or_zero_occ_residues.PDB_ins_code 
_pdbx_unobs_or_zero_occ_residues.label_asym_id 
_pdbx_unobs_or_zero_occ_residues.label_comp_id 
_pdbx_unobs_or_zero_occ_residues.label_seq_id 
1  1 Y 1 A MET -23 ? A MET 1   
2  1 Y 1 A HIS -22 ? A HIS 2   
3  1 Y 1 A HIS -21 ? A HIS 3   
4  1 Y 1 A HIS -20 ? A HIS 4   
5  1 Y 1 A HIS -19 ? A HIS 5   
6  1 Y 1 A HIS -18 ? A HIS 6   
7  1 Y 1 A HIS -17 ? A HIS 7   
8  1 Y 1 A SER -16 ? A SER 8   
9  1 Y 1 A SER -15 ? A SER 9   
10 1 Y 1 A GLY -14 ? A GLY 10  
11 1 Y 1 A VAL -13 ? A VAL 11  
12 1 Y 1 A ASP -12 ? A ASP 12  
13 1 Y 1 A LEU -11 ? A LEU 13  
14 1 Y 1 A GLY -10 ? A GLY 14  
15 1 Y 1 A THR -9  ? A THR 15  
16 1 Y 1 A GLU -8  ? A GLU 16  
17 1 Y 1 A ASN -7  ? A ASN 17  
18 1 Y 1 A LEU -6  ? A LEU 18  
19 1 Y 1 A TYR -5  ? A TYR 19  
20 1 Y 1 A PHE -4  ? A PHE 20  
21 1 Y 1 A GLN -3  ? A GLN 21  
22 1 Y 1 A SER -2  ? A SER 22  
23 1 Y 1 A ASN -1  ? A ASN 23  
24 1 Y 1 A ALA 0   ? A ALA 24  
25 1 Y 1 A MET 1   ? A MET 25  
26 1 Y 1 A ALA 2   ? A ALA 26  
27 1 Y 1 A GLU 3   ? A GLU 27  
28 1 Y 1 A GLN 4   ? A GLN 28  
29 1 Y 1 A PRO 5   ? A PRO 29  
30 1 Y 1 A PRO 6   ? A PRO 30  
31 1 Y 1 A GLU 7   ? A GLU 31  
32 1 Y 1 A THR 8   ? A THR 32  
33 1 Y 1 A HIS 9   ? A HIS 33  
34 1 Y 1 A VAL 150 ? A VAL 174 
35 1 Y 1 A PRO 151 ? A PRO 175 
36 1 Y 1 A VAL 152 ? A VAL 176 
37 1 Y 1 A GLU 153 ? A GLU 177 
38 1 Y 1 A GLU 154 ? A GLU 178 
39 1 Y 1 A PRO 155 ? A PRO 179 
40 1 Y 1 A GLU 156 ? A GLU 180 
41 1 Y 1 A GLU 157 ? A GLU 181 
42 1 Y 1 A ASP 158 ? A ASP 182 
# 
loop_
_chem_comp_atom.comp_id 
_chem_comp_atom.atom_id 
_chem_comp_atom.type_symbol 
_chem_comp_atom.pdbx_aromatic_flag 
_chem_comp_atom.pdbx_stereo_config 
_chem_comp_atom.pdbx_ordinal 
ALA N    N N N 1   
ALA CA   C N S 2   
ALA C    C N N 3   
ALA O    O N N 4   
ALA CB   C N N 5   
ALA OXT  O N N 6   
ALA H    H N N 7   
ALA H2   H N N 8   
ALA HA   H N N 9   
ALA HB1  H N N 10  
ALA HB2  H N N 11  
ALA HB3  H N N 12  
ALA HXT  H N N 13  
ARG N    N N N 14  
ARG CA   C N S 15  
ARG C    C N N 16  
ARG O    O N N 17  
ARG CB   C N N 18  
ARG CG   C N N 19  
ARG CD   C N N 20  
ARG NE   N N N 21  
ARG CZ   C N N 22  
ARG NH1  N N N 23  
ARG NH2  N N N 24  
ARG OXT  O N N 25  
ARG H    H N N 26  
ARG H2   H N N 27  
ARG HA   H N N 28  
ARG HB2  H N N 29  
ARG HB3  H N N 30  
ARG HG2  H N N 31  
ARG HG3  H N N 32  
ARG HD2  H N N 33  
ARG HD3  H N N 34  
ARG HE   H N N 35  
ARG HH11 H N N 36  
ARG HH12 H N N 37  
ARG HH21 H N N 38  
ARG HH22 H N N 39  
ARG HXT  H N N 40  
ASN N    N N N 41  
ASN CA   C N S 42  
ASN C    C N N 43  
ASN O    O N N 44  
ASN CB   C N N 45  
ASN CG   C N N 46  
ASN OD1  O N N 47  
ASN ND2  N N N 48  
ASN OXT  O N N 49  
ASN H    H N N 50  
ASN H2   H N N 51  
ASN HA   H N N 52  
ASN HB2  H N N 53  
ASN HB3  H N N 54  
ASN HD21 H N N 55  
ASN HD22 H N N 56  
ASN HXT  H N N 57  
ASP N    N N N 58  
ASP CA   C N S 59  
ASP C    C N N 60  
ASP O    O N N 61  
ASP CB   C N N 62  
ASP CG   C N N 63  
ASP OD1  O N N 64  
ASP OD2  O N N 65  
ASP OXT  O N N 66  
ASP H    H N N 67  
ASP H2   H N N 68  
ASP HA   H N N 69  
ASP HB2  H N N 70  
ASP HB3  H N N 71  
ASP HD2  H N N 72  
ASP HXT  H N N 73  
BEZ C    C N N 74  
BEZ O1   O N N 75  
BEZ O2   O N N 76  
BEZ C1   C Y N 77  
BEZ C2   C Y N 78  
BEZ C3   C Y N 79  
BEZ C4   C Y N 80  
BEZ C5   C Y N 81  
BEZ C6   C Y N 82  
BEZ HO2  H N N 83  
BEZ H2   H N N 84  
BEZ H3   H N N 85  
BEZ H4   H N N 86  
BEZ H5   H N N 87  
BEZ H6   H N N 88  
GLN N    N N N 89  
GLN CA   C N S 90  
GLN C    C N N 91  
GLN O    O N N 92  
GLN CB   C N N 93  
GLN CG   C N N 94  
GLN CD   C N N 95  
GLN OE1  O N N 96  
GLN NE2  N N N 97  
GLN OXT  O N N 98  
GLN H    H N N 99  
GLN H2   H N N 100 
GLN HA   H N N 101 
GLN HB2  H N N 102 
GLN HB3  H N N 103 
GLN HG2  H N N 104 
GLN HG3  H N N 105 
GLN HE21 H N N 106 
GLN HE22 H N N 107 
GLN HXT  H N N 108 
GLU N    N N N 109 
GLU CA   C N S 110 
GLU C    C N N 111 
GLU O    O N N 112 
GLU CB   C N N 113 
GLU CG   C N N 114 
GLU CD   C N N 115 
GLU OE1  O N N 116 
GLU OE2  O N N 117 
GLU OXT  O N N 118 
GLU H    H N N 119 
GLU H2   H N N 120 
GLU HA   H N N 121 
GLU HB2  H N N 122 
GLU HB3  H N N 123 
GLU HG2  H N N 124 
GLU HG3  H N N 125 
GLU HE2  H N N 126 
GLU HXT  H N N 127 
GLY N    N N N 128 
GLY CA   C N N 129 
GLY C    C N N 130 
GLY O    O N N 131 
GLY OXT  O N N 132 
GLY H    H N N 133 
GLY H2   H N N 134 
GLY HA2  H N N 135 
GLY HA3  H N N 136 
GLY HXT  H N N 137 
HIS N    N N N 138 
HIS CA   C N S 139 
HIS C    C N N 140 
HIS O    O N N 141 
HIS CB   C N N 142 
HIS CG   C Y N 143 
HIS ND1  N Y N 144 
HIS CD2  C Y N 145 
HIS CE1  C Y N 146 
HIS NE2  N Y N 147 
HIS OXT  O N N 148 
HIS H    H N N 149 
HIS H2   H N N 150 
HIS HA   H N N 151 
HIS HB2  H N N 152 
HIS HB3  H N N 153 
HIS HD1  H N N 154 
HIS HD2  H N N 155 
HIS HE1  H N N 156 
HIS HE2  H N N 157 
HIS HXT  H N N 158 
HOH O    O N N 159 
HOH H1   H N N 160 
HOH H2   H N N 161 
ILE N    N N N 162 
ILE CA   C N S 163 
ILE C    C N N 164 
ILE O    O N N 165 
ILE CB   C N S 166 
ILE CG1  C N N 167 
ILE CG2  C N N 168 
ILE CD1  C N N 169 
ILE OXT  O N N 170 
ILE H    H N N 171 
ILE H2   H N N 172 
ILE HA   H N N 173 
ILE HB   H N N 174 
ILE HG12 H N N 175 
ILE HG13 H N N 176 
ILE HG21 H N N 177 
ILE HG22 H N N 178 
ILE HG23 H N N 179 
ILE HD11 H N N 180 
ILE HD12 H N N 181 
ILE HD13 H N N 182 
ILE HXT  H N N 183 
LEU N    N N N 184 
LEU CA   C N S 185 
LEU C    C N N 186 
LEU O    O N N 187 
LEU CB   C N N 188 
LEU CG   C N N 189 
LEU CD1  C N N 190 
LEU CD2  C N N 191 
LEU OXT  O N N 192 
LEU H    H N N 193 
LEU H2   H N N 194 
LEU HA   H N N 195 
LEU HB2  H N N 196 
LEU HB3  H N N 197 
LEU HG   H N N 198 
LEU HD11 H N N 199 
LEU HD12 H N N 200 
LEU HD13 H N N 201 
LEU HD21 H N N 202 
LEU HD22 H N N 203 
LEU HD23 H N N 204 
LEU HXT  H N N 205 
LYS N    N N N 206 
LYS CA   C N S 207 
LYS C    C N N 208 
LYS O    O N N 209 
LYS CB   C N N 210 
LYS CG   C N N 211 
LYS CD   C N N 212 
LYS CE   C N N 213 
LYS NZ   N N N 214 
LYS OXT  O N N 215 
LYS H    H N N 216 
LYS H2   H N N 217 
LYS HA   H N N 218 
LYS HB2  H N N 219 
LYS HB3  H N N 220 
LYS HG2  H N N 221 
LYS HG3  H N N 222 
LYS HD2  H N N 223 
LYS HD3  H N N 224 
LYS HE2  H N N 225 
LYS HE3  H N N 226 
LYS HZ1  H N N 227 
LYS HZ2  H N N 228 
LYS HZ3  H N N 229 
LYS HXT  H N N 230 
MET N    N N N 231 
MET CA   C N S 232 
MET C    C N N 233 
MET O    O N N 234 
MET CB   C N N 235 
MET CG   C N N 236 
MET SD   S N N 237 
MET CE   C N N 238 
MET OXT  O N N 239 
MET H    H N N 240 
MET H2   H N N 241 
MET HA   H N N 242 
MET HB2  H N N 243 
MET HB3  H N N 244 
MET HG2  H N N 245 
MET HG3  H N N 246 
MET HE1  H N N 247 
MET HE2  H N N 248 
MET HE3  H N N 249 
MET HXT  H N N 250 
PHE N    N N N 251 
PHE CA   C N S 252 
PHE C    C N N 253 
PHE O    O N N 254 
PHE CB   C N N 255 
PHE CG   C Y N 256 
PHE CD1  C Y N 257 
PHE CD2  C Y N 258 
PHE CE1  C Y N 259 
PHE CE2  C Y N 260 
PHE CZ   C Y N 261 
PHE OXT  O N N 262 
PHE H    H N N 263 
PHE H2   H N N 264 
PHE HA   H N N 265 
PHE HB2  H N N 266 
PHE HB3  H N N 267 
PHE HD1  H N N 268 
PHE HD2  H N N 269 
PHE HE1  H N N 270 
PHE HE2  H N N 271 
PHE HZ   H N N 272 
PHE HXT  H N N 273 
PRO N    N N N 274 
PRO CA   C N S 275 
PRO C    C N N 276 
PRO O    O N N 277 
PRO CB   C N N 278 
PRO CG   C N N 279 
PRO CD   C N N 280 
PRO OXT  O N N 281 
PRO H    H N N 282 
PRO HA   H N N 283 
PRO HB2  H N N 284 
PRO HB3  H N N 285 
PRO HG2  H N N 286 
PRO HG3  H N N 287 
PRO HD2  H N N 288 
PRO HD3  H N N 289 
PRO HXT  H N N 290 
SER N    N N N 291 
SER CA   C N S 292 
SER C    C N N 293 
SER O    O N N 294 
SER CB   C N N 295 
SER OG   O N N 296 
SER OXT  O N N 297 
SER H    H N N 298 
SER H2   H N N 299 
SER HA   H N N 300 
SER HB2  H N N 301 
SER HB3  H N N 302 
SER HG   H N N 303 
SER HXT  H N N 304 
SO4 S    S N N 305 
SO4 O1   O N N 306 
SO4 O2   O N N 307 
SO4 O3   O N N 308 
SO4 O4   O N N 309 
THR N    N N N 310 
THR CA   C N S 311 
THR C    C N N 312 
THR O    O N N 313 
THR CB   C N R 314 
THR OG1  O N N 315 
THR CG2  C N N 316 
THR OXT  O N N 317 
THR H    H N N 318 
THR H2   H N N 319 
THR HA   H N N 320 
THR HB   H N N 321 
THR HG1  H N N 322 
THR HG21 H N N 323 
THR HG22 H N N 324 
THR HG23 H N N 325 
THR HXT  H N N 326 
TRP N    N N N 327 
TRP CA   C N S 328 
TRP C    C N N 329 
TRP O    O N N 330 
TRP CB   C N N 331 
TRP CG   C Y N 332 
TRP CD1  C Y N 333 
TRP CD2  C Y N 334 
TRP NE1  N Y N 335 
TRP CE2  C Y N 336 
TRP CE3  C Y N 337 
TRP CZ2  C Y N 338 
TRP CZ3  C Y N 339 
TRP CH2  C Y N 340 
TRP OXT  O N N 341 
TRP H    H N N 342 
TRP H2   H N N 343 
TRP HA   H N N 344 
TRP HB2  H N N 345 
TRP HB3  H N N 346 
TRP HD1  H N N 347 
TRP HE1  H N N 348 
TRP HE3  H N N 349 
TRP HZ2  H N N 350 
TRP HZ3  H N N 351 
TRP HH2  H N N 352 
TRP HXT  H N N 353 
TYR N    N N N 354 
TYR CA   C N S 355 
TYR C    C N N 356 
TYR O    O N N 357 
TYR CB   C N N 358 
TYR CG   C Y N 359 
TYR CD1  C Y N 360 
TYR CD2  C Y N 361 
TYR CE1  C Y N 362 
TYR CE2  C Y N 363 
TYR CZ   C Y N 364 
TYR OH   O N N 365 
TYR OXT  O N N 366 
TYR H    H N N 367 
TYR H2   H N N 368 
TYR HA   H N N 369 
TYR HB2  H N N 370 
TYR HB3  H N N 371 
TYR HD1  H N N 372 
TYR HD2  H N N 373 
TYR HE1  H N N 374 
TYR HE2  H N N 375 
TYR HH   H N N 376 
TYR HXT  H N N 377 
VAL N    N N N 378 
VAL CA   C N S 379 
VAL C    C N N 380 
VAL O    O N N 381 
VAL CB   C N N 382 
VAL CG1  C N N 383 
VAL CG2  C N N 384 
VAL OXT  O N N 385 
VAL H    H N N 386 
VAL H2   H N N 387 
VAL HA   H N N 388 
VAL HB   H N N 389 
VAL HG11 H N N 390 
VAL HG12 H N N 391 
VAL HG13 H N N 392 
VAL HG21 H N N 393 
VAL HG22 H N N 394 
VAL HG23 H N N 395 
VAL HXT  H N N 396 
# 
loop_
_chem_comp_bond.comp_id 
_chem_comp_bond.atom_id_1 
_chem_comp_bond.atom_id_2 
_chem_comp_bond.value_order 
_chem_comp_bond.pdbx_aromatic_flag 
_chem_comp_bond.pdbx_stereo_config 
_chem_comp_bond.pdbx_ordinal 
ALA N   CA   sing N N 1   
ALA N   H    sing N N 2   
ALA N   H2   sing N N 3   
ALA CA  C    sing N N 4   
ALA CA  CB   sing N N 5   
ALA CA  HA   sing N N 6   
ALA C   O    doub N N 7   
ALA C   OXT  sing N N 8   
ALA CB  HB1  sing N N 9   
ALA CB  HB2  sing N N 10  
ALA CB  HB3  sing N N 11  
ALA OXT HXT  sing N N 12  
ARG N   CA   sing N N 13  
ARG N   H    sing N N 14  
ARG N   H2   sing N N 15  
ARG CA  C    sing N N 16  
ARG CA  CB   sing N N 17  
ARG CA  HA   sing N N 18  
ARG C   O    doub N N 19  
ARG C   OXT  sing N N 20  
ARG CB  CG   sing N N 21  
ARG CB  HB2  sing N N 22  
ARG CB  HB3  sing N N 23  
ARG CG  CD   sing N N 24  
ARG CG  HG2  sing N N 25  
ARG CG  HG3  sing N N 26  
ARG CD  NE   sing N N 27  
ARG CD  HD2  sing N N 28  
ARG CD  HD3  sing N N 29  
ARG NE  CZ   sing N N 30  
ARG NE  HE   sing N N 31  
ARG CZ  NH1  sing N N 32  
ARG CZ  NH2  doub N N 33  
ARG NH1 HH11 sing N N 34  
ARG NH1 HH12 sing N N 35  
ARG NH2 HH21 sing N N 36  
ARG NH2 HH22 sing N N 37  
ARG OXT HXT  sing N N 38  
ASN N   CA   sing N N 39  
ASN N   H    sing N N 40  
ASN N   H2   sing N N 41  
ASN CA  C    sing N N 42  
ASN CA  CB   sing N N 43  
ASN CA  HA   sing N N 44  
ASN C   O    doub N N 45  
ASN C   OXT  sing N N 46  
ASN CB  CG   sing N N 47  
ASN CB  HB2  sing N N 48  
ASN CB  HB3  sing N N 49  
ASN CG  OD1  doub N N 50  
ASN CG  ND2  sing N N 51  
ASN ND2 HD21 sing N N 52  
ASN ND2 HD22 sing N N 53  
ASN OXT HXT  sing N N 54  
ASP N   CA   sing N N 55  
ASP N   H    sing N N 56  
ASP N   H2   sing N N 57  
ASP CA  C    sing N N 58  
ASP CA  CB   sing N N 59  
ASP CA  HA   sing N N 60  
ASP C   O    doub N N 61  
ASP C   OXT  sing N N 62  
ASP CB  CG   sing N N 63  
ASP CB  HB2  sing N N 64  
ASP CB  HB3  sing N N 65  
ASP CG  OD1  doub N N 66  
ASP CG  OD2  sing N N 67  
ASP OD2 HD2  sing N N 68  
ASP OXT HXT  sing N N 69  
BEZ C   O1   doub N N 70  
BEZ C   O2   sing N N 71  
BEZ C   C1   sing N N 72  
BEZ O2  HO2  sing N N 73  
BEZ C1  C2   doub Y N 74  
BEZ C1  C6   sing Y N 75  
BEZ C2  C3   sing Y N 76  
BEZ C2  H2   sing N N 77  
BEZ C3  C4   doub Y N 78  
BEZ C3  H3   sing N N 79  
BEZ C4  C5   sing Y N 80  
BEZ C4  H4   sing N N 81  
BEZ C5  C6   doub Y N 82  
BEZ C5  H5   sing N N 83  
BEZ C6  H6   sing N N 84  
GLN N   CA   sing N N 85  
GLN N   H    sing N N 86  
GLN N   H2   sing N N 87  
GLN CA  C    sing N N 88  
GLN CA  CB   sing N N 89  
GLN CA  HA   sing N N 90  
GLN C   O    doub N N 91  
GLN C   OXT  sing N N 92  
GLN CB  CG   sing N N 93  
GLN CB  HB2  sing N N 94  
GLN CB  HB3  sing N N 95  
GLN CG  CD   sing N N 96  
GLN CG  HG2  sing N N 97  
GLN CG  HG3  sing N N 98  
GLN CD  OE1  doub N N 99  
GLN CD  NE2  sing N N 100 
GLN NE2 HE21 sing N N 101 
GLN NE2 HE22 sing N N 102 
GLN OXT HXT  sing N N 103 
GLU N   CA   sing N N 104 
GLU N   H    sing N N 105 
GLU N   H2   sing N N 106 
GLU CA  C    sing N N 107 
GLU CA  CB   sing N N 108 
GLU CA  HA   sing N N 109 
GLU C   O    doub N N 110 
GLU C   OXT  sing N N 111 
GLU CB  CG   sing N N 112 
GLU CB  HB2  sing N N 113 
GLU CB  HB3  sing N N 114 
GLU CG  CD   sing N N 115 
GLU CG  HG2  sing N N 116 
GLU CG  HG3  sing N N 117 
GLU CD  OE1  doub N N 118 
GLU CD  OE2  sing N N 119 
GLU OE2 HE2  sing N N 120 
GLU OXT HXT  sing N N 121 
GLY N   CA   sing N N 122 
GLY N   H    sing N N 123 
GLY N   H2   sing N N 124 
GLY CA  C    sing N N 125 
GLY CA  HA2  sing N N 126 
GLY CA  HA3  sing N N 127 
GLY C   O    doub N N 128 
GLY C   OXT  sing N N 129 
GLY OXT HXT  sing N N 130 
HIS N   CA   sing N N 131 
HIS N   H    sing N N 132 
HIS N   H2   sing N N 133 
HIS CA  C    sing N N 134 
HIS CA  CB   sing N N 135 
HIS CA  HA   sing N N 136 
HIS C   O    doub N N 137 
HIS C   OXT  sing N N 138 
HIS CB  CG   sing N N 139 
HIS CB  HB2  sing N N 140 
HIS CB  HB3  sing N N 141 
HIS CG  ND1  sing Y N 142 
HIS CG  CD2  doub Y N 143 
HIS ND1 CE1  doub Y N 144 
HIS ND1 HD1  sing N N 145 
HIS CD2 NE2  sing Y N 146 
HIS CD2 HD2  sing N N 147 
HIS CE1 NE2  sing Y N 148 
HIS CE1 HE1  sing N N 149 
HIS NE2 HE2  sing N N 150 
HIS OXT HXT  sing N N 151 
HOH O   H1   sing N N 152 
HOH O   H2   sing N N 153 
ILE N   CA   sing N N 154 
ILE N   H    sing N N 155 
ILE N   H2   sing N N 156 
ILE CA  C    sing N N 157 
ILE CA  CB   sing N N 158 
ILE CA  HA   sing N N 159 
ILE C   O    doub N N 160 
ILE C   OXT  sing N N 161 
ILE CB  CG1  sing N N 162 
ILE CB  CG2  sing N N 163 
ILE CB  HB   sing N N 164 
ILE CG1 CD1  sing N N 165 
ILE CG1 HG12 sing N N 166 
ILE CG1 HG13 sing N N 167 
ILE CG2 HG21 sing N N 168 
ILE CG2 HG22 sing N N 169 
ILE CG2 HG23 sing N N 170 
ILE CD1 HD11 sing N N 171 
ILE CD1 HD12 sing N N 172 
ILE CD1 HD13 sing N N 173 
ILE OXT HXT  sing N N 174 
LEU N   CA   sing N N 175 
LEU N   H    sing N N 176 
LEU N   H2   sing N N 177 
LEU CA  C    sing N N 178 
LEU CA  CB   sing N N 179 
LEU CA  HA   sing N N 180 
LEU C   O    doub N N 181 
LEU C   OXT  sing N N 182 
LEU CB  CG   sing N N 183 
LEU CB  HB2  sing N N 184 
LEU CB  HB3  sing N N 185 
LEU CG  CD1  sing N N 186 
LEU CG  CD2  sing N N 187 
LEU CG  HG   sing N N 188 
LEU CD1 HD11 sing N N 189 
LEU CD1 HD12 sing N N 190 
LEU CD1 HD13 sing N N 191 
LEU CD2 HD21 sing N N 192 
LEU CD2 HD22 sing N N 193 
LEU CD2 HD23 sing N N 194 
LEU OXT HXT  sing N N 195 
LYS N   CA   sing N N 196 
LYS N   H    sing N N 197 
LYS N   H2   sing N N 198 
LYS CA  C    sing N N 199 
LYS CA  CB   sing N N 200 
LYS CA  HA   sing N N 201 
LYS C   O    doub N N 202 
LYS C   OXT  sing N N 203 
LYS CB  CG   sing N N 204 
LYS CB  HB2  sing N N 205 
LYS CB  HB3  sing N N 206 
LYS CG  CD   sing N N 207 
LYS CG  HG2  sing N N 208 
LYS CG  HG3  sing N N 209 
LYS CD  CE   sing N N 210 
LYS CD  HD2  sing N N 211 
LYS CD  HD3  sing N N 212 
LYS CE  NZ   sing N N 213 
LYS CE  HE2  sing N N 214 
LYS CE  HE3  sing N N 215 
LYS NZ  HZ1  sing N N 216 
LYS NZ  HZ2  sing N N 217 
LYS NZ  HZ3  sing N N 218 
LYS OXT HXT  sing N N 219 
MET N   CA   sing N N 220 
MET N   H    sing N N 221 
MET N   H2   sing N N 222 
MET CA  C    sing N N 223 
MET CA  CB   sing N N 224 
MET CA  HA   sing N N 225 
MET C   O    doub N N 226 
MET C   OXT  sing N N 227 
MET CB  CG   sing N N 228 
MET CB  HB2  sing N N 229 
MET CB  HB3  sing N N 230 
MET CG  SD   sing N N 231 
MET CG  HG2  sing N N 232 
MET CG  HG3  sing N N 233 
MET SD  CE   sing N N 234 
MET CE  HE1  sing N N 235 
MET CE  HE2  sing N N 236 
MET CE  HE3  sing N N 237 
MET OXT HXT  sing N N 238 
PHE N   CA   sing N N 239 
PHE N   H    sing N N 240 
PHE N   H2   sing N N 241 
PHE CA  C    sing N N 242 
PHE CA  CB   sing N N 243 
PHE CA  HA   sing N N 244 
PHE C   O    doub N N 245 
PHE C   OXT  sing N N 246 
PHE CB  CG   sing N N 247 
PHE CB  HB2  sing N N 248 
PHE CB  HB3  sing N N 249 
PHE CG  CD1  doub Y N 250 
PHE CG  CD2  sing Y N 251 
PHE CD1 CE1  sing Y N 252 
PHE CD1 HD1  sing N N 253 
PHE CD2 CE2  doub Y N 254 
PHE CD2 HD2  sing N N 255 
PHE CE1 CZ   doub Y N 256 
PHE CE1 HE1  sing N N 257 
PHE CE2 CZ   sing Y N 258 
PHE CE2 HE2  sing N N 259 
PHE CZ  HZ   sing N N 260 
PHE OXT HXT  sing N N 261 
PRO N   CA   sing N N 262 
PRO N   CD   sing N N 263 
PRO N   H    sing N N 264 
PRO CA  C    sing N N 265 
PRO CA  CB   sing N N 266 
PRO CA  HA   sing N N 267 
PRO C   O    doub N N 268 
PRO C   OXT  sing N N 269 
PRO CB  CG   sing N N 270 
PRO CB  HB2  sing N N 271 
PRO CB  HB3  sing N N 272 
PRO CG  CD   sing N N 273 
PRO CG  HG2  sing N N 274 
PRO CG  HG3  sing N N 275 
PRO CD  HD2  sing N N 276 
PRO CD  HD3  sing N N 277 
PRO OXT HXT  sing N N 278 
SER N   CA   sing N N 279 
SER N   H    sing N N 280 
SER N   H2   sing N N 281 
SER CA  C    sing N N 282 
SER CA  CB   sing N N 283 
SER CA  HA   sing N N 284 
SER C   O    doub N N 285 
SER C   OXT  sing N N 286 
SER CB  OG   sing N N 287 
SER CB  HB2  sing N N 288 
SER CB  HB3  sing N N 289 
SER OG  HG   sing N N 290 
SER OXT HXT  sing N N 291 
SO4 S   O1   doub N N 292 
SO4 S   O2   doub N N 293 
SO4 S   O3   sing N N 294 
SO4 S   O4   sing N N 295 
THR N   CA   sing N N 296 
THR N   H    sing N N 297 
THR N   H2   sing N N 298 
THR CA  C    sing N N 299 
THR CA  CB   sing N N 300 
THR CA  HA   sing N N 301 
THR C   O    doub N N 302 
THR C   OXT  sing N N 303 
THR CB  OG1  sing N N 304 
THR CB  CG2  sing N N 305 
THR CB  HB   sing N N 306 
THR OG1 HG1  sing N N 307 
THR CG2 HG21 sing N N 308 
THR CG2 HG22 sing N N 309 
THR CG2 HG23 sing N N 310 
THR OXT HXT  sing N N 311 
TRP N   CA   sing N N 312 
TRP N   H    sing N N 313 
TRP N   H2   sing N N 314 
TRP CA  C    sing N N 315 
TRP CA  CB   sing N N 316 
TRP CA  HA   sing N N 317 
TRP C   O    doub N N 318 
TRP C   OXT  sing N N 319 
TRP CB  CG   sing N N 320 
TRP CB  HB2  sing N N 321 
TRP CB  HB3  sing N N 322 
TRP CG  CD1  doub Y N 323 
TRP CG  CD2  sing Y N 324 
TRP CD1 NE1  sing Y N 325 
TRP CD1 HD1  sing N N 326 
TRP CD2 CE2  doub Y N 327 
TRP CD2 CE3  sing Y N 328 
TRP NE1 CE2  sing Y N 329 
TRP NE1 HE1  sing N N 330 
TRP CE2 CZ2  sing Y N 331 
TRP CE3 CZ3  doub Y N 332 
TRP CE3 HE3  sing N N 333 
TRP CZ2 CH2  doub Y N 334 
TRP CZ2 HZ2  sing N N 335 
TRP CZ3 CH2  sing Y N 336 
TRP CZ3 HZ3  sing N N 337 
TRP CH2 HH2  sing N N 338 
TRP OXT HXT  sing N N 339 
TYR N   CA   sing N N 340 
TYR N   H    sing N N 341 
TYR N   H2   sing N N 342 
TYR CA  C    sing N N 343 
TYR CA  CB   sing N N 344 
TYR CA  HA   sing N N 345 
TYR C   O    doub N N 346 
TYR C   OXT  sing N N 347 
TYR CB  CG   sing N N 348 
TYR CB  HB2  sing N N 349 
TYR CB  HB3  sing N N 350 
TYR CG  CD1  doub Y N 351 
TYR CG  CD2  sing Y N 352 
TYR CD1 CE1  sing Y N 353 
TYR CD1 HD1  sing N N 354 
TYR CD2 CE2  doub Y N 355 
TYR CD2 HD2  sing N N 356 
TYR CE1 CZ   doub Y N 357 
TYR CE1 HE1  sing N N 358 
TYR CE2 CZ   sing Y N 359 
TYR CE2 HE2  sing N N 360 
TYR CZ  OH   sing N N 361 
TYR OH  HH   sing N N 362 
TYR OXT HXT  sing N N 363 
VAL N   CA   sing N N 364 
VAL N   H    sing N N 365 
VAL N   H2   sing N N 366 
VAL CA  C    sing N N 367 
VAL CA  CB   sing N N 368 
VAL CA  HA   sing N N 369 
VAL C   O    doub N N 370 
VAL C   OXT  sing N N 371 
VAL CB  CG1  sing N N 372 
VAL CB  CG2  sing N N 373 
VAL CB  HB   sing N N 374 
VAL CG1 HG11 sing N N 375 
VAL CG1 HG12 sing N N 376 
VAL CG1 HG13 sing N N 377 
VAL CG2 HG21 sing N N 378 
VAL CG2 HG22 sing N N 379 
VAL CG2 HG23 sing N N 380 
VAL OXT HXT  sing N N 381 
# 
_pdbx_audit_support.funding_organization   'National Science Foundation (NSF, United States)' 
_pdbx_audit_support.country                'United States' 
_pdbx_audit_support.grant_number           IOS-1917270 
_pdbx_audit_support.ordinal                1 
# 
loop_
_pdbx_entity_nonpoly.entity_id 
_pdbx_entity_nonpoly.name 
_pdbx_entity_nonpoly.comp_id 
2 'BENZOIC ACID' BEZ 
3 'SULFATE ION'  SO4 
4 water          HOH 
# 
_pdbx_initial_refinement_model.id               1 
_pdbx_initial_refinement_model.entity_id_list   ? 
_pdbx_initial_refinement_model.type             'experimental model' 
_pdbx_initial_refinement_model.source_name      PDB 
_pdbx_initial_refinement_model.accession_code   7KFO 
_pdbx_initial_refinement_model.details          ? 
# 
_pdbx_struct_assembly_auth_evidence.id                     1 
_pdbx_struct_assembly_auth_evidence.assembly_id            1 
_pdbx_struct_assembly_auth_evidence.experimental_support   'gel filtration' 
_pdbx_struct_assembly_auth_evidence.details                ? 
# 
_space_group.name_H-M_alt     'F 2 2 2' 
_space_group.name_Hall        'F 2 2' 
_space_group.IT_number        22 
_space_group.crystal_system   orthorhombic 
_space_group.id               1 
# 
